data_5YG0
#
_entry.id   5YG0
#
_cell.length_a   101.561
_cell.length_b   58.615
_cell.length_c   233.052
_cell.angle_alpha   90.000
_cell.angle_beta   90.020
_cell.angle_gamma   90.000
#
_symmetry.space_group_name_H-M   'C 1 2 1'
#
loop_
_entity.id
_entity.type
_entity.pdbx_description
1 polymer 'Serine hydroxymethyltransferase'
2 non-polymer N-GLYCINE-[3-HYDROXY-2-METHYL-5-PHOSPHONOOXYMETHYL-PYRIDIN-4-YL-METHANE]
3 non-polymer '2-[1-[3-[(4~{S})-6-azanyl-5-cyano-3-methyl-4-propan-2-yl-2~{H}-pyrano[2,3-c]pyrazol-4-yl]-5-(trifluoromethyl)phenyl]piperidin-4-yl]ethanoic acid'
4 non-polymer 'CHLORIDE ION'
5 water water
#
_entity_poly.entity_id   1
_entity_poly.type   'polypeptide(L)'
_entity_poly.pdbx_seq_one_letter_code
;MFNNEPLEQIDKELHDILADEEKRQRETINLIASENLTNGAVRECLGNRVSNKYSEGYPKKRYYGGNDFIDKIEELCQKR
ALEAFNVSDEEWGVNVQPLSGSAANVQALYALVGVKGKIMGMHLCSGGHLTHGFFDEKKKVSITSDMFESKLYKCNSQGY
VDLDAVREMALSFKPKVIICGYTSYPRDIDYQQFRQICDEVNAYLFADISHISSFVACNILNNPFLHADVVTTTTHKILR
GPRSALIFFNKKRNPGIEQKINSAVFPSFQGGPHNNKIAAVACQLKEVHSPAFKEYTQQVLLNSKALAKALISKQIDLVT
NGTDNHLIVVDLRKFSITGSKLQETCNAINVSLNKNTIPSDVDCVSPSGVRIGTPAMTTRGAKEKDMEFIADVLARAIKI
TVDLQEQYGKKLVDFKKGLPGNAQLQQLKQEVVTWAGALPFP
;
_entity_poly.pdbx_strand_id   A,B,C
#
loop_
_chem_comp.id
_chem_comp.type
_chem_comp.name
_chem_comp.formula
8UR non-polymer '2-[1-[3-[(4~{S})-6-azanyl-5-cyano-3-methyl-4-propan-2-yl-2~{H}-pyrano[2,3-c]pyrazol-4-yl]-5-(trifluoromethyl)phenyl]piperidin-4-yl]ethanoic acid' 'C25 H28 F3 N5 O3'
CL non-polymer 'CHLORIDE ION' 'Cl -1'
PLG non-polymer N-GLYCINE-[3-HYDROXY-2-METHYL-5-PHOSPHONOOXYMETHYL-PYRIDIN-4-YL-METHANE] 'C10 H15 N2 O7 P'
#
# COMPACT_ATOMS: atom_id res chain seq x y z
N MET A 1 26.48 1.57 -3.29
CA MET A 1 26.05 0.32 -2.58
C MET A 1 25.44 -0.70 -3.57
N PHE A 2 26.24 -1.07 -4.57
CA PHE A 2 25.84 -2.05 -5.59
C PHE A 2 26.99 -2.99 -5.99
N ASN A 3 26.65 -3.99 -6.79
CA ASN A 3 27.61 -4.92 -7.37
C ASN A 3 27.77 -4.65 -8.87
N ASN A 4 28.94 -4.12 -9.26
CA ASN A 4 29.23 -3.85 -10.69
C ASN A 4 30.15 -4.89 -11.36
N GLU A 5 30.31 -6.07 -10.74
CA GLU A 5 30.94 -7.22 -11.41
C GLU A 5 30.17 -7.56 -12.69
N PRO A 6 30.87 -7.89 -13.79
CA PRO A 6 30.16 -8.30 -15.02
C PRO A 6 29.28 -9.55 -14.85
N LEU A 7 28.43 -9.76 -15.86
CA LEU A 7 27.42 -10.81 -15.82
C LEU A 7 28.03 -12.20 -15.66
N GLU A 8 29.12 -12.44 -16.36
CA GLU A 8 29.86 -13.70 -16.25
C GLU A 8 30.30 -14.04 -14.80
N GLN A 9 30.80 -13.05 -14.07
CA GLN A 9 31.17 -13.24 -12.64
C GLN A 9 29.97 -13.26 -11.70
N ILE A 10 29.08 -12.26 -11.81
CA ILE A 10 27.91 -12.17 -10.92
C ILE A 10 26.96 -13.35 -11.09
N ASP A 11 26.78 -13.83 -12.33
CA ASP A 11 25.84 -14.90 -12.62
C ASP A 11 26.35 -15.80 -13.71
N LYS A 12 27.27 -16.69 -13.33
CA LYS A 12 27.79 -17.71 -14.23
C LYS A 12 26.68 -18.65 -14.73
N GLU A 13 25.72 -19.02 -13.88
CA GLU A 13 24.64 -19.97 -14.30
C GLU A 13 23.86 -19.46 -15.54
N LEU A 14 23.30 -18.23 -15.42
CA LEU A 14 22.59 -17.55 -16.50
C LEU A 14 23.49 -17.24 -17.68
N HIS A 15 24.76 -16.89 -17.44
CA HIS A 15 25.65 -16.48 -18.54
C HIS A 15 25.91 -17.64 -19.50
N ASP A 16 25.93 -18.85 -18.96
CA ASP A 16 26.15 -20.05 -19.75
C ASP A 16 24.94 -20.42 -20.60
N ILE A 17 23.74 -20.21 -20.07
CA ILE A 17 22.51 -20.45 -20.83
C ILE A 17 22.44 -19.48 -22.03
N LEU A 18 22.83 -18.23 -21.82
CA LEU A 18 22.80 -17.20 -22.89
C LEU A 18 23.90 -17.42 -23.93
N ALA A 19 25.09 -17.83 -23.50
CA ALA A 19 26.12 -18.27 -24.46
C ALA A 19 25.63 -19.46 -25.31
N ASP A 20 24.86 -20.35 -24.68
CA ASP A 20 24.23 -21.47 -25.36
C ASP A 20 23.13 -21.01 -26.34
N GLU A 21 22.24 -20.13 -25.89
CA GLU A 21 21.24 -19.49 -26.81
C GLU A 21 21.94 -18.84 -27.99
N GLU A 22 22.97 -18.04 -27.73
CA GLU A 22 23.80 -17.44 -28.77
C GLU A 22 24.32 -18.42 -29.82
N LYS A 23 24.81 -19.56 -29.36
CA LYS A 23 25.31 -20.60 -30.25
C LYS A 23 24.13 -21.27 -31.02
N ARG A 24 23.06 -21.62 -30.33
CA ARG A 24 21.90 -22.16 -31.03
C ARG A 24 21.45 -21.20 -32.19
N GLN A 25 21.34 -19.90 -31.91
CA GLN A 25 20.85 -18.92 -32.92
C GLN A 25 21.76 -18.88 -34.14
N ARG A 26 23.05 -18.93 -33.86
CA ARG A 26 24.09 -18.95 -34.88
C ARG A 26 24.08 -20.21 -35.75
N GLU A 27 23.77 -21.36 -35.14
CA GLU A 27 23.81 -22.64 -35.84
C GLU A 27 22.41 -23.14 -36.22
N THR A 28 21.46 -22.23 -36.42
CA THR A 28 20.07 -22.60 -36.75
C THR A 28 19.65 -21.97 -38.08
N ILE A 29 18.88 -22.74 -38.86
CA ILE A 29 18.11 -22.17 -39.97
C ILE A 29 16.79 -21.70 -39.35
N ASN A 30 16.67 -20.38 -39.23
CA ASN A 30 15.51 -19.76 -38.58
C ASN A 30 14.46 -19.44 -39.62
N LEU A 31 13.36 -20.20 -39.62
CA LEU A 31 12.27 -19.93 -40.57
C LEU A 31 11.03 -19.41 -39.90
N ILE A 32 11.12 -18.91 -38.66
CA ILE A 32 9.93 -18.37 -37.96
C ILE A 32 9.62 -17.03 -38.63
N ALA A 33 8.43 -16.92 -39.19
CA ALA A 33 8.09 -15.76 -40.03
C ALA A 33 8.14 -14.46 -39.22
N SER A 34 7.78 -14.56 -37.93
CA SER A 34 7.79 -13.45 -36.98
C SER A 34 9.13 -13.08 -36.32
N GLU A 35 10.24 -13.73 -36.68
CA GLU A 35 11.52 -13.48 -36.03
C GLU A 35 12.51 -12.83 -36.95
N ASN A 36 13.47 -12.12 -36.36
CA ASN A 36 14.56 -11.49 -37.09
C ASN A 36 15.74 -11.40 -36.14
N LEU A 37 16.82 -10.76 -36.57
CA LEU A 37 17.97 -10.54 -35.73
C LEU A 37 18.34 -9.07 -35.71
N THR A 38 18.43 -8.52 -34.51
CA THR A 38 18.69 -7.10 -34.31
C THR A 38 20.18 -6.84 -34.38
N ASN A 39 20.57 -5.70 -34.94
CA ASN A 39 21.99 -5.33 -34.91
C ASN A 39 22.48 -4.90 -33.52
N GLY A 40 23.80 -4.80 -33.40
CA GLY A 40 24.44 -4.37 -32.16
C GLY A 40 24.03 -2.96 -31.72
N ALA A 41 23.68 -2.08 -32.65
CA ALA A 41 23.19 -0.74 -32.29
C ALA A 41 21.84 -0.77 -31.60
N VAL A 42 20.90 -1.55 -32.12
CA VAL A 42 19.59 -1.74 -31.44
C VAL A 42 19.75 -2.38 -30.04
N ARG A 43 20.73 -3.25 -29.90
CA ARG A 43 21.01 -3.92 -28.61
C ARG A 43 21.71 -3.08 -27.56
N GLU A 44 22.49 -2.10 -28.00
CA GLU A 44 23.07 -1.06 -27.14
C GLU A 44 21.98 -0.17 -26.51
N CYS A 45 20.94 0.15 -27.27
CA CYS A 45 19.80 0.95 -26.75
C CYS A 45 19.01 0.22 -25.68
N LEU A 46 18.77 -1.06 -25.91
CA LEU A 46 18.03 -1.89 -24.97
C LEU A 46 18.77 -2.06 -23.67
N GLY A 47 20.11 -2.02 -23.72
CA GLY A 47 20.96 -2.07 -22.53
C GLY A 47 21.26 -0.71 -21.89
N ASN A 48 20.59 0.34 -22.34
CA ASN A 48 20.99 1.71 -22.00
C ASN A 48 20.32 2.14 -20.72
N ARG A 49 21.01 2.97 -19.94
CA ARG A 49 20.43 3.51 -18.69
C ARG A 49 19.14 4.36 -18.85
N VAL A 50 18.69 4.60 -20.07
CA VAL A 50 17.43 5.30 -20.26
C VAL A 50 16.22 4.56 -19.65
N SER A 51 16.30 3.21 -19.55
CA SER A 51 15.26 2.39 -18.85
C SER A 51 15.15 2.65 -17.34
N ASN A 52 16.15 3.30 -16.74
CA ASN A 52 15.98 3.86 -15.39
C ASN A 52 14.89 4.93 -15.21
N LYS A 53 14.43 5.55 -16.29
CA LYS A 53 13.61 6.73 -16.14
C LYS A 53 12.13 6.46 -16.15
N TYR A 54 11.47 6.93 -15.08
CA TYR A 54 10.00 7.05 -15.07
C TYR A 54 9.61 8.34 -15.78
N SER A 55 8.89 8.20 -16.87
CA SER A 55 8.45 9.31 -17.67
C SER A 55 7.03 9.12 -18.15
N GLU A 56 6.16 8.84 -17.19
CA GLU A 56 4.73 8.68 -17.40
C GLU A 56 4.01 9.90 -17.97
N GLY A 57 3.15 9.66 -18.94
CA GLY A 57 2.52 10.75 -19.68
C GLY A 57 3.15 10.87 -21.06
N TYR A 58 3.16 12.10 -21.58
CA TYR A 58 3.64 12.40 -22.95
C TYR A 58 4.67 13.51 -22.91
N PRO A 59 5.43 13.71 -24.02
CA PRO A 59 6.51 14.71 -23.96
C PRO A 59 5.99 16.13 -23.59
N LYS A 60 6.70 16.79 -22.67
CA LYS A 60 6.32 18.09 -22.07
C LYS A 60 5.27 18.03 -20.93
N LYS A 61 4.70 16.87 -20.66
CA LYS A 61 3.59 16.73 -19.74
C LYS A 61 3.82 15.49 -18.90
N ARG A 62 4.96 15.47 -18.23
CA ARG A 62 5.42 14.35 -17.48
C ARG A 62 5.09 14.48 -15.98
N TYR A 63 4.66 13.38 -15.39
CA TYR A 63 4.37 13.38 -13.96
C TYR A 63 5.63 13.25 -13.11
N TYR A 64 6.80 13.30 -13.73
CA TYR A 64 8.06 13.23 -13.03
C TYR A 64 9.02 14.26 -13.61
N GLY A 65 9.98 14.65 -12.78
CA GLY A 65 11.06 15.55 -13.16
C GLY A 65 12.28 14.83 -13.72
N GLY A 66 13.07 15.57 -14.51
CA GLY A 66 14.28 15.06 -15.12
C GLY A 66 14.04 14.37 -16.45
N ASN A 67 13.01 14.81 -17.18
CA ASN A 67 12.59 14.16 -18.43
C ASN A 67 12.98 14.91 -19.71
N ASP A 68 13.95 15.82 -19.61
CA ASP A 68 14.34 16.65 -20.77
C ASP A 68 14.91 15.85 -21.95
N PHE A 69 15.89 15.01 -21.70
CA PHE A 69 16.46 14.17 -22.77
C PHE A 69 15.56 12.99 -23.22
N ILE A 70 14.78 12.42 -22.30
CA ILE A 70 13.71 11.43 -22.64
C ILE A 70 12.68 11.98 -23.60
N ASP A 71 12.29 13.24 -23.39
CA ASP A 71 11.35 13.92 -24.29
C ASP A 71 11.91 14.09 -25.70
N LYS A 72 13.23 14.31 -25.81
CA LYS A 72 13.87 14.39 -27.13
C LYS A 72 13.88 13.03 -27.85
N ILE A 73 14.20 11.96 -27.12
CA ILE A 73 14.14 10.59 -27.63
C ILE A 73 12.75 10.20 -28.05
N GLU A 74 11.72 10.49 -27.25
CA GLU A 74 10.36 10.14 -27.64
C GLU A 74 9.87 10.91 -28.84
N GLU A 75 10.25 12.18 -28.97
CA GLU A 75 9.82 13.00 -30.15
C GLU A 75 10.59 12.61 -31.39
N LEU A 76 11.87 12.33 -31.23
CA LEU A 76 12.68 11.77 -32.32
C LEU A 76 12.18 10.42 -32.90
N CYS A 77 11.63 9.55 -32.04
CA CYS A 77 11.09 8.25 -32.49
C CYS A 77 9.80 8.45 -33.27
N GLN A 78 8.95 9.34 -32.78
CA GLN A 78 7.68 9.69 -33.46
C GLN A 78 7.95 10.27 -34.86
N LYS A 79 8.91 11.19 -34.93
CA LYS A 79 9.31 11.78 -36.21
C LYS A 79 9.68 10.65 -37.17
N ARG A 80 10.68 9.85 -36.77
CA ARG A 80 11.23 8.78 -37.60
C ARG A 80 10.18 7.71 -37.99
N ALA A 81 9.16 7.50 -37.16
CA ALA A 81 8.08 6.57 -37.49
C ALA A 81 7.19 7.10 -38.59
N LEU A 82 6.73 8.33 -38.43
CA LEU A 82 5.93 9.00 -39.49
C LEU A 82 6.76 9.14 -40.79
N GLU A 83 8.04 9.46 -40.66
CA GLU A 83 8.93 9.49 -41.84
C GLU A 83 8.99 8.09 -42.53
N ALA A 84 9.24 7.04 -41.76
CA ALA A 84 9.44 5.68 -42.31
C ALA A 84 8.25 5.13 -43.06
N PHE A 85 7.05 5.49 -42.65
CA PHE A 85 5.83 5.02 -43.33
C PHE A 85 5.20 6.04 -44.26
N ASN A 86 5.98 7.08 -44.62
CA ASN A 86 5.66 7.98 -45.73
C ASN A 86 4.30 8.62 -45.54
N VAL A 87 4.14 9.24 -44.39
CA VAL A 87 2.88 9.87 -43.99
C VAL A 87 3.31 11.20 -43.43
N SER A 88 2.40 12.18 -43.54
CA SER A 88 2.69 13.55 -43.13
C SER A 88 2.31 13.74 -41.66
N ASP A 89 3.16 14.40 -40.88
CA ASP A 89 2.85 14.69 -39.46
C ASP A 89 1.61 15.59 -39.27
N GLU A 90 1.13 16.18 -40.37
CA GLU A 90 -0.11 16.98 -40.37
C GLU A 90 -1.33 16.05 -40.45
N GLU A 91 -1.23 15.02 -41.29
CA GLU A 91 -2.31 14.04 -41.47
C GLU A 91 -2.33 12.87 -40.45
N TRP A 92 -1.16 12.39 -40.04
CA TRP A 92 -1.07 11.18 -39.20
C TRP A 92 -0.36 11.44 -37.89
N GLY A 93 -0.81 10.77 -36.84
CA GLY A 93 -0.05 10.70 -35.58
C GLY A 93 0.35 9.28 -35.19
N VAL A 94 1.29 9.20 -34.26
CA VAL A 94 1.80 7.93 -33.79
C VAL A 94 2.08 7.93 -32.29
N ASN A 95 1.52 6.92 -31.60
CA ASN A 95 1.97 6.56 -30.25
C ASN A 95 3.06 5.46 -30.30
N VAL A 96 4.18 5.72 -29.61
CA VAL A 96 5.38 4.89 -29.61
C VAL A 96 5.62 4.23 -28.23
N GLN A 97 4.62 4.32 -27.35
CA GLN A 97 4.71 3.78 -26.00
C GLN A 97 4.18 2.35 -25.80
N PRO A 98 3.37 1.80 -26.74
CA PRO A 98 2.92 0.43 -26.51
C PRO A 98 4.05 -0.59 -26.36
N LEU A 99 3.88 -1.49 -25.42
CA LEU A 99 4.98 -2.35 -24.99
C LEU A 99 5.19 -3.53 -25.95
N SER A 100 4.13 -3.95 -26.62
CA SER A 100 4.27 -4.96 -27.66
C SER A 100 2.99 -4.98 -28.50
N GLY A 101 2.95 -5.87 -29.48
CA GLY A 101 1.84 -5.93 -30.44
C GLY A 101 0.46 -6.12 -29.89
N SER A 102 0.31 -7.03 -28.95
CA SER A 102 -0.99 -7.37 -28.42
C SER A 102 -1.53 -6.22 -27.53
N ALA A 103 -0.63 -5.58 -26.80
CA ALA A 103 -0.98 -4.40 -26.00
C ALA A 103 -1.50 -3.26 -26.94
N ALA A 104 -0.73 -2.93 -27.99
CA ALA A 104 -1.13 -1.95 -29.00
C ALA A 104 -2.50 -2.19 -29.62
N ASN A 105 -2.80 -3.44 -30.00
CA ASN A 105 -4.10 -3.74 -30.63
C ASN A 105 -5.29 -3.63 -29.64
N VAL A 106 -5.08 -4.01 -28.39
CA VAL A 106 -6.17 -3.94 -27.40
C VAL A 106 -6.51 -2.49 -27.01
N GLN A 107 -5.46 -1.71 -26.85
CA GLN A 107 -5.51 -0.30 -26.54
C GLN A 107 -6.22 0.45 -27.68
N ALA A 108 -5.83 0.20 -28.91
CA ALA A 108 -6.39 0.92 -30.04
C ALA A 108 -7.85 0.58 -30.25
N LEU A 109 -8.20 -0.69 -30.08
CA LEU A 109 -9.59 -1.09 -30.19
C LEU A 109 -10.41 -0.46 -29.06
N TYR A 110 -9.80 -0.31 -27.89
CA TYR A 110 -10.51 0.31 -26.79
C TYR A 110 -10.85 1.77 -27.15
N ALA A 111 -9.81 2.55 -27.44
CA ALA A 111 -9.95 3.90 -27.98
C ALA A 111 -11.14 4.06 -28.91
N LEU A 112 -11.27 3.14 -29.88
CA LEU A 112 -12.31 3.18 -30.92
C LEU A 112 -13.72 2.83 -30.50
N VAL A 113 -13.88 1.74 -29.75
CA VAL A 113 -15.21 1.18 -29.45
C VAL A 113 -15.59 0.97 -28.00
N GLY A 114 -14.62 0.91 -27.10
CA GLY A 114 -14.90 0.75 -25.68
C GLY A 114 -15.43 -0.63 -25.28
N VAL A 115 -15.58 -0.81 -23.97
CA VAL A 115 -16.09 -2.07 -23.40
C VAL A 115 -17.51 -2.32 -23.93
N LYS A 116 -17.82 -3.60 -24.20
CA LYS A 116 -19.02 -4.04 -24.91
C LYS A 116 -19.05 -3.69 -26.41
N GLY A 117 -18.06 -2.95 -26.93
CA GLY A 117 -18.03 -2.55 -28.35
C GLY A 117 -17.98 -3.72 -29.32
N LYS A 118 -18.45 -3.49 -30.55
CA LYS A 118 -18.51 -4.53 -31.58
C LYS A 118 -17.30 -4.47 -32.53
N ILE A 119 -16.66 -5.62 -32.77
CA ILE A 119 -15.53 -5.70 -33.71
C ILE A 119 -15.57 -6.95 -34.61
N MET A 120 -14.91 -6.86 -35.74
CA MET A 120 -14.80 -7.96 -36.69
C MET A 120 -13.35 -8.15 -37.06
N GLY A 121 -12.96 -9.41 -37.19
CA GLY A 121 -11.58 -9.78 -37.49
C GLY A 121 -11.54 -11.15 -38.15
N MET A 122 -10.41 -11.47 -38.78
CA MET A 122 -10.24 -12.77 -39.44
C MET A 122 -10.05 -13.86 -38.40
N HIS A 123 -10.64 -15.03 -38.68
CA HIS A 123 -10.54 -16.16 -37.78
C HIS A 123 -9.06 -16.56 -37.63
N LEU A 124 -8.69 -17.02 -36.44
CA LEU A 124 -7.34 -17.53 -36.19
C LEU A 124 -6.92 -18.57 -37.23
N CYS A 125 -7.67 -19.67 -37.30
CA CYS A 125 -7.56 -20.74 -38.35
C CYS A 125 -7.40 -20.30 -39.80
N SER A 126 -7.80 -19.07 -40.11
CA SER A 126 -7.68 -18.53 -41.45
C SER A 126 -6.51 -17.57 -41.68
N GLY A 127 -5.75 -17.28 -40.61
CA GLY A 127 -4.62 -16.35 -40.67
C GLY A 127 -4.64 -15.14 -39.73
N GLY A 128 -5.73 -14.92 -39.01
CA GLY A 128 -5.84 -13.74 -38.14
C GLY A 128 -5.17 -13.92 -36.79
N HIS A 129 -4.91 -12.82 -36.09
CA HIS A 129 -4.32 -12.88 -34.75
C HIS A 129 -5.33 -13.10 -33.64
N LEU A 130 -4.81 -13.54 -32.49
CA LEU A 130 -5.59 -13.62 -31.26
C LEU A 130 -6.25 -12.30 -30.90
N THR A 131 -5.55 -11.18 -31.11
CA THR A 131 -6.06 -9.85 -30.73
C THR A 131 -7.08 -9.28 -31.71
N HIS A 132 -7.43 -10.07 -32.73
CA HIS A 132 -8.46 -9.71 -33.68
C HIS A 132 -9.79 -10.35 -33.30
N GLY A 133 -10.01 -10.50 -32.00
CA GLY A 133 -11.29 -10.98 -31.52
C GLY A 133 -11.42 -12.48 -31.41
N PHE A 134 -10.31 -13.22 -31.40
CA PHE A 134 -10.39 -14.68 -31.44
C PHE A 134 -11.01 -15.28 -30.19
N PHE A 135 -12.01 -16.13 -30.41
CA PHE A 135 -12.56 -16.96 -29.37
C PHE A 135 -12.86 -18.35 -29.90
N ASP A 136 -13.24 -19.23 -28.96
CA ASP A 136 -13.64 -20.59 -29.20
C ASP A 136 -15.06 -20.78 -28.65
N GLU A 137 -15.76 -21.81 -29.07
CA GLU A 137 -17.10 -22.10 -28.51
C GLU A 137 -17.01 -22.34 -26.98
N LYS A 138 -15.94 -23.04 -26.56
CA LYS A 138 -15.62 -23.30 -25.15
C LYS A 138 -15.38 -22.04 -24.30
N LYS A 139 -14.59 -21.10 -24.82
CA LYS A 139 -14.18 -19.93 -24.03
C LYS A 139 -13.71 -18.74 -24.86
N LYS A 140 -13.73 -17.58 -24.21
CA LYS A 140 -13.18 -16.35 -24.77
C LYS A 140 -11.66 -16.30 -24.56
N VAL A 141 -10.97 -16.81 -25.57
CA VAL A 141 -9.55 -17.04 -25.55
C VAL A 141 -8.74 -15.72 -25.52
N SER A 142 -9.13 -14.78 -26.37
CA SER A 142 -8.57 -13.46 -26.37
C SER A 142 -9.48 -12.60 -25.55
N ILE A 143 -8.89 -11.68 -24.78
CA ILE A 143 -9.62 -10.57 -24.15
C ILE A 143 -10.44 -9.78 -25.17
N THR A 144 -9.94 -9.72 -26.41
CA THR A 144 -10.60 -8.98 -27.48
C THR A 144 -11.92 -9.60 -27.91
N SER A 145 -12.21 -10.82 -27.49
CA SER A 145 -13.53 -11.41 -27.69
C SER A 145 -14.42 -11.31 -26.45
N ASP A 146 -13.89 -10.82 -25.34
CA ASP A 146 -14.62 -10.78 -24.06
C ASP A 146 -14.93 -9.34 -23.64
N MET A 147 -13.89 -8.50 -23.61
CA MET A 147 -14.07 -7.11 -23.29
C MET A 147 -14.81 -6.39 -24.43
N PHE A 148 -14.72 -6.94 -25.63
CA PHE A 148 -15.44 -6.51 -26.83
C PHE A 148 -16.37 -7.64 -27.25
N GLU A 149 -17.36 -7.30 -28.09
CA GLU A 149 -18.18 -8.31 -28.78
C GLU A 149 -17.55 -8.49 -30.13
N SER A 150 -17.17 -9.72 -30.48
CA SER A 150 -16.49 -9.97 -31.76
C SER A 150 -17.24 -10.99 -32.59
N LYS A 151 -17.05 -10.89 -33.90
CA LYS A 151 -17.46 -11.92 -34.84
C LYS A 151 -16.28 -12.13 -35.79
N LEU A 152 -16.14 -13.34 -36.33
CA LEU A 152 -14.92 -13.70 -37.06
C LEU A 152 -15.24 -14.17 -38.45
N TYR A 153 -14.55 -13.59 -39.43
CA TYR A 153 -14.75 -13.97 -40.83
C TYR A 153 -13.68 -14.94 -41.24
N LYS A 154 -14.11 -16.06 -41.81
CA LYS A 154 -13.20 -17.08 -42.32
C LYS A 154 -12.84 -16.77 -43.75
N CYS A 155 -11.79 -17.44 -44.23
CA CYS A 155 -11.41 -17.43 -45.63
C CYS A 155 -12.17 -18.56 -46.30
N ASN A 156 -12.25 -18.55 -47.63
CA ASN A 156 -12.81 -19.70 -48.39
C ASN A 156 -11.94 -20.98 -48.27
N SER A 157 -12.40 -22.09 -48.84
CA SER A 157 -11.62 -23.34 -48.87
C SER A 157 -10.32 -23.24 -49.69
N GLN A 158 -10.23 -22.24 -50.57
CA GLN A 158 -9.01 -21.94 -51.33
C GLN A 158 -7.92 -21.27 -50.49
N GLY A 159 -8.25 -20.82 -49.28
CA GLY A 159 -7.31 -20.12 -48.39
C GLY A 159 -7.23 -18.59 -48.56
N TYR A 160 -8.25 -18.00 -49.20
CA TYR A 160 -8.25 -16.58 -49.57
C TYR A 160 -9.34 -15.84 -48.80
N VAL A 161 -9.09 -14.57 -48.47
CA VAL A 161 -10.08 -13.69 -47.81
C VAL A 161 -11.34 -13.54 -48.69
N ASP A 162 -12.51 -13.86 -48.14
CA ASP A 162 -13.78 -13.81 -48.88
C ASP A 162 -14.55 -12.51 -48.54
N LEU A 163 -14.39 -11.49 -49.39
CA LEU A 163 -15.00 -10.18 -49.11
C LEU A 163 -16.53 -10.19 -49.13
N ASP A 164 -17.12 -11.09 -49.92
CA ASP A 164 -18.58 -11.32 -49.93
C ASP A 164 -19.10 -11.66 -48.54
N ALA A 165 -18.37 -12.52 -47.85
CA ALA A 165 -18.70 -12.92 -46.49
C ALA A 165 -18.47 -11.76 -45.51
N VAL A 166 -17.33 -11.06 -45.65
CA VAL A 166 -17.04 -9.89 -44.81
C VAL A 166 -18.24 -8.92 -44.84
N ARG A 167 -18.58 -8.41 -46.02
CA ARG A 167 -19.73 -7.50 -46.21
C ARG A 167 -21.03 -8.07 -45.65
N GLU A 168 -21.40 -9.27 -46.05
CA GLU A 168 -22.57 -9.95 -45.48
C GLU A 168 -22.51 -9.88 -43.94
N MET A 169 -21.35 -10.18 -43.37
CA MET A 169 -21.18 -10.15 -41.91
C MET A 169 -21.31 -8.74 -41.36
N ALA A 170 -20.64 -7.78 -41.98
CA ALA A 170 -20.74 -6.37 -41.55
C ALA A 170 -22.18 -5.77 -41.56
N LEU A 171 -23.01 -6.11 -42.55
CA LEU A 171 -24.38 -5.57 -42.64
C LEU A 171 -25.30 -6.08 -41.52
N SER A 172 -25.11 -7.35 -41.16
CA SER A 172 -25.91 -8.00 -40.14
C SER A 172 -25.42 -7.70 -38.73
N PHE A 173 -24.09 -7.76 -38.54
CA PHE A 173 -23.45 -7.55 -37.23
C PHE A 173 -23.24 -6.07 -36.88
N LYS A 174 -22.93 -5.24 -37.88
CA LYS A 174 -22.79 -3.80 -37.71
C LYS A 174 -21.75 -3.41 -36.65
N PRO A 175 -20.49 -3.85 -36.86
CA PRO A 175 -19.46 -3.54 -35.87
C PRO A 175 -18.99 -2.10 -36.02
N LYS A 176 -18.41 -1.54 -34.98
CA LYS A 176 -17.70 -0.27 -35.11
C LYS A 176 -16.28 -0.41 -35.66
N VAL A 177 -15.66 -1.59 -35.64
CA VAL A 177 -14.31 -1.77 -36.23
C VAL A 177 -14.24 -3.05 -37.05
N ILE A 178 -13.45 -3.01 -38.13
CA ILE A 178 -13.15 -4.17 -38.95
C ILE A 178 -11.65 -4.28 -39.06
N ILE A 179 -11.12 -5.42 -38.61
CA ILE A 179 -9.68 -5.59 -38.57
C ILE A 179 -9.26 -6.36 -39.79
N CYS A 180 -8.24 -5.84 -40.47
CA CYS A 180 -7.52 -6.60 -41.48
C CYS A 180 -6.01 -6.44 -41.27
N GLY A 181 -5.24 -7.26 -42.00
CA GLY A 181 -3.80 -7.43 -41.75
C GLY A 181 -3.70 -8.61 -40.78
N TYR A 182 -2.74 -9.50 -40.98
CA TYR A 182 -2.87 -10.85 -40.37
C TYR A 182 -1.55 -11.47 -39.93
N THR A 183 -1.65 -12.61 -39.28
CA THR A 183 -0.47 -13.31 -38.72
C THR A 183 0.13 -14.36 -39.68
N SER A 184 -0.69 -15.20 -40.29
CA SER A 184 -0.19 -16.21 -41.26
C SER A 184 -1.09 -16.30 -42.48
N TYR A 185 -1.19 -15.17 -43.16
CA TYR A 185 -1.89 -15.04 -44.41
C TYR A 185 -0.83 -14.72 -45.47
N PRO A 186 -0.70 -15.58 -46.50
CA PRO A 186 0.38 -15.45 -47.49
C PRO A 186 0.17 -14.48 -48.65
N ARG A 187 -0.97 -13.80 -48.71
CA ARG A 187 -1.24 -12.86 -49.81
C ARG A 187 -1.44 -11.40 -49.36
N ASP A 188 -1.40 -10.50 -50.35
CA ASP A 188 -1.64 -9.07 -50.11
C ASP A 188 -3.12 -8.82 -49.82
N ILE A 189 -3.40 -7.64 -49.27
CA ILE A 189 -4.73 -7.28 -48.80
C ILE A 189 -5.33 -6.17 -49.69
N ASP A 190 -6.59 -6.32 -50.08
CA ASP A 190 -7.31 -5.24 -50.76
C ASP A 190 -7.92 -4.29 -49.70
N TYR A 191 -7.10 -3.37 -49.19
CA TYR A 191 -7.54 -2.43 -48.15
C TYR A 191 -8.66 -1.57 -48.69
N GLN A 192 -8.44 -1.00 -49.89
CA GLN A 192 -9.46 -0.23 -50.60
C GLN A 192 -10.83 -0.89 -50.56
N GLN A 193 -10.90 -2.21 -50.73
CA GLN A 193 -12.20 -2.90 -50.73
C GLN A 193 -12.72 -3.01 -49.30
N PHE A 194 -11.81 -3.12 -48.34
CA PHE A 194 -12.20 -3.07 -46.92
C PHE A 194 -12.78 -1.70 -46.52
N ARG A 195 -12.15 -0.63 -47.00
CA ARG A 195 -12.64 0.75 -46.80
C ARG A 195 -14.09 0.96 -47.30
N GLN A 196 -14.37 0.44 -48.48
CA GLN A 196 -15.72 0.46 -49.07
C GLN A 196 -16.76 -0.25 -48.18
N ILE A 197 -16.38 -1.34 -47.49
CA ILE A 197 -17.29 -2.06 -46.58
C ILE A 197 -17.44 -1.34 -45.23
N CYS A 198 -16.36 -0.78 -44.74
CA CYS A 198 -16.38 -0.01 -43.49
C CYS A 198 -17.30 1.22 -43.61
N ASP A 199 -17.15 1.97 -44.70
CA ASP A 199 -18.01 3.13 -45.01
C ASP A 199 -19.51 2.84 -45.16
N GLU A 200 -19.84 1.64 -45.64
CA GLU A 200 -21.22 1.20 -45.86
C GLU A 200 -22.00 1.04 -44.56
N VAL A 201 -21.28 0.65 -43.50
CA VAL A 201 -21.86 0.40 -42.17
C VAL A 201 -21.25 1.33 -41.10
N ASN A 202 -20.52 2.36 -41.57
CA ASN A 202 -19.91 3.41 -40.73
C ASN A 202 -18.99 2.88 -39.61
N ALA A 203 -18.19 1.88 -39.97
CA ALA A 203 -17.18 1.27 -39.10
C ALA A 203 -15.80 1.85 -39.36
N TYR A 204 -14.94 1.82 -38.35
CA TYR A 204 -13.51 2.12 -38.54
C TYR A 204 -12.78 1.00 -39.32
N LEU A 205 -11.76 1.38 -40.10
CA LEU A 205 -10.85 0.44 -40.78
C LEU A 205 -9.56 0.28 -40.00
N PHE A 206 -9.38 -0.90 -39.40
CA PHE A 206 -8.21 -1.26 -38.59
C PHE A 206 -7.32 -2.18 -39.45
N ALA A 207 -6.12 -1.71 -39.76
CA ALA A 207 -5.10 -2.48 -40.46
C ALA A 207 -3.97 -2.80 -39.50
N ASP A 208 -3.73 -4.10 -39.24
CA ASP A 208 -2.59 -4.54 -38.42
C ASP A 208 -1.60 -5.13 -39.35
N ILE A 209 -0.48 -4.42 -39.57
CA ILE A 209 0.52 -4.75 -40.59
C ILE A 209 1.85 -5.24 -39.97
N SER A 210 1.79 -5.81 -38.76
CA SER A 210 2.96 -6.29 -38.04
C SER A 210 3.83 -7.24 -38.87
N HIS A 211 3.21 -8.20 -39.53
CA HIS A 211 3.94 -9.15 -40.38
C HIS A 211 4.54 -8.58 -41.68
N ILE A 212 3.95 -7.51 -42.21
CA ILE A 212 4.28 -7.03 -43.55
C ILE A 212 4.73 -5.56 -43.54
N SER A 213 5.12 -5.07 -42.36
CA SER A 213 5.35 -3.64 -42.17
C SER A 213 6.37 -3.06 -43.14
N SER A 214 7.51 -3.75 -43.26
CA SER A 214 8.62 -3.29 -44.10
C SER A 214 8.25 -3.16 -45.56
N PHE A 215 7.36 -4.03 -46.02
CA PHE A 215 6.87 -3.96 -47.37
C PHE A 215 6.05 -2.68 -47.55
N VAL A 216 5.25 -2.32 -46.55
CA VAL A 216 4.36 -1.16 -46.61
C VAL A 216 5.20 0.10 -46.65
N ALA A 217 6.16 0.17 -45.76
CA ALA A 217 7.10 1.28 -45.67
C ALA A 217 7.91 1.54 -46.94
N CYS A 218 8.42 0.47 -47.54
CA CYS A 218 9.26 0.57 -48.73
C CYS A 218 8.47 0.47 -50.06
N ASN A 219 7.13 0.48 -49.99
CA ASN A 219 6.21 0.52 -51.15
C ASN A 219 6.30 -0.64 -52.16
N ILE A 220 6.54 -1.84 -51.62
CA ILE A 220 6.59 -3.09 -52.37
C ILE A 220 5.22 -3.77 -52.37
N LEU A 221 4.43 -3.58 -51.33
CA LEU A 221 3.05 -4.09 -51.28
C LEU A 221 2.09 -2.92 -51.08
N ASN A 222 0.80 -3.20 -51.04
CA ASN A 222 -0.21 -2.17 -50.90
C ASN A 222 -0.05 -1.32 -49.65
N ASN A 223 -0.57 -0.09 -49.72
CA ASN A 223 -0.41 0.87 -48.65
C ASN A 223 -1.74 1.09 -47.93
N PRO A 224 -1.89 0.54 -46.71
CA PRO A 224 -3.13 0.73 -45.99
C PRO A 224 -3.31 2.14 -45.47
N PHE A 225 -2.24 2.93 -45.44
CA PHE A 225 -2.30 4.31 -45.00
C PHE A 225 -3.15 5.20 -45.91
N LEU A 226 -3.48 4.73 -47.11
CA LEU A 226 -4.33 5.45 -48.02
C LEU A 226 -5.81 5.34 -47.64
N HIS A 227 -6.18 4.30 -46.87
CA HIS A 227 -7.59 4.03 -46.54
C HIS A 227 -7.91 3.84 -45.06
N ALA A 228 -6.94 3.35 -44.27
CA ALA A 228 -7.20 2.96 -42.90
C ALA A 228 -7.33 4.17 -41.96
N ASP A 229 -8.18 4.02 -40.96
CA ASP A 229 -8.28 4.98 -39.87
C ASP A 229 -7.20 4.74 -38.84
N VAL A 230 -6.97 3.45 -38.51
CA VAL A 230 -5.88 3.04 -37.59
C VAL A 230 -4.95 1.99 -38.20
N VAL A 231 -3.64 2.17 -38.02
CA VAL A 231 -2.66 1.17 -38.43
C VAL A 231 -1.83 0.74 -37.22
N THR A 232 -1.87 -0.55 -36.86
CA THR A 232 -0.96 -1.07 -35.79
C THR A 232 0.18 -1.90 -36.36
N THR A 233 1.31 -1.87 -35.68
CA THR A 233 2.46 -2.68 -36.04
C THR A 233 3.52 -2.84 -34.95
N THR A 234 3.98 -4.08 -34.86
CA THR A 234 5.07 -4.44 -34.01
C THR A 234 6.32 -4.02 -34.72
N THR A 235 7.40 -3.82 -34.00
CA THR A 235 8.67 -3.39 -34.60
C THR A 235 9.77 -4.48 -34.64
N HIS A 236 9.46 -5.70 -34.16
CA HIS A 236 10.45 -6.81 -33.91
C HIS A 236 10.50 -7.91 -34.97
N LYS A 237 9.63 -7.83 -35.98
CA LYS A 237 9.61 -8.82 -37.05
C LYS A 237 10.40 -8.31 -38.26
N ILE A 238 9.73 -8.19 -39.39
CA ILE A 238 10.34 -7.84 -40.65
C ILE A 238 11.02 -6.47 -40.56
N LEU A 239 10.44 -5.55 -39.76
CA LEU A 239 11.00 -4.21 -39.52
C LEU A 239 12.34 -4.25 -38.80
N ARG A 240 12.58 -5.34 -38.08
CA ARG A 240 13.89 -5.67 -37.54
C ARG A 240 14.32 -4.74 -36.39
N GLY A 241 13.36 -4.28 -35.62
CA GLY A 241 13.65 -3.51 -34.45
C GLY A 241 13.49 -4.28 -33.16
N PRO A 242 13.38 -3.56 -32.04
CA PRO A 242 13.23 -4.22 -30.74
C PRO A 242 11.83 -4.75 -30.60
N ARG A 243 11.55 -5.38 -29.48
CA ARG A 243 10.17 -5.82 -29.22
C ARG A 243 9.39 -4.63 -28.71
N SER A 244 8.58 -4.08 -29.60
CA SER A 244 7.73 -2.94 -29.29
C SER A 244 6.60 -2.85 -30.31
N ALA A 245 5.72 -1.88 -30.11
CA ALA A 245 4.66 -1.64 -31.06
C ALA A 245 4.35 -0.13 -31.27
N LEU A 246 3.58 0.13 -32.33
CA LEU A 246 3.25 1.48 -32.78
C LEU A 246 1.81 1.50 -33.20
N ILE A 247 1.08 2.51 -32.74
CA ILE A 247 -0.28 2.76 -33.20
C ILE A 247 -0.28 4.06 -34.01
N PHE A 248 -0.64 3.93 -35.28
CA PHE A 248 -0.81 5.06 -36.17
C PHE A 248 -2.28 5.41 -36.31
N PHE A 249 -2.62 6.68 -36.17
CA PHE A 249 -4.00 7.14 -36.28
C PHE A 249 -4.14 8.28 -37.31
N ASN A 250 -5.22 8.24 -38.07
CA ASN A 250 -5.48 9.23 -39.12
C ASN A 250 -6.24 10.43 -38.53
N LYS A 251 -5.54 11.54 -38.34
CA LYS A 251 -6.10 12.75 -37.72
C LYS A 251 -7.08 13.46 -38.65
N LYS A 252 -6.71 13.55 -39.93
CA LYS A 252 -7.52 14.21 -40.95
C LYS A 252 -8.89 13.55 -41.16
N ARG A 253 -8.92 12.24 -41.20
CA ARG A 253 -10.16 11.48 -41.41
C ARG A 253 -10.99 11.39 -40.10
N ASN A 254 -10.32 11.49 -38.94
CA ASN A 254 -10.97 11.36 -37.62
C ASN A 254 -10.43 12.40 -36.63
N PRO A 255 -10.90 13.65 -36.74
CA PRO A 255 -10.51 14.63 -35.74
C PRO A 255 -10.83 14.14 -34.32
N GLY A 256 -9.91 14.37 -33.39
CA GLY A 256 -10.10 13.92 -32.02
C GLY A 256 -9.72 12.47 -31.70
N ILE A 257 -9.20 11.72 -32.68
CA ILE A 257 -8.72 10.37 -32.44
C ILE A 257 -7.40 10.39 -31.67
N GLU A 258 -6.56 11.42 -31.92
CA GLU A 258 -5.29 11.59 -31.23
C GLU A 258 -5.31 11.51 -29.70
N GLN A 259 -6.17 12.32 -29.07
CA GLN A 259 -6.33 12.31 -27.61
C GLN A 259 -6.83 10.94 -27.12
N LYS A 260 -7.83 10.42 -27.84
CA LYS A 260 -8.53 9.20 -27.54
C LYS A 260 -7.60 7.94 -27.55
N ILE A 261 -6.67 7.91 -28.50
CA ILE A 261 -5.70 6.85 -28.59
C ILE A 261 -4.58 7.07 -27.61
N ASN A 262 -4.11 8.32 -27.49
CA ASN A 262 -3.08 8.66 -26.53
C ASN A 262 -3.55 8.39 -25.10
N SER A 263 -4.86 8.52 -24.83
CA SER A 263 -5.39 8.28 -23.48
C SER A 263 -5.66 6.78 -23.22
N ALA A 264 -6.01 6.01 -24.26
CA ALA A 264 -6.08 4.54 -24.23
C ALA A 264 -4.74 3.90 -23.87
N VAL A 265 -3.65 4.43 -24.40
CA VAL A 265 -2.33 3.92 -24.06
C VAL A 265 -1.99 4.31 -22.64
N PHE A 266 -2.05 5.61 -22.34
CA PHE A 266 -1.91 6.07 -20.97
C PHE A 266 -2.86 7.21 -20.69
N PRO A 267 -3.61 7.21 -19.59
CA PRO A 267 -3.49 6.26 -18.48
C PRO A 267 -4.46 5.07 -18.49
N SER A 268 -5.22 4.89 -19.56
CA SER A 268 -6.12 3.76 -19.59
C SER A 268 -5.45 2.39 -19.30
N PHE A 269 -4.40 2.00 -20.04
CA PHE A 269 -3.81 0.65 -19.94
C PHE A 269 -2.40 0.58 -19.35
N GLN A 270 -1.50 1.43 -19.80
CA GLN A 270 -0.10 1.35 -19.37
C GLN A 270 0.20 2.41 -18.31
N GLY A 271 1.35 2.28 -17.67
CA GLY A 271 1.96 3.29 -16.86
C GLY A 271 3.22 3.78 -17.56
N GLY A 272 4.35 3.62 -16.89
CA GLY A 272 5.58 4.26 -17.33
C GLY A 272 6.08 3.65 -18.63
N PRO A 273 6.45 4.50 -19.63
CA PRO A 273 6.96 3.94 -20.88
C PRO A 273 8.29 3.28 -20.67
N HIS A 274 8.65 2.37 -21.57
CA HIS A 274 9.92 1.70 -21.50
C HIS A 274 10.83 2.39 -22.47
N ASN A 275 11.69 3.25 -21.93
CA ASN A 275 12.42 4.21 -22.74
C ASN A 275 13.50 3.62 -23.57
N ASN A 276 14.15 2.59 -23.02
CA ASN A 276 15.12 1.79 -23.77
C ASN A 276 14.49 1.22 -25.04
N LYS A 277 13.24 0.81 -24.97
CA LYS A 277 12.52 0.39 -26.18
C LYS A 277 12.41 1.50 -27.17
N ILE A 278 11.98 2.65 -26.68
CA ILE A 278 11.73 3.78 -27.54
C ILE A 278 13.06 4.22 -28.17
N ALA A 279 14.12 4.31 -27.38
CA ALA A 279 15.43 4.54 -27.95
C ALA A 279 15.74 3.53 -29.05
N ALA A 280 15.54 2.25 -28.77
CA ALA A 280 15.84 1.21 -29.75
C ALA A 280 15.03 1.32 -31.03
N VAL A 281 13.75 1.58 -30.89
CA VAL A 281 12.88 1.73 -32.04
C VAL A 281 13.29 2.92 -32.87
N ALA A 282 13.72 4.00 -32.21
CA ALA A 282 14.16 5.19 -32.92
C ALA A 282 15.36 4.83 -33.78
N CYS A 283 16.29 4.07 -33.21
CA CYS A 283 17.50 3.63 -33.93
C CYS A 283 17.21 2.78 -35.18
N GLN A 284 16.20 1.93 -35.12
CA GLN A 284 15.95 1.05 -36.24
C GLN A 284 15.12 1.79 -37.29
N LEU A 285 14.29 2.73 -36.86
CA LEU A 285 13.49 3.52 -37.78
C LEU A 285 14.34 4.39 -38.70
N LYS A 286 15.54 4.79 -38.25
CA LYS A 286 16.46 5.49 -39.14
C LYS A 286 16.95 4.54 -40.22
N GLU A 287 17.34 3.33 -39.83
CA GLU A 287 17.69 2.29 -40.81
C GLU A 287 16.56 1.96 -41.76
N VAL A 288 15.31 1.98 -41.31
CA VAL A 288 14.19 1.62 -42.19
C VAL A 288 14.11 2.57 -43.37
N HIS A 289 14.43 3.85 -43.16
CA HIS A 289 14.27 4.87 -44.21
C HIS A 289 15.32 4.88 -45.32
N SER A 290 16.54 4.43 -45.02
CA SER A 290 17.61 4.26 -46.03
C SER A 290 17.20 3.42 -47.25
N PRO A 291 17.92 3.58 -48.38
CA PRO A 291 17.67 2.72 -49.54
C PRO A 291 18.20 1.29 -49.34
N ALA A 292 19.23 1.13 -48.50
CA ALA A 292 19.75 -0.20 -48.15
C ALA A 292 18.75 -1.16 -47.46
N PHE A 293 17.78 -0.65 -46.71
CA PHE A 293 16.83 -1.49 -46.02
C PHE A 293 15.78 -1.96 -47.00
N LYS A 294 15.38 -1.06 -47.89
CA LYS A 294 14.55 -1.41 -49.06
C LYS A 294 15.15 -2.61 -49.81
N GLU A 295 16.46 -2.55 -50.08
CA GLU A 295 17.20 -3.68 -50.67
C GLU A 295 16.97 -4.98 -49.88
N TYR A 296 17.17 -4.92 -48.57
CA TYR A 296 16.98 -6.08 -47.68
C TYR A 296 15.57 -6.62 -47.83
N THR A 297 14.60 -5.72 -47.78
CA THR A 297 13.18 -6.04 -47.87
C THR A 297 12.83 -6.68 -49.22
N GLN A 298 13.44 -6.18 -50.29
CA GLN A 298 13.27 -6.75 -51.63
C GLN A 298 13.82 -8.16 -51.64
N GLN A 299 15.00 -8.34 -51.04
CA GLN A 299 15.60 -9.66 -50.92
C GLN A 299 14.69 -10.64 -50.11
N VAL A 300 13.93 -10.13 -49.15
CA VAL A 300 13.00 -10.97 -48.38
C VAL A 300 11.96 -11.63 -49.31
N LEU A 301 11.34 -10.82 -50.17
CA LEU A 301 10.33 -11.32 -51.12
C LEU A 301 10.98 -12.13 -52.24
N LEU A 302 12.18 -11.78 -52.68
CA LEU A 302 12.88 -12.59 -53.69
C LEU A 302 13.05 -14.01 -53.11
N ASN A 303 13.46 -14.13 -51.85
CA ASN A 303 13.74 -15.43 -51.22
C ASN A 303 12.50 -16.24 -50.99
N SER A 304 11.44 -15.55 -50.59
CA SER A 304 10.16 -16.15 -50.35
C SER A 304 9.57 -16.80 -51.59
N LYS A 305 9.68 -16.11 -52.72
CA LYS A 305 9.17 -16.58 -54.03
C LYS A 305 9.94 -17.82 -54.41
N ALA A 306 11.28 -17.69 -54.37
CA ALA A 306 12.17 -18.80 -54.68
C ALA A 306 11.90 -20.01 -53.78
N LEU A 307 11.63 -19.77 -52.49
CA LEU A 307 11.41 -20.84 -51.53
C LEU A 307 10.10 -21.55 -51.81
N ALA A 308 9.07 -20.79 -52.12
CA ALA A 308 7.77 -21.35 -52.50
C ALA A 308 7.90 -22.17 -53.77
N LYS A 309 8.62 -21.60 -54.73
CA LYS A 309 8.84 -22.22 -56.03
C LYS A 309 9.61 -23.52 -55.87
N ALA A 310 10.66 -23.52 -55.05
CA ALA A 310 11.46 -24.74 -54.88
C ALA A 310 10.72 -25.83 -54.08
N LEU A 311 9.82 -25.44 -53.16
CA LEU A 311 9.00 -26.43 -52.45
C LEU A 311 7.92 -27.06 -53.36
N ILE A 312 7.33 -26.25 -54.23
CA ILE A 312 6.37 -26.76 -55.21
C ILE A 312 7.03 -27.74 -56.20
N SER A 313 8.25 -27.41 -56.64
CA SER A 313 9.00 -28.29 -57.54
C SER A 313 9.45 -29.64 -56.89
N LYS A 314 9.43 -29.70 -55.55
CA LYS A 314 9.54 -30.97 -54.79
C LYS A 314 8.16 -31.44 -54.31
N GLN A 315 7.11 -31.09 -55.06
CA GLN A 315 5.77 -31.62 -54.85
C GLN A 315 5.22 -31.42 -53.43
N ILE A 316 5.53 -30.26 -52.82
CA ILE A 316 4.97 -29.86 -51.54
C ILE A 316 3.94 -28.78 -51.82
N ASP A 317 2.74 -28.94 -51.23
CA ASP A 317 1.63 -28.02 -51.40
C ASP A 317 1.66 -26.85 -50.39
N LEU A 318 1.39 -25.66 -50.93
CA LEU A 318 1.30 -24.41 -50.22
C LEU A 318 -0.14 -23.87 -50.24
N VAL A 319 -0.50 -23.17 -49.19
CA VAL A 319 -1.83 -22.57 -49.10
C VAL A 319 -1.82 -21.36 -50.03
N THR A 320 -2.92 -21.22 -50.78
CA THR A 320 -3.01 -20.33 -51.93
C THR A 320 -1.98 -20.65 -53.04
N ASN A 321 -1.42 -21.88 -53.02
CA ASN A 321 -0.28 -22.29 -53.86
C ASN A 321 0.82 -21.25 -54.12
N GLY A 322 1.20 -20.52 -53.09
CA GLY A 322 2.28 -19.54 -53.20
C GLY A 322 2.10 -18.40 -52.23
N THR A 323 2.84 -17.32 -52.48
CA THR A 323 2.91 -16.18 -51.60
C THR A 323 3.25 -14.85 -52.33
N ASP A 324 2.72 -13.74 -51.81
CA ASP A 324 3.12 -12.39 -52.26
C ASP A 324 4.03 -11.67 -51.28
N ASN A 325 4.28 -12.26 -50.12
CA ASN A 325 5.04 -11.61 -49.08
C ASN A 325 6.15 -12.54 -48.61
N HIS A 326 6.63 -12.31 -47.40
CA HIS A 326 7.73 -13.00 -46.73
C HIS A 326 7.43 -14.43 -46.21
N LEU A 327 6.18 -14.89 -46.32
CA LEU A 327 5.77 -16.12 -45.66
C LEU A 327 4.94 -17.13 -46.46
N ILE A 328 5.11 -18.40 -46.10
CA ILE A 328 4.46 -19.51 -46.77
C ILE A 328 3.81 -20.35 -45.70
N VAL A 329 2.65 -20.92 -45.99
CA VAL A 329 2.07 -21.96 -45.13
C VAL A 329 2.07 -23.33 -45.85
N VAL A 330 2.86 -24.28 -45.38
CA VAL A 330 2.90 -25.61 -46.02
C VAL A 330 1.71 -26.41 -45.54
N ASP A 331 0.92 -26.92 -46.48
CA ASP A 331 -0.16 -27.87 -46.18
C ASP A 331 0.38 -29.33 -46.20
N LEU A 332 0.31 -29.99 -45.04
CA LEU A 332 0.91 -31.33 -44.84
C LEU A 332 -0.10 -32.50 -44.80
N ARG A 333 -1.34 -32.28 -45.27
CA ARG A 333 -2.33 -33.36 -45.28
C ARG A 333 -1.94 -34.54 -46.17
N LYS A 334 -1.38 -34.27 -47.34
CA LYS A 334 -0.97 -35.32 -48.28
C LYS A 334 0.11 -36.27 -47.74
N PHE A 335 0.86 -35.78 -46.75
CA PHE A 335 1.89 -36.57 -46.08
C PHE A 335 1.38 -37.25 -44.80
N SER A 336 0.11 -37.03 -44.46
CA SER A 336 -0.54 -37.61 -43.28
C SER A 336 0.20 -37.40 -41.92
N ILE A 337 0.97 -36.31 -41.83
CA ILE A 337 1.65 -35.89 -40.60
C ILE A 337 1.12 -34.53 -40.14
N THR A 338 1.26 -34.24 -38.85
CA THR A 338 0.83 -32.96 -38.27
C THR A 338 1.99 -31.96 -38.27
N GLY A 339 1.67 -30.68 -38.08
CA GLY A 339 2.68 -29.65 -37.90
C GLY A 339 3.47 -29.79 -36.60
N SER A 340 2.82 -30.26 -35.52
CA SER A 340 3.49 -30.52 -34.25
C SER A 340 4.69 -31.45 -34.42
N LYS A 341 4.47 -32.54 -35.16
CA LYS A 341 5.52 -33.52 -35.45
C LYS A 341 6.65 -32.93 -36.27
N LEU A 342 6.33 -32.13 -37.29
CA LEU A 342 7.36 -31.58 -38.17
C LEU A 342 8.11 -30.46 -37.48
N GLN A 343 7.44 -29.73 -36.60
CA GLN A 343 8.12 -28.76 -35.74
C GLN A 343 9.16 -29.45 -34.85
N GLU A 344 8.81 -30.60 -34.24
CA GLU A 344 9.74 -31.35 -33.36
C GLU A 344 10.91 -31.89 -34.17
N THR A 345 10.59 -32.51 -35.32
CA THR A 345 11.65 -32.99 -36.22
C THR A 345 12.62 -31.88 -36.62
N CYS A 346 12.05 -30.73 -36.98
CA CYS A 346 12.85 -29.58 -37.39
C CYS A 346 13.68 -28.99 -36.23
N ASN A 347 13.14 -29.02 -35.01
CA ASN A 347 13.94 -28.58 -33.85
C ASN A 347 15.14 -29.52 -33.61
N ALA A 348 15.01 -30.81 -33.88
CA ALA A 348 16.15 -31.74 -33.72
C ALA A 348 17.28 -31.50 -34.74
N ILE A 349 16.95 -30.86 -35.87
CA ILE A 349 17.96 -30.55 -36.89
C ILE A 349 18.37 -29.09 -36.93
N ASN A 350 17.97 -28.33 -35.90
CA ASN A 350 18.23 -26.88 -35.82
C ASN A 350 17.52 -26.06 -36.90
N VAL A 351 16.27 -26.39 -37.17
CA VAL A 351 15.45 -25.60 -38.07
C VAL A 351 14.26 -25.12 -37.24
N SER A 352 14.19 -23.81 -37.09
CA SER A 352 13.08 -23.19 -36.36
C SER A 352 11.93 -22.87 -37.31
N LEU A 353 10.78 -23.45 -37.03
CA LEU A 353 9.55 -23.06 -37.68
C LEU A 353 8.42 -23.15 -36.65
N ASN A 354 7.19 -22.88 -37.06
CA ASN A 354 6.06 -23.11 -36.18
C ASN A 354 4.93 -23.86 -36.88
N LYS A 355 4.22 -24.65 -36.08
CA LYS A 355 2.98 -25.25 -36.51
C LYS A 355 1.98 -24.19 -36.87
N ASN A 356 1.06 -24.54 -37.75
CA ASN A 356 0.07 -23.59 -38.25
C ASN A 356 -1.17 -24.30 -38.77
N THR A 357 -2.33 -23.72 -38.51
CA THR A 357 -3.58 -24.20 -39.10
C THR A 357 -3.65 -23.98 -40.62
N ILE A 358 -4.62 -24.68 -41.24
CA ILE A 358 -5.00 -24.50 -42.65
C ILE A 358 -6.55 -24.48 -42.74
N PRO A 359 -7.13 -24.01 -43.87
CA PRO A 359 -8.60 -23.94 -44.06
C PRO A 359 -9.42 -25.19 -43.76
N SER A 360 -8.90 -26.37 -44.13
CA SER A 360 -9.63 -27.64 -43.91
C SER A 360 -9.71 -28.10 -42.43
N ASP A 361 -8.74 -27.71 -41.60
CA ASP A 361 -8.74 -28.09 -40.18
C ASP A 361 -9.95 -27.53 -39.43
N VAL A 362 -10.54 -28.36 -38.59
CA VAL A 362 -11.61 -27.95 -37.67
C VAL A 362 -11.03 -27.60 -36.28
N ASP A 363 -9.84 -28.12 -35.94
CA ASP A 363 -9.23 -27.85 -34.62
C ASP A 363 -7.81 -27.26 -34.70
N CYS A 364 -7.43 -26.58 -33.63
CA CYS A 364 -6.08 -26.03 -33.44
C CYS A 364 -5.14 -27.02 -32.73
N VAL A 365 -5.70 -28.03 -32.05
CA VAL A 365 -4.99 -29.27 -31.74
C VAL A 365 -4.97 -30.11 -33.02
N SER A 366 -3.78 -30.59 -33.40
CA SER A 366 -3.54 -31.26 -34.68
C SER A 366 -3.66 -30.27 -35.90
N PRO A 367 -2.91 -29.14 -35.87
CA PRO A 367 -2.88 -28.26 -37.05
C PRO A 367 -2.17 -28.95 -38.23
N SER A 368 -2.69 -28.76 -39.44
CA SER A 368 -2.23 -29.54 -40.59
C SER A 368 -1.04 -28.94 -41.35
N GLY A 369 -0.42 -27.89 -40.80
CA GLY A 369 0.70 -27.32 -41.51
C GLY A 369 1.72 -26.71 -40.65
N VAL A 370 2.71 -26.13 -41.32
CA VAL A 370 3.65 -25.25 -40.67
C VAL A 370 3.75 -23.99 -41.50
N ARG A 371 4.21 -22.92 -40.86
CA ARG A 371 4.48 -21.67 -41.49
C ARG A 371 5.98 -21.45 -41.48
N ILE A 372 6.48 -20.87 -42.57
CA ILE A 372 7.87 -20.50 -42.70
C ILE A 372 7.96 -19.09 -43.28
N GLY A 373 9.12 -18.47 -43.12
CA GLY A 373 9.35 -17.15 -43.67
C GLY A 373 10.82 -16.81 -43.74
N THR A 374 11.15 -15.88 -44.62
CA THR A 374 12.51 -15.54 -44.98
C THR A 374 13.19 -14.33 -44.31
N PRO A 375 12.46 -13.53 -43.49
CA PRO A 375 13.16 -12.35 -42.93
C PRO A 375 14.46 -12.62 -42.22
N ALA A 376 14.45 -13.60 -41.32
CA ALA A 376 15.64 -13.90 -40.55
C ALA A 376 16.82 -14.31 -41.43
N MET A 377 16.58 -15.26 -42.35
CA MET A 377 17.70 -15.78 -43.16
C MET A 377 18.20 -14.78 -44.17
N THR A 378 17.30 -13.91 -44.63
CA THR A 378 17.65 -12.81 -45.46
C THR A 378 18.54 -11.85 -44.72
N THR A 379 18.29 -11.63 -43.43
CA THR A 379 19.23 -10.86 -42.58
C THR A 379 20.61 -11.53 -42.47
N ARG A 380 20.63 -12.86 -42.44
CA ARG A 380 21.89 -13.59 -42.39
C ARG A 380 22.66 -13.74 -43.71
N GLY A 381 22.13 -13.21 -44.82
CA GLY A 381 22.86 -13.13 -46.08
C GLY A 381 22.45 -14.17 -47.11
N ALA A 382 21.49 -15.03 -46.76
CA ALA A 382 20.97 -16.01 -47.70
C ALA A 382 20.30 -15.35 -48.91
N LYS A 383 20.54 -15.92 -50.10
CA LYS A 383 20.04 -15.39 -51.36
C LYS A 383 19.11 -16.43 -52.00
N GLU A 384 18.59 -16.15 -53.21
CA GLU A 384 17.67 -17.09 -53.90
C GLU A 384 18.20 -18.50 -54.10
N LYS A 385 19.48 -18.59 -54.44
CA LYS A 385 20.15 -19.87 -54.68
C LYS A 385 20.26 -20.73 -53.42
N ASP A 386 20.22 -20.07 -52.25
CA ASP A 386 20.28 -20.76 -50.95
C ASP A 386 18.95 -21.39 -50.57
N MET A 387 17.86 -20.97 -51.21
CA MET A 387 16.54 -21.46 -50.86
C MET A 387 16.31 -22.92 -51.26
N GLU A 388 16.94 -23.37 -52.34
CA GLU A 388 16.82 -24.78 -52.78
C GLU A 388 17.28 -25.73 -51.66
N PHE A 389 18.43 -25.41 -51.07
CA PHE A 389 18.92 -26.10 -49.90
C PHE A 389 17.96 -26.12 -48.70
N ILE A 390 17.32 -24.99 -48.39
CA ILE A 390 16.34 -24.94 -47.30
C ILE A 390 15.12 -25.79 -47.63
N ALA A 391 14.67 -25.68 -48.87
CA ALA A 391 13.60 -26.54 -49.38
C ALA A 391 13.99 -28.02 -49.33
N ASP A 392 15.24 -28.35 -49.69
CA ASP A 392 15.73 -29.74 -49.63
C ASP A 392 15.78 -30.29 -48.19
N VAL A 393 16.28 -29.47 -47.26
CA VAL A 393 16.29 -29.84 -45.82
C VAL A 393 14.87 -30.08 -45.33
N LEU A 394 13.95 -29.19 -45.70
CA LEU A 394 12.55 -29.34 -45.23
C LEU A 394 11.85 -30.54 -45.82
N ALA A 395 12.18 -30.84 -47.08
CA ALA A 395 11.70 -32.06 -47.74
C ALA A 395 12.19 -33.33 -46.99
N ARG A 396 13.48 -33.34 -46.70
CA ARG A 396 14.11 -34.43 -45.95
C ARG A 396 13.51 -34.53 -44.55
N ALA A 397 13.19 -33.41 -43.92
CA ALA A 397 12.48 -33.44 -42.63
C ALA A 397 11.13 -34.07 -42.74
N ILE A 398 10.40 -33.72 -43.78
CA ILE A 398 9.06 -34.28 -43.97
C ILE A 398 9.16 -35.79 -44.15
N LYS A 399 10.09 -36.20 -45.02
CA LYS A 399 10.33 -37.61 -45.28
C LYS A 399 10.66 -38.39 -43.96
N ILE A 400 11.66 -37.87 -43.23
CA ILE A 400 12.06 -38.46 -41.94
C ILE A 400 10.90 -38.58 -40.96
N THR A 401 10.02 -37.59 -40.97
CA THR A 401 8.86 -37.54 -40.10
C THR A 401 7.84 -38.61 -40.44
N VAL A 402 7.66 -38.87 -41.74
CA VAL A 402 6.74 -39.94 -42.20
C VAL A 402 7.27 -41.31 -41.75
N ASP A 403 8.57 -41.51 -41.94
CA ASP A 403 9.27 -42.72 -41.49
C ASP A 403 9.13 -42.93 -39.99
N LEU A 404 9.51 -41.92 -39.19
CA LEU A 404 9.37 -41.97 -37.73
C LEU A 404 7.93 -42.20 -37.29
N GLN A 405 6.96 -41.65 -38.01
CA GLN A 405 5.56 -41.95 -37.77
C GLN A 405 5.27 -43.42 -38.06
N GLU A 406 5.78 -43.91 -39.20
CA GLU A 406 5.61 -45.31 -39.62
C GLU A 406 6.14 -46.28 -38.54
N GLN A 407 7.32 -45.98 -38.02
CA GLN A 407 7.98 -46.83 -37.03
C GLN A 407 7.35 -46.76 -35.63
N TYR A 408 7.13 -45.55 -35.11
CA TYR A 408 6.65 -45.36 -33.73
C TYR A 408 5.18 -45.00 -33.57
N GLY A 409 4.47 -44.67 -34.66
CA GLY A 409 3.03 -44.36 -34.63
C GLY A 409 2.61 -42.89 -34.53
N LYS A 410 1.31 -42.67 -34.66
CA LYS A 410 0.70 -41.32 -34.70
C LYS A 410 0.78 -40.51 -33.40
N LYS A 411 0.93 -41.16 -32.24
CA LYS A 411 0.98 -40.43 -30.98
C LYS A 411 2.26 -39.62 -30.83
N LEU A 412 2.11 -38.38 -30.38
CA LEU A 412 3.21 -37.41 -30.34
C LEU A 412 4.26 -37.79 -29.31
N VAL A 413 3.81 -38.14 -28.10
CA VAL A 413 4.69 -38.79 -27.08
C VAL A 413 5.48 -40.02 -27.60
N ASP A 414 4.82 -40.87 -28.39
CA ASP A 414 5.48 -42.02 -29.04
C ASP A 414 6.48 -41.57 -30.09
N PHE A 415 6.08 -40.56 -30.87
CA PHE A 415 6.90 -39.99 -31.94
C PHE A 415 8.27 -39.43 -31.48
N LYS A 416 8.29 -38.77 -30.32
CA LYS A 416 9.50 -38.10 -29.81
C LYS A 416 10.59 -39.08 -29.38
N LYS A 417 10.18 -40.26 -28.88
CA LYS A 417 11.12 -41.36 -28.63
C LYS A 417 11.95 -41.68 -29.87
N GLY A 418 11.32 -41.57 -31.04
CA GLY A 418 12.01 -41.72 -32.32
C GLY A 418 13.12 -40.72 -32.62
N LEU A 419 13.01 -39.50 -32.09
CA LEU A 419 13.94 -38.40 -32.45
C LEU A 419 15.40 -38.57 -31.98
N PRO A 420 15.62 -38.87 -30.69
CA PRO A 420 17.00 -38.86 -30.21
C PRO A 420 17.87 -39.95 -30.83
N GLY A 421 19.09 -39.56 -31.24
CA GLY A 421 20.06 -40.47 -31.83
C GLY A 421 19.91 -40.91 -33.29
N ASN A 422 18.76 -40.61 -33.93
CA ASN A 422 18.45 -41.01 -35.32
C ASN A 422 19.58 -40.57 -36.25
N ALA A 423 20.13 -41.52 -37.01
CA ALA A 423 21.33 -41.30 -37.82
C ALA A 423 21.19 -40.20 -38.87
N GLN A 424 20.06 -40.19 -39.58
CA GLN A 424 19.83 -39.21 -40.67
C GLN A 424 19.48 -37.82 -40.10
N LEU A 425 18.78 -37.76 -38.97
CA LEU A 425 18.62 -36.49 -38.23
C LEU A 425 19.95 -35.87 -37.76
N GLN A 426 20.86 -36.71 -37.28
CA GLN A 426 22.21 -36.26 -36.90
C GLN A 426 22.95 -35.78 -38.13
N GLN A 427 22.80 -36.52 -39.22
CA GLN A 427 23.40 -36.17 -40.50
C GLN A 427 22.85 -34.85 -41.02
N LEU A 428 21.54 -34.66 -40.86
CA LEU A 428 20.93 -33.45 -41.35
C LEU A 428 21.31 -32.27 -40.45
N LYS A 429 21.09 -32.41 -39.15
CA LYS A 429 21.57 -31.40 -38.17
C LYS A 429 22.98 -30.95 -38.50
N GLN A 430 23.86 -31.93 -38.66
CA GLN A 430 25.24 -31.66 -39.01
C GLN A 430 25.29 -30.72 -40.23
N GLU A 431 24.58 -31.11 -41.29
CA GLU A 431 24.48 -30.29 -42.52
C GLU A 431 23.89 -28.90 -42.25
N VAL A 432 22.86 -28.82 -41.41
CA VAL A 432 22.27 -27.52 -41.06
C VAL A 432 23.27 -26.62 -40.33
N VAL A 433 23.95 -27.16 -39.32
CA VAL A 433 24.91 -26.41 -38.50
C VAL A 433 26.02 -25.89 -39.38
N THR A 434 26.61 -26.76 -40.20
CA THR A 434 27.76 -26.39 -41.02
C THR A 434 27.45 -25.19 -41.90
N TRP A 435 26.29 -25.20 -42.57
CA TRP A 435 25.91 -24.05 -43.43
C TRP A 435 25.49 -22.82 -42.58
N ALA A 436 24.65 -23.05 -41.56
CA ALA A 436 24.09 -21.94 -40.74
C ALA A 436 25.15 -21.21 -39.92
N GLY A 437 26.06 -21.98 -39.31
CA GLY A 437 27.16 -21.45 -38.52
C GLY A 437 28.17 -20.63 -39.31
N ALA A 438 28.16 -20.77 -40.63
CA ALA A 438 29.04 -19.99 -41.49
C ALA A 438 28.49 -18.61 -41.86
N LEU A 439 27.18 -18.42 -41.81
CA LEU A 439 26.55 -17.16 -42.28
C LEU A 439 26.80 -15.95 -41.35
N PRO A 440 26.83 -14.71 -41.91
CA PRO A 440 26.94 -13.49 -41.08
C PRO A 440 25.92 -13.45 -39.95
N PHE A 441 26.42 -13.14 -38.73
CA PHE A 441 25.59 -13.10 -37.53
C PHE A 441 25.72 -11.72 -36.89
N PRO A 442 24.62 -10.93 -36.91
CA PRO A 442 24.71 -9.60 -36.31
C PRO A 442 24.92 -9.67 -34.78
N MET B 1 23.22 -9.36 -44.34
CA MET B 1 22.68 -8.15 -45.05
C MET B 1 22.18 -7.11 -44.03
N PHE B 2 23.05 -6.76 -43.10
CA PHE B 2 22.75 -5.83 -42.00
C PHE B 2 23.87 -4.81 -41.82
N ASN B 3 23.61 -3.80 -40.98
CA ASN B 3 24.64 -2.87 -40.55
C ASN B 3 25.06 -3.12 -39.10
N ASN B 4 26.33 -3.49 -38.88
CA ASN B 4 26.87 -3.73 -37.52
C ASN B 4 27.86 -2.63 -37.08
N GLU B 5 27.83 -1.46 -37.73
CA GLU B 5 28.53 -0.29 -37.22
C GLU B 5 27.97 0.06 -35.82
N PRO B 6 28.85 0.43 -34.86
CA PRO B 6 28.38 0.80 -33.52
C PRO B 6 27.39 1.96 -33.48
N LEU B 7 26.70 2.06 -32.36
CA LEU B 7 25.63 3.04 -32.15
C LEU B 7 26.11 4.47 -32.40
N GLU B 8 27.31 4.77 -31.93
CA GLU B 8 27.94 6.08 -32.13
C GLU B 8 28.01 6.51 -33.62
N GLN B 9 28.45 5.60 -34.49
CA GLN B 9 28.56 5.88 -35.93
C GLN B 9 27.22 5.78 -36.67
N ILE B 10 26.48 4.68 -36.48
CA ILE B 10 25.17 4.50 -37.12
C ILE B 10 24.19 5.61 -36.78
N ASP B 11 24.18 6.08 -35.53
CA ASP B 11 23.23 7.11 -35.10
C ASP B 11 23.90 8.00 -34.09
N LYS B 12 24.67 8.98 -34.61
CA LYS B 12 25.30 10.00 -33.77
C LYS B 12 24.23 10.91 -33.12
N GLU B 13 23.12 11.16 -33.81
CA GLU B 13 22.05 12.02 -33.23
C GLU B 13 21.51 11.45 -31.90
N LEU B 14 21.12 10.17 -31.94
CA LEU B 14 20.55 9.48 -30.78
C LEU B 14 21.61 9.25 -29.73
N HIS B 15 22.84 8.97 -30.15
CA HIS B 15 23.91 8.65 -29.21
C HIS B 15 24.25 9.83 -28.32
N ASP B 16 24.08 11.04 -28.86
CA ASP B 16 24.37 12.26 -28.12
C ASP B 16 23.33 12.57 -27.06
N ILE B 17 22.06 12.29 -27.39
CA ILE B 17 20.97 12.45 -26.42
C ILE B 17 21.17 11.47 -25.26
N LEU B 18 21.60 10.24 -25.55
CA LEU B 18 21.86 9.23 -24.51
C LEU B 18 23.12 9.54 -23.70
N ALA B 19 24.17 10.04 -24.34
CA ALA B 19 25.34 10.53 -23.59
C ALA B 19 24.94 11.68 -22.63
N ASP B 20 24.00 12.51 -23.09
CA ASP B 20 23.41 13.58 -22.30
C ASP B 20 22.59 13.04 -21.14
N GLU B 21 21.62 12.15 -21.44
CA GLU B 21 20.78 11.50 -20.40
C GLU B 21 21.69 10.87 -19.34
N GLU B 22 22.72 10.15 -19.78
CA GLU B 22 23.71 9.57 -18.85
C GLU B 22 24.36 10.57 -17.90
N LYS B 23 24.79 11.71 -18.44
CA LYS B 23 25.40 12.76 -17.65
C LYS B 23 24.33 13.34 -16.68
N ARG B 24 23.14 13.67 -17.17
CA ARG B 24 22.08 14.15 -16.29
C ARG B 24 21.80 13.18 -15.09
N GLN B 25 21.76 11.86 -15.33
CA GLN B 25 21.52 10.90 -14.25
C GLN B 25 22.63 10.93 -13.21
N ARG B 26 23.85 11.01 -13.73
CA ARG B 26 25.09 11.03 -12.94
C ARG B 26 25.17 12.26 -12.02
N GLU B 27 24.65 13.40 -12.49
CA GLU B 27 24.75 14.68 -11.79
C GLU B 27 23.40 15.11 -11.18
N THR B 28 22.54 14.16 -10.82
CA THR B 28 21.22 14.48 -10.26
C THR B 28 21.03 13.84 -8.88
N ILE B 29 20.35 14.57 -8.00
CA ILE B 29 19.80 13.99 -6.77
C ILE B 29 18.43 13.41 -7.14
N ASN B 30 18.42 12.09 -7.31
CA ASN B 30 17.21 11.39 -7.77
C ASN B 30 16.35 10.99 -6.57
N LEU B 31 15.27 11.70 -6.35
CA LEU B 31 14.36 11.34 -5.25
C LEU B 31 13.05 10.75 -5.74
N ILE B 32 12.97 10.29 -6.99
CA ILE B 32 11.72 9.65 -7.46
C ILE B 32 11.62 8.31 -6.73
N ALA B 33 10.50 8.10 -6.07
CA ALA B 33 10.37 6.99 -5.12
C ALA B 33 10.33 5.67 -5.88
N SER B 34 9.74 5.71 -7.08
CA SER B 34 9.70 4.59 -8.02
C SER B 34 10.92 4.31 -8.91
N GLU B 35 12.04 5.01 -8.73
CA GLU B 35 13.18 4.84 -9.63
C GLU B 35 14.38 4.29 -8.91
N ASN B 36 15.22 3.59 -9.66
CA ASN B 36 16.48 3.06 -9.14
C ASN B 36 17.48 3.07 -10.26
N LEU B 37 18.65 2.52 -10.01
CA LEU B 37 19.64 2.35 -11.07
C LEU B 37 20.12 0.92 -11.12
N THR B 38 19.99 0.31 -12.29
CA THR B 38 20.34 -1.09 -12.49
C THR B 38 21.85 -1.24 -12.62
N ASN B 39 22.41 -2.33 -12.12
CA ASN B 39 23.82 -2.64 -12.41
C ASN B 39 24.06 -3.03 -13.87
N GLY B 40 25.35 -3.08 -14.25
CA GLY B 40 25.78 -3.46 -15.59
C GLY B 40 25.38 -4.88 -16.00
N ALA B 41 25.33 -5.81 -15.05
CA ALA B 41 24.85 -7.16 -15.35
C ALA B 41 23.39 -7.22 -15.80
N VAL B 42 22.52 -6.42 -15.20
CA VAL B 42 21.12 -6.33 -15.66
C VAL B 42 21.01 -5.63 -17.03
N ARG B 43 21.90 -4.69 -17.32
CA ARG B 43 21.92 -4.02 -18.64
C ARG B 43 22.53 -4.86 -19.79
N GLU B 44 23.44 -5.77 -19.48
CA GLU B 44 23.90 -6.82 -20.40
C GLU B 44 22.79 -7.82 -20.79
N CYS B 45 21.93 -8.17 -19.85
CA CYS B 45 20.74 -9.02 -20.14
C CYS B 45 19.77 -8.33 -21.06
N LEU B 46 19.49 -7.06 -20.77
CA LEU B 46 18.51 -6.30 -21.55
C LEU B 46 19.02 -6.11 -22.95
N GLY B 47 20.35 -6.03 -23.12
CA GLY B 47 20.98 -5.97 -24.44
C GLY B 47 21.18 -7.29 -25.19
N ASN B 48 20.67 -8.40 -24.65
CA ASN B 48 21.13 -9.74 -25.08
C ASN B 48 20.27 -10.23 -26.24
N ARG B 49 20.89 -11.01 -27.14
CA ARG B 49 20.15 -11.59 -28.29
C ARG B 49 18.96 -12.50 -27.96
N VAL B 50 18.74 -12.84 -26.71
CA VAL B 50 17.58 -13.65 -26.37
C VAL B 50 16.24 -13.00 -26.73
N SER B 51 16.21 -11.65 -26.84
CA SER B 51 15.01 -10.90 -27.33
C SER B 51 14.66 -11.16 -28.80
N ASN B 52 15.56 -11.81 -29.55
CA ASN B 52 15.19 -12.36 -30.87
C ASN B 52 14.08 -13.46 -30.87
N LYS B 53 13.93 -14.17 -29.77
CA LYS B 53 13.11 -15.39 -29.77
C LYS B 53 11.66 -15.16 -29.49
N TYR B 54 10.80 -15.64 -30.37
CA TYR B 54 9.37 -15.75 -30.10
C TYR B 54 9.16 -17.04 -29.34
N SER B 55 8.55 -16.94 -28.18
CA SER B 55 8.40 -18.10 -27.32
C SER B 55 7.10 -18.05 -26.59
N GLU B 56 6.06 -17.86 -27.38
CA GLU B 56 4.67 -17.80 -26.93
C GLU B 56 4.19 -19.09 -26.27
N GLY B 57 3.49 -18.96 -25.17
CA GLY B 57 3.15 -20.12 -24.34
C GLY B 57 3.95 -20.14 -23.06
N TYR B 58 4.14 -21.33 -22.51
CA TYR B 58 4.87 -21.55 -21.25
C TYR B 58 5.95 -22.58 -21.50
N PRO B 59 6.92 -22.73 -20.56
CA PRO B 59 8.04 -23.65 -20.82
C PRO B 59 7.57 -25.10 -21.08
N LYS B 60 8.14 -25.73 -22.11
CA LYS B 60 7.72 -27.05 -22.67
C LYS B 60 6.47 -27.04 -23.57
N LYS B 61 5.75 -25.93 -23.65
CA LYS B 61 4.48 -25.86 -24.38
C LYS B 61 4.47 -24.67 -25.33
N ARG B 62 5.54 -24.56 -26.11
CA ARG B 62 5.81 -23.43 -26.95
C ARG B 62 5.28 -23.58 -28.38
N TYR B 63 4.70 -22.52 -28.90
CA TYR B 63 4.16 -22.55 -30.24
C TYR B 63 5.23 -22.32 -31.28
N TYR B 64 6.48 -22.20 -30.84
CA TYR B 64 7.60 -22.10 -31.74
C TYR B 64 8.64 -23.12 -31.32
N GLY B 65 9.49 -23.48 -32.29
CA GLY B 65 10.63 -24.34 -32.08
C GLY B 65 11.88 -23.53 -31.79
N GLY B 66 12.86 -24.16 -31.15
CA GLY B 66 14.14 -23.53 -30.83
C GLY B 66 14.13 -22.87 -29.47
N ASN B 67 13.28 -23.35 -28.58
CA ASN B 67 13.04 -22.73 -27.27
C ASN B 67 13.67 -23.48 -26.09
N ASP B 68 14.63 -24.35 -26.37
CA ASP B 68 15.26 -25.20 -25.35
C ASP B 68 15.91 -24.35 -24.23
N PHE B 69 16.79 -23.44 -24.63
CA PHE B 69 17.48 -22.56 -23.68
C PHE B 69 16.60 -21.43 -23.10
N ILE B 70 15.59 -20.96 -23.87
CA ILE B 70 14.54 -20.05 -23.35
C ILE B 70 13.72 -20.62 -22.20
N ASP B 71 13.35 -21.89 -22.28
CA ASP B 71 12.56 -22.54 -21.21
C ASP B 71 13.35 -22.66 -19.90
N LYS B 72 14.67 -22.79 -20.00
CA LYS B 72 15.54 -22.84 -18.81
C LYS B 72 15.59 -21.49 -18.13
N ILE B 73 15.87 -20.44 -18.92
CA ILE B 73 15.83 -19.05 -18.46
C ILE B 73 14.49 -18.76 -17.83
N GLU B 74 13.39 -19.12 -18.48
CA GLU B 74 12.09 -18.83 -17.85
C GLU B 74 11.92 -19.58 -16.56
N GLU B 75 12.34 -20.85 -16.51
CA GLU B 75 12.20 -21.68 -15.24
C GLU B 75 13.13 -21.21 -14.11
N LEU B 76 14.36 -20.85 -14.48
CA LEU B 76 15.29 -20.26 -13.53
C LEU B 76 14.79 -18.93 -12.90
N CYS B 77 14.01 -18.14 -13.65
CA CYS B 77 13.45 -16.88 -13.13
C CYS B 77 12.36 -17.14 -12.14
N GLN B 78 11.49 -18.08 -12.46
CA GLN B 78 10.37 -18.47 -11.57
C GLN B 78 10.93 -19.02 -10.25
N LYS B 79 11.88 -19.94 -10.32
CA LYS B 79 12.47 -20.48 -9.08
C LYS B 79 13.01 -19.34 -8.20
N ARG B 80 13.88 -18.51 -8.79
CA ARG B 80 14.52 -17.39 -8.06
C ARG B 80 13.52 -16.38 -7.49
N ALA B 81 12.37 -16.22 -8.15
CA ALA B 81 11.31 -15.33 -7.67
C ALA B 81 10.66 -15.89 -6.43
N LEU B 82 10.27 -17.15 -6.51
CA LEU B 82 9.70 -17.86 -5.35
C LEU B 82 10.71 -17.95 -4.20
N GLU B 83 11.98 -18.18 -4.52
CA GLU B 83 13.05 -18.13 -3.50
C GLU B 83 13.26 -16.74 -2.88
N ALA B 84 13.22 -15.67 -3.69
CA ALA B 84 13.43 -14.31 -3.20
C ALA B 84 12.36 -13.88 -2.21
N PHE B 85 11.11 -14.24 -2.46
CA PHE B 85 10.01 -13.87 -1.54
C PHE B 85 9.64 -14.95 -0.52
N ASN B 86 10.54 -15.91 -0.31
CA ASN B 86 10.47 -16.83 0.83
C ASN B 86 9.16 -17.59 0.87
N VAL B 87 8.83 -18.21 -0.26
CA VAL B 87 7.60 -18.97 -0.41
C VAL B 87 7.98 -20.26 -1.08
N SER B 88 7.13 -21.27 -0.83
CA SER B 88 7.38 -22.64 -1.28
C SER B 88 6.80 -22.83 -2.68
N ASP B 89 7.58 -23.42 -3.59
CA ASP B 89 7.05 -23.80 -4.91
C ASP B 89 5.87 -24.81 -4.85
N GLU B 90 5.61 -25.35 -3.65
CA GLU B 90 4.49 -26.28 -3.42
C GLU B 90 3.17 -25.53 -3.38
N GLU B 91 3.12 -24.42 -2.61
CA GLU B 91 1.88 -23.63 -2.44
C GLU B 91 1.78 -22.28 -3.19
N TRP B 92 2.90 -21.78 -3.72
CA TRP B 92 2.89 -20.47 -4.42
C TRP B 92 3.40 -20.64 -5.84
N GLY B 93 2.67 -20.06 -6.79
CA GLY B 93 3.17 -19.96 -8.16
C GLY B 93 3.46 -18.54 -8.61
N VAL B 94 4.25 -18.44 -9.67
CA VAL B 94 4.64 -17.16 -10.25
C VAL B 94 4.68 -17.20 -11.77
N ASN B 95 3.94 -16.27 -12.39
CA ASN B 95 4.12 -15.89 -13.81
C ASN B 95 5.11 -14.69 -13.94
N VAL B 96 6.08 -14.84 -14.82
CA VAL B 96 7.19 -13.91 -15.01
C VAL B 96 7.16 -13.24 -16.40
N GLN B 97 6.03 -13.37 -17.11
CA GLN B 97 5.85 -12.78 -18.43
C GLN B 97 5.18 -11.41 -18.50
N PRO B 98 4.50 -10.94 -17.43
CA PRO B 98 3.92 -9.59 -17.56
C PRO B 98 4.94 -8.52 -17.91
N LEU B 99 4.59 -7.67 -18.87
CA LEU B 99 5.55 -6.74 -19.42
C LEU B 99 5.84 -5.54 -18.48
N SER B 100 4.90 -5.17 -17.64
CA SER B 100 5.13 -4.15 -16.63
C SER B 100 4.02 -4.19 -15.58
N GLY B 101 4.11 -3.28 -14.63
CA GLY B 101 3.20 -3.25 -13.50
C GLY B 101 1.72 -3.17 -13.79
N SER B 102 1.36 -2.34 -14.75
CA SER B 102 -0.05 -2.07 -15.03
C SER B 102 -0.65 -3.24 -15.79
N ALA B 103 0.14 -3.83 -16.69
CA ALA B 103 -0.26 -5.04 -17.40
C ALA B 103 -0.53 -6.21 -16.43
N ALA B 104 0.37 -6.44 -15.48
CA ALA B 104 0.24 -7.48 -14.47
C ALA B 104 -1.01 -7.35 -13.62
N ASN B 105 -1.30 -6.12 -13.17
CA ASN B 105 -2.47 -5.89 -12.34
C ASN B 105 -3.78 -6.05 -13.09
N VAL B 106 -3.85 -5.64 -14.36
CA VAL B 106 -5.08 -5.82 -15.14
C VAL B 106 -5.34 -7.27 -15.49
N GLN B 107 -4.27 -8.00 -15.78
CA GLN B 107 -4.30 -9.41 -16.05
C GLN B 107 -4.75 -10.19 -14.80
N ALA B 108 -4.11 -9.93 -13.67
CA ALA B 108 -4.43 -10.66 -12.45
C ALA B 108 -5.87 -10.40 -12.01
N LEU B 109 -6.33 -9.17 -12.13
CA LEU B 109 -7.72 -8.84 -11.81
C LEU B 109 -8.67 -9.57 -12.73
N TYR B 110 -8.34 -9.60 -14.01
CA TYR B 110 -9.21 -10.25 -14.98
C TYR B 110 -9.41 -11.74 -14.62
N ALA B 111 -8.29 -12.44 -14.44
CA ALA B 111 -8.30 -13.83 -13.97
C ALA B 111 -9.32 -14.08 -12.86
N LEU B 112 -9.34 -13.20 -11.85
CA LEU B 112 -10.18 -13.34 -10.66
C LEU B 112 -11.64 -13.05 -10.87
N VAL B 113 -11.94 -11.95 -11.55
CA VAL B 113 -13.29 -11.44 -11.64
C VAL B 113 -13.93 -11.37 -13.00
N GLY B 114 -13.13 -11.35 -14.07
CA GLY B 114 -13.65 -11.23 -15.42
C GLY B 114 -14.27 -9.87 -15.71
N VAL B 115 -14.71 -9.70 -16.95
CA VAL B 115 -15.29 -8.42 -17.39
C VAL B 115 -16.51 -8.11 -16.53
N LYS B 116 -16.69 -6.82 -16.25
CA LYS B 116 -17.67 -6.26 -15.33
C LYS B 116 -17.63 -6.83 -13.90
N GLY B 117 -16.56 -7.54 -13.53
CA GLY B 117 -16.37 -7.99 -12.16
C GLY B 117 -16.26 -6.83 -11.19
N LYS B 118 -16.51 -7.09 -9.90
CA LYS B 118 -16.51 -6.03 -8.89
C LYS B 118 -15.15 -5.97 -8.15
N ILE B 119 -14.59 -4.76 -8.04
CA ILE B 119 -13.30 -4.60 -7.34
C ILE B 119 -13.24 -3.37 -6.40
N MET B 120 -12.31 -3.45 -5.45
CA MET B 120 -12.10 -2.38 -4.50
C MET B 120 -10.63 -2.09 -4.40
N GLY B 121 -10.32 -0.80 -4.46
CA GLY B 121 -8.95 -0.32 -4.33
C GLY B 121 -9.01 1.03 -3.65
N MET B 122 -7.84 1.46 -3.19
CA MET B 122 -7.66 2.78 -2.59
C MET B 122 -7.68 3.83 -3.66
N HIS B 123 -8.20 5.01 -3.30
CA HIS B 123 -8.32 6.13 -4.21
C HIS B 123 -6.93 6.62 -4.63
N LEU B 124 -6.82 7.10 -5.86
CA LEU B 124 -5.56 7.71 -6.33
C LEU B 124 -5.08 8.82 -5.39
N CYS B 125 -5.90 9.89 -5.26
CA CYS B 125 -5.76 10.97 -4.24
C CYS B 125 -5.40 10.56 -2.81
N SER B 126 -5.64 9.30 -2.45
CA SER B 126 -5.30 8.80 -1.12
C SER B 126 -4.05 7.93 -1.06
N GLY B 127 -3.42 7.69 -2.21
CA GLY B 127 -2.23 6.83 -2.30
C GLY B 127 -2.34 5.59 -3.17
N GLY B 128 -3.51 5.30 -3.72
CA GLY B 128 -3.70 4.11 -4.55
C GLY B 128 -3.30 4.33 -5.99
N HIS B 129 -3.11 3.24 -6.73
CA HIS B 129 -2.70 3.28 -8.13
C HIS B 129 -3.85 3.42 -9.08
N LEU B 130 -3.53 3.86 -10.29
CA LEU B 130 -4.47 3.91 -11.41
C LEU B 130 -5.11 2.54 -11.66
N THR B 131 -4.30 1.47 -11.63
CA THR B 131 -4.81 0.12 -11.88
C THR B 131 -5.58 -0.50 -10.71
N HIS B 132 -5.89 0.31 -9.69
CA HIS B 132 -6.70 -0.12 -8.57
C HIS B 132 -8.10 0.44 -8.72
N GLY B 133 -8.57 0.53 -9.96
CA GLY B 133 -9.93 0.95 -10.21
C GLY B 133 -10.19 2.44 -10.27
N PHE B 134 -9.16 3.25 -10.52
CA PHE B 134 -9.32 4.69 -10.44
C PHE B 134 -10.15 5.27 -11.56
N PHE B 135 -11.11 6.10 -11.16
CA PHE B 135 -11.89 6.92 -12.07
C PHE B 135 -12.17 8.30 -11.45
N ASP B 136 -12.73 9.17 -12.29
CA ASP B 136 -13.20 10.52 -11.93
C ASP B 136 -14.70 10.55 -12.21
N GLU B 137 -15.42 11.50 -11.63
CA GLU B 137 -16.86 11.72 -11.98
C GLU B 137 -17.04 11.94 -13.50
N LYS B 138 -16.09 12.65 -14.11
CA LYS B 138 -16.09 12.97 -15.54
C LYS B 138 -15.67 11.83 -16.49
N LYS B 139 -14.84 10.88 -16.04
CA LYS B 139 -14.41 9.79 -16.93
C LYS B 139 -13.81 8.57 -16.22
N LYS B 140 -13.98 7.41 -16.86
CA LYS B 140 -13.28 6.17 -16.47
C LYS B 140 -11.81 6.20 -16.94
N VAL B 141 -10.96 6.68 -16.04
CA VAL B 141 -9.58 7.02 -16.35
C VAL B 141 -8.73 5.76 -16.55
N SER B 142 -8.83 4.81 -15.61
CA SER B 142 -8.18 3.51 -15.78
C SER B 142 -9.15 2.56 -16.42
N ILE B 143 -8.64 1.67 -17.27
CA ILE B 143 -9.40 0.52 -17.77
C ILE B 143 -9.97 -0.32 -16.63
N THR B 144 -9.27 -0.36 -15.50
CA THR B 144 -9.71 -1.13 -14.35
C THR B 144 -11.00 -0.58 -13.75
N SER B 145 -11.41 0.63 -14.08
CA SER B 145 -12.71 1.14 -13.64
C SER B 145 -13.82 0.96 -14.68
N ASP B 146 -13.48 0.55 -15.90
CA ASP B 146 -14.45 0.43 -17.00
C ASP B 146 -14.71 -1.03 -17.37
N MET B 147 -13.64 -1.79 -17.50
CA MET B 147 -13.77 -3.19 -17.82
C MET B 147 -14.20 -3.98 -16.58
N PHE B 148 -14.01 -3.38 -15.41
CA PHE B 148 -14.49 -3.86 -14.12
C PHE B 148 -15.44 -2.82 -13.54
N GLU B 149 -16.24 -3.22 -12.53
CA GLU B 149 -16.99 -2.27 -11.70
C GLU B 149 -16.14 -2.03 -10.45
N SER B 150 -15.79 -0.78 -10.19
CA SER B 150 -14.87 -0.47 -9.09
C SER B 150 -15.50 0.51 -8.13
N LYS B 151 -15.03 0.45 -6.88
CA LYS B 151 -15.40 1.37 -5.83
C LYS B 151 -14.11 1.69 -5.10
N LEU B 152 -13.96 2.93 -4.64
CA LEU B 152 -12.67 3.41 -4.15
C LEU B 152 -12.78 3.83 -2.71
N TYR B 153 -11.82 3.40 -1.87
CA TYR B 153 -11.85 3.75 -0.45
C TYR B 153 -10.83 4.84 -0.09
N LYS B 154 -11.35 5.95 0.42
CA LYS B 154 -10.52 7.07 0.85
C LYS B 154 -9.88 6.71 2.17
N CYS B 155 -8.72 7.32 2.43
CA CYS B 155 -8.07 7.25 3.74
C CYS B 155 -8.71 8.33 4.62
N ASN B 156 -8.40 8.33 5.91
CA ASN B 156 -8.87 9.41 6.82
C ASN B 156 -8.12 10.74 6.57
N SER B 157 -8.61 11.83 7.15
CA SER B 157 -8.00 13.16 6.96
C SER B 157 -6.53 13.28 7.48
N GLN B 158 -6.14 12.37 8.38
CA GLN B 158 -4.73 12.25 8.85
C GLN B 158 -3.81 11.49 7.87
N GLY B 159 -4.36 10.89 6.82
CA GLY B 159 -3.57 10.19 5.78
C GLY B 159 -3.43 8.67 5.88
N TYR B 160 -4.15 8.05 6.84
CA TYR B 160 -4.07 6.61 7.10
C TYR B 160 -5.26 5.88 6.49
N VAL B 161 -5.05 4.62 6.07
CA VAL B 161 -6.10 3.73 5.55
C VAL B 161 -7.19 3.52 6.62
N ASP B 162 -8.45 3.78 6.26
CA ASP B 162 -9.56 3.70 7.22
C ASP B 162 -10.29 2.36 7.13
N LEU B 163 -9.88 1.39 7.95
CA LEU B 163 -10.41 0.04 7.83
C LEU B 163 -11.90 -0.04 8.15
N ASP B 164 -12.36 0.83 9.06
CA ASP B 164 -13.79 1.03 9.31
C ASP B 164 -14.56 1.32 8.01
N ALA B 165 -13.98 2.15 7.14
CA ALA B 165 -14.60 2.49 5.86
C ALA B 165 -14.51 1.35 4.86
N VAL B 166 -13.36 0.68 4.81
CA VAL B 166 -13.15 -0.48 3.93
C VAL B 166 -14.26 -1.51 4.16
N ARG B 167 -14.45 -1.87 5.44
CA ARG B 167 -15.50 -2.82 5.85
C ARG B 167 -16.92 -2.31 5.56
N GLU B 168 -17.22 -1.04 5.84
CA GLU B 168 -18.54 -0.49 5.46
C GLU B 168 -18.76 -0.67 3.96
N MET B 169 -17.72 -0.41 3.15
CA MET B 169 -17.83 -0.49 1.69
C MET B 169 -17.96 -1.93 1.20
N ALA B 170 -17.09 -2.81 1.67
CA ALA B 170 -17.12 -4.21 1.25
C ALA B 170 -18.48 -4.93 1.51
N LEU B 171 -19.14 -4.63 2.63
CA LEU B 171 -20.42 -5.26 2.97
C LEU B 171 -21.55 -4.83 2.02
N SER B 172 -21.57 -3.55 1.66
CA SER B 172 -22.59 -2.99 0.77
C SER B 172 -22.33 -3.33 -0.70
N PHE B 173 -21.11 -3.05 -1.14
CA PHE B 173 -20.72 -3.20 -2.53
C PHE B 173 -20.50 -4.66 -2.93
N LYS B 174 -19.91 -5.46 -2.03
CA LYS B 174 -19.77 -6.92 -2.22
C LYS B 174 -18.81 -7.27 -3.38
N PRO B 175 -17.57 -6.77 -3.33
CA PRO B 175 -16.69 -7.00 -4.47
C PRO B 175 -16.10 -8.38 -4.45
N LYS B 176 -15.69 -8.87 -5.62
CA LYS B 176 -14.90 -10.10 -5.69
C LYS B 176 -13.42 -9.92 -5.30
N VAL B 177 -12.86 -8.70 -5.40
CA VAL B 177 -11.44 -8.47 -5.01
C VAL B 177 -11.27 -7.17 -4.22
N ILE B 178 -10.30 -7.15 -3.30
CA ILE B 178 -9.93 -5.96 -2.57
C ILE B 178 -8.44 -5.77 -2.74
N ILE B 179 -8.07 -4.59 -3.22
CA ILE B 179 -6.68 -4.28 -3.52
C ILE B 179 -6.09 -3.49 -2.37
N CYS B 180 -4.93 -3.92 -1.91
CA CYS B 180 -4.11 -3.12 -1.04
C CYS B 180 -2.67 -3.17 -1.51
N GLY B 181 -1.81 -2.36 -0.88
CA GLY B 181 -0.43 -2.11 -1.37
C GLY B 181 -0.60 -0.97 -2.36
N TYR B 182 0.26 0.05 -2.30
CA TYR B 182 -0.10 1.34 -2.89
C TYR B 182 1.07 2.07 -3.54
N THR B 183 0.74 3.20 -4.17
CA THR B 183 1.76 3.92 -4.97
C THR B 183 2.47 5.02 -4.15
N SER B 184 1.74 5.77 -3.34
CA SER B 184 2.35 6.81 -2.51
C SER B 184 1.71 6.84 -1.12
N TYR B 185 1.86 5.72 -0.42
CA TYR B 185 1.36 5.55 0.92
C TYR B 185 2.59 5.29 1.76
N PRO B 186 2.89 6.20 2.73
CA PRO B 186 4.15 6.15 3.49
C PRO B 186 4.18 5.18 4.67
N ARG B 187 3.06 4.50 4.97
CA ARG B 187 3.00 3.57 6.10
C ARG B 187 2.77 2.10 5.71
N ASP B 188 2.97 1.23 6.69
CA ASP B 188 2.78 -0.21 6.53
C ASP B 188 1.29 -0.54 6.49
N ILE B 189 1.00 -1.72 5.98
CA ILE B 189 -0.34 -2.22 5.74
C ILE B 189 -0.62 -3.37 6.72
N ASP B 190 -1.75 -3.34 7.42
CA ASP B 190 -2.23 -4.51 8.18
C ASP B 190 -2.99 -5.43 7.20
N TYR B 191 -2.27 -6.39 6.63
CA TYR B 191 -2.86 -7.33 5.68
C TYR B 191 -3.83 -8.28 6.37
N GLN B 192 -3.43 -8.80 7.55
CA GLN B 192 -4.34 -9.58 8.41
C GLN B 192 -5.76 -9.01 8.46
N GLN B 193 -5.89 -7.70 8.69
CA GLN B 193 -7.22 -7.07 8.78
C GLN B 193 -7.88 -7.07 7.42
N PHE B 194 -7.09 -6.91 6.37
CA PHE B 194 -7.64 -6.99 5.02
C PHE B 194 -8.18 -8.40 4.73
N ARG B 195 -7.41 -9.42 5.14
CA ARG B 195 -7.86 -10.83 5.05
C ARG B 195 -9.20 -11.12 5.74
N GLN B 196 -9.38 -10.57 6.94
CA GLN B 196 -10.62 -10.78 7.71
C GLN B 196 -11.82 -10.11 7.02
N ILE B 197 -11.57 -8.97 6.35
CA ILE B 197 -12.64 -8.29 5.59
C ILE B 197 -12.92 -9.01 4.28
N CYS B 198 -11.89 -9.54 3.66
CA CYS B 198 -12.06 -10.34 2.44
C CYS B 198 -12.85 -11.62 2.77
N ASP B 199 -12.44 -12.34 3.82
CA ASP B 199 -13.15 -13.54 4.31
C ASP B 199 -14.63 -13.31 4.75
N GLU B 200 -14.95 -12.12 5.24
CA GLU B 200 -16.32 -11.77 5.62
C GLU B 200 -17.27 -11.75 4.45
N VAL B 201 -16.74 -11.41 3.29
CA VAL B 201 -17.53 -11.19 2.10
C VAL B 201 -17.13 -12.12 0.93
N ASN B 202 -16.22 -13.06 1.19
CA ASN B 202 -15.76 -14.07 0.20
C ASN B 202 -15.12 -13.44 -1.04
N ALA B 203 -14.46 -12.30 -0.82
CA ALA B 203 -13.68 -11.60 -1.85
C ALA B 203 -12.23 -12.07 -1.82
N TYR B 204 -11.56 -12.01 -2.95
CA TYR B 204 -10.11 -12.25 -3.02
C TYR B 204 -9.27 -11.11 -2.42
N LEU B 205 -8.13 -11.45 -1.79
CA LEU B 205 -7.16 -10.47 -1.27
C LEU B 205 -5.98 -10.27 -2.21
N PHE B 206 -5.91 -9.06 -2.77
CA PHE B 206 -4.96 -8.65 -3.80
C PHE B 206 -4.00 -7.64 -3.16
N ALA B 207 -2.72 -7.98 -3.10
CA ALA B 207 -1.69 -7.13 -2.55
C ALA B 207 -0.69 -6.79 -3.64
N ASP B 208 -0.59 -5.52 -3.96
CA ASP B 208 0.35 -5.02 -4.99
C ASP B 208 1.40 -4.33 -4.21
N ILE B 209 2.59 -4.93 -4.17
CA ILE B 209 3.68 -4.53 -3.30
C ILE B 209 4.90 -3.95 -4.06
N SER B 210 4.65 -3.40 -5.26
CA SER B 210 5.68 -2.87 -6.16
C SER B 210 6.63 -1.89 -5.48
N HIS B 211 6.04 -0.94 -4.77
CA HIS B 211 6.85 0.06 -4.03
C HIS B 211 7.66 -0.45 -2.86
N ILE B 212 7.19 -1.52 -2.20
CA ILE B 212 7.74 -1.98 -0.94
C ILE B 212 8.32 -3.40 -1.04
N SER B 213 8.47 -3.90 -2.27
CA SER B 213 8.76 -5.33 -2.51
C SER B 213 9.98 -5.85 -1.76
N SER B 214 11.07 -5.11 -1.85
CA SER B 214 12.33 -5.45 -1.20
C SER B 214 12.18 -5.61 0.29
N PHE B 215 11.37 -4.76 0.89
CA PHE B 215 11.13 -4.81 2.32
C PHE B 215 10.43 -6.14 2.64
N VAL B 216 9.48 -6.53 1.80
CA VAL B 216 8.71 -7.76 1.98
C VAL B 216 9.61 -8.97 1.84
N ALA B 217 10.39 -9.02 0.78
CA ALA B 217 11.35 -10.08 0.55
C ALA B 217 12.39 -10.24 1.65
N CYS B 218 12.81 -9.14 2.27
CA CYS B 218 13.83 -9.20 3.31
C CYS B 218 13.27 -9.19 4.76
N ASN B 219 11.95 -9.38 4.91
CA ASN B 219 11.25 -9.41 6.22
C ASN B 219 11.46 -8.21 7.17
N ILE B 220 11.59 -7.02 6.55
CA ILE B 220 11.70 -5.76 7.25
C ILE B 220 10.30 -5.18 7.49
N LEU B 221 9.38 -5.44 6.57
CA LEU B 221 7.99 -5.00 6.75
C LEU B 221 7.06 -6.23 6.72
N ASN B 222 5.78 -5.99 6.96
CA ASN B 222 4.79 -7.06 6.99
C ASN B 222 4.83 -7.90 5.72
N ASN B 223 4.48 -9.18 5.87
CA ASN B 223 4.50 -10.12 4.77
C ASN B 223 3.07 -10.42 4.30
N PRO B 224 2.68 -9.91 3.13
CA PRO B 224 1.35 -10.22 2.66
C PRO B 224 1.19 -11.66 2.14
N PHE B 225 2.28 -12.40 1.95
CA PHE B 225 2.20 -13.78 1.47
C PHE B 225 1.51 -14.72 2.51
N LEU B 226 1.44 -14.27 3.76
CA LEU B 226 0.76 -15.01 4.79
C LEU B 226 -0.76 -14.98 4.59
N HIS B 227 -1.28 -13.91 3.98
CA HIS B 227 -2.74 -13.71 3.89
C HIS B 227 -3.32 -13.60 2.50
N ALA B 228 -2.54 -13.11 1.52
CA ALA B 228 -3.09 -12.77 0.22
C ALA B 228 -3.25 -13.95 -0.73
N ASP B 229 -4.28 -13.89 -1.56
CA ASP B 229 -4.46 -14.85 -2.65
C ASP B 229 -3.55 -14.54 -3.84
N VAL B 230 -3.47 -13.25 -4.21
CA VAL B 230 -2.56 -12.76 -5.27
C VAL B 230 -1.63 -11.63 -4.78
N VAL B 231 -0.35 -11.71 -5.14
CA VAL B 231 0.58 -10.62 -4.89
C VAL B 231 1.20 -10.15 -6.21
N THR B 232 0.96 -8.90 -6.60
CA THR B 232 1.65 -8.34 -7.81
C THR B 232 2.82 -7.43 -7.46
N THR B 233 3.83 -7.43 -8.30
CA THR B 233 4.95 -6.54 -8.11
C THR B 233 5.76 -6.28 -9.36
N THR B 234 6.14 -5.00 -9.50
CA THR B 234 7.04 -4.56 -10.53
C THR B 234 8.41 -4.95 -10.08
N THR B 235 9.35 -5.11 -10.99
CA THR B 235 10.73 -5.46 -10.62
C THR B 235 11.76 -4.29 -10.69
N HIS B 236 11.30 -3.10 -11.10
CA HIS B 236 12.19 -1.92 -11.48
C HIS B 236 12.31 -0.80 -10.44
N LYS B 237 11.63 -0.95 -9.30
CA LYS B 237 11.70 0.06 -8.25
C LYS B 237 12.72 -0.35 -7.17
N ILE B 238 12.25 -0.54 -5.94
CA ILE B 238 13.17 -0.80 -4.83
C ILE B 238 13.97 -2.09 -5.08
N LEU B 239 13.33 -3.07 -5.72
CA LEU B 239 13.95 -4.37 -6.09
C LEU B 239 15.12 -4.24 -7.03
N ARG B 240 15.15 -3.13 -7.77
CA ARG B 240 16.31 -2.74 -8.56
C ARG B 240 16.57 -3.66 -9.77
N GLY B 241 15.51 -4.16 -10.38
CA GLY B 241 15.63 -4.99 -11.57
C GLY B 241 15.26 -4.20 -12.81
N PRO B 242 14.93 -4.92 -13.89
CA PRO B 242 14.50 -4.26 -15.10
C PRO B 242 13.05 -3.83 -15.00
N ARG B 243 12.54 -3.22 -16.05
CA ARG B 243 11.14 -2.88 -16.08
C ARG B 243 10.35 -4.13 -16.47
N SER B 244 9.71 -4.73 -15.48
CA SER B 244 8.96 -5.96 -15.64
C SER B 244 8.04 -6.10 -14.46
N ALA B 245 7.14 -7.10 -14.53
CA ALA B 245 6.30 -7.41 -13.41
C ALA B 245 6.12 -8.93 -13.13
N LEU B 246 5.64 -9.22 -11.92
CA LEU B 246 5.50 -10.58 -11.40
C LEU B 246 4.13 -10.73 -10.80
N ILE B 247 3.42 -11.79 -11.20
CA ILE B 247 2.19 -12.17 -10.52
C ILE B 247 2.43 -13.45 -9.72
N PHE B 248 2.32 -13.30 -8.39
CA PHE B 248 2.32 -14.44 -7.47
C PHE B 248 0.89 -14.86 -7.14
N PHE B 249 0.64 -16.18 -7.13
CA PHE B 249 -0.69 -16.71 -6.82
C PHE B 249 -0.63 -17.83 -5.77
N ASN B 250 -1.59 -17.85 -4.86
CA ASN B 250 -1.63 -18.85 -3.78
C ASN B 250 -2.45 -20.11 -4.20
N LYS B 251 -1.76 -21.17 -4.59
CA LYS B 251 -2.37 -22.44 -5.03
C LYS B 251 -3.14 -23.20 -3.93
N LYS B 252 -2.59 -23.24 -2.71
CA LYS B 252 -3.24 -23.91 -1.56
C LYS B 252 -4.59 -23.31 -1.21
N ARG B 253 -4.63 -21.99 -1.13
CA ARG B 253 -5.85 -21.27 -0.76
C ARG B 253 -6.86 -21.31 -1.94
N ASN B 254 -6.37 -21.35 -3.18
CA ASN B 254 -7.22 -21.32 -4.39
C ASN B 254 -6.67 -22.23 -5.49
N PRO B 255 -6.96 -23.56 -5.41
CA PRO B 255 -6.45 -24.44 -6.46
C PRO B 255 -7.08 -24.13 -7.82
N GLY B 256 -6.34 -24.36 -8.88
CA GLY B 256 -6.78 -23.96 -10.21
C GLY B 256 -6.66 -22.46 -10.53
N ILE B 257 -6.04 -21.68 -9.63
CA ILE B 257 -5.74 -20.27 -9.90
C ILE B 257 -4.58 -20.21 -10.88
N GLU B 258 -3.64 -21.15 -10.78
CA GLU B 258 -2.49 -21.23 -11.67
C GLU B 258 -2.84 -21.15 -13.15
N GLN B 259 -3.84 -21.94 -13.55
CA GLN B 259 -4.34 -21.95 -14.93
C GLN B 259 -5.03 -20.62 -15.29
N LYS B 260 -5.85 -20.10 -14.38
CA LYS B 260 -6.54 -18.81 -14.53
C LYS B 260 -5.61 -17.59 -14.72
N ILE B 261 -4.56 -17.50 -13.91
CA ILE B 261 -3.55 -16.46 -14.01
C ILE B 261 -2.70 -16.66 -15.26
N ASN B 262 -2.25 -17.90 -15.49
CA ASN B 262 -1.43 -18.17 -16.66
C ASN B 262 -2.18 -17.94 -17.95
N SER B 263 -3.48 -18.24 -17.98
CA SER B 263 -4.27 -18.05 -19.19
C SER B 263 -4.58 -16.55 -19.38
N ALA B 264 -4.80 -15.80 -18.30
CA ALA B 264 -4.95 -14.33 -18.33
C ALA B 264 -3.75 -13.62 -18.94
N VAL B 265 -2.56 -14.08 -18.61
CA VAL B 265 -1.34 -13.47 -19.16
C VAL B 265 -1.29 -13.83 -20.63
N PHE B 266 -1.27 -15.13 -20.93
CA PHE B 266 -1.34 -15.58 -22.30
C PHE B 266 -2.31 -16.73 -22.42
N PRO B 267 -3.20 -16.76 -23.42
CA PRO B 267 -3.30 -15.80 -24.53
C PRO B 267 -4.36 -14.72 -24.36
N SER B 268 -4.87 -14.53 -23.14
CA SER B 268 -5.86 -13.50 -22.92
C SER B 268 -5.36 -12.08 -23.31
N PHE B 269 -4.20 -11.64 -22.77
CA PHE B 269 -3.73 -10.27 -22.95
C PHE B 269 -2.47 -10.14 -23.78
N GLN B 270 -1.43 -10.90 -23.47
CA GLN B 270 -0.14 -10.75 -24.14
C GLN B 270 0.02 -11.82 -25.20
N GLY B 271 1.04 -11.64 -26.04
CA GLY B 271 1.55 -12.66 -26.93
C GLY B 271 2.97 -13.05 -26.46
N GLY B 272 3.97 -12.79 -27.29
CA GLY B 272 5.31 -13.28 -27.04
C GLY B 272 5.97 -12.66 -25.81
N PRO B 273 6.57 -13.49 -24.92
CA PRO B 273 7.25 -12.87 -23.77
C PRO B 273 8.44 -12.10 -24.25
N HIS B 274 8.90 -11.18 -23.41
CA HIS B 274 10.08 -10.43 -23.69
C HIS B 274 11.20 -11.05 -22.91
N ASN B 275 11.99 -11.89 -23.58
CA ASN B 275 12.91 -12.79 -22.92
C ASN B 275 14.11 -12.12 -22.33
N ASN B 276 14.57 -11.04 -22.96
CA ASN B 276 15.62 -10.21 -22.39
C ASN B 276 15.19 -9.64 -21.02
N LYS B 277 13.91 -9.31 -20.87
CA LYS B 277 13.39 -8.92 -19.55
C LYS B 277 13.50 -10.05 -18.57
N ILE B 278 13.05 -11.22 -18.99
CA ILE B 278 13.01 -12.39 -18.12
C ILE B 278 14.44 -12.73 -17.68
N ALA B 279 15.36 -12.82 -18.64
CA ALA B 279 16.77 -12.94 -18.31
C ALA B 279 17.22 -11.87 -17.31
N ALA B 280 16.86 -10.61 -17.52
CA ALA B 280 17.27 -9.54 -16.61
C ALA B 280 16.68 -9.71 -15.22
N VAL B 281 15.42 -10.13 -15.14
CA VAL B 281 14.77 -10.34 -13.87
C VAL B 281 15.50 -11.43 -13.11
N ALA B 282 15.86 -12.50 -13.82
CA ALA B 282 16.54 -13.62 -13.21
C ALA B 282 17.82 -13.15 -12.57
N CYS B 283 18.59 -12.35 -13.28
CA CYS B 283 19.86 -11.79 -12.77
C CYS B 283 19.69 -10.95 -11.49
N GLN B 284 18.62 -10.18 -11.41
CA GLN B 284 18.44 -9.34 -10.25
C GLN B 284 17.88 -10.14 -9.07
N LEU B 285 17.05 -11.13 -9.36
CA LEU B 285 16.53 -11.99 -8.29
C LEU B 285 17.61 -12.81 -7.55
N LYS B 286 18.73 -13.12 -8.19
CA LYS B 286 19.83 -13.73 -7.47
C LYS B 286 20.46 -12.73 -6.52
N GLU B 287 20.59 -11.48 -6.95
CA GLU B 287 21.02 -10.42 -6.05
C GLU B 287 20.06 -10.23 -4.88
N VAL B 288 18.76 -10.26 -5.14
CA VAL B 288 17.78 -10.01 -4.09
C VAL B 288 17.96 -10.96 -2.91
N HIS B 289 18.35 -12.22 -3.18
CA HIS B 289 18.48 -13.24 -2.11
C HIS B 289 19.74 -13.15 -1.23
N SER B 290 20.82 -12.59 -1.76
CA SER B 290 22.04 -12.34 -1.00
C SER B 290 21.83 -11.51 0.29
N PRO B 291 22.79 -11.61 1.24
CA PRO B 291 22.72 -10.75 2.43
C PRO B 291 23.18 -9.32 2.14
N ALA B 292 23.97 -9.11 1.08
CA ALA B 292 24.35 -7.76 0.61
C ALA B 292 23.16 -6.86 0.23
N PHE B 293 22.09 -7.45 -0.31
CA PHE B 293 20.92 -6.70 -0.76
C PHE B 293 20.05 -6.33 0.44
N LYS B 294 19.91 -7.26 1.37
CA LYS B 294 19.27 -6.95 2.68
C LYS B 294 19.91 -5.70 3.29
N GLU B 295 21.25 -5.64 3.27
CA GLU B 295 21.98 -4.47 3.78
C GLU B 295 21.54 -3.19 3.06
N TYR B 296 21.47 -3.25 1.72
CA TYR B 296 21.00 -2.12 0.91
C TYR B 296 19.58 -1.68 1.31
N THR B 297 18.67 -2.65 1.40
CA THR B 297 17.26 -2.40 1.73
C THR B 297 17.11 -1.79 3.11
N GLN B 298 17.95 -2.23 4.04
CA GLN B 298 17.95 -1.69 5.38
C GLN B 298 18.35 -0.24 5.32
N GLN B 299 19.41 0.02 4.55
CA GLN B 299 19.87 1.39 4.32
C GLN B 299 18.79 2.32 3.73
N VAL B 300 17.88 1.77 2.90
CA VAL B 300 16.80 2.57 2.32
C VAL B 300 15.91 3.17 3.40
N LEU B 301 15.46 2.31 4.32
CA LEU B 301 14.60 2.73 5.44
C LEU B 301 15.41 3.59 6.42
N LEU B 302 16.67 3.26 6.67
CA LEU B 302 17.53 4.11 7.52
C LEU B 302 17.55 5.52 6.92
N ASN B 303 17.77 5.62 5.61
CA ASN B 303 17.87 6.92 4.94
C ASN B 303 16.55 7.63 4.94
N SER B 304 15.48 6.88 4.76
CA SER B 304 14.15 7.46 4.73
C SER B 304 13.75 8.05 6.07
N LYS B 305 14.03 7.34 7.16
CA LYS B 305 13.76 7.80 8.54
C LYS B 305 14.52 9.09 8.81
N ALA B 306 15.82 9.05 8.53
CA ALA B 306 16.68 10.22 8.68
C ALA B 306 16.20 11.43 7.85
N LEU B 307 15.73 11.17 6.62
CA LEU B 307 15.29 12.25 5.73
C LEU B 307 14.02 12.94 6.22
N ALA B 308 13.04 12.14 6.60
CA ALA B 308 11.81 12.63 7.25
C ALA B 308 12.11 13.43 8.50
N LYS B 309 13.06 12.91 9.28
CA LYS B 309 13.43 13.50 10.56
C LYS B 309 14.08 14.87 10.33
N ALA B 310 14.99 14.93 9.36
CA ALA B 310 15.66 16.19 9.03
C ALA B 310 14.71 17.23 8.39
N LEU B 311 13.70 16.78 7.65
CA LEU B 311 12.69 17.70 7.08
C LEU B 311 11.75 18.26 8.14
N ILE B 312 11.37 17.43 9.11
CA ILE B 312 10.56 17.89 10.24
C ILE B 312 11.34 18.88 11.09
N SER B 313 12.63 18.62 11.30
CA SER B 313 13.48 19.55 12.05
C SER B 313 13.62 20.95 11.38
N LYS B 314 13.35 21.00 10.06
CA LYS B 314 13.19 22.26 9.30
C LYS B 314 11.71 22.63 9.06
N GLN B 315 10.83 22.21 9.95
CA GLN B 315 9.43 22.68 9.98
C GLN B 315 8.60 22.36 8.72
N ILE B 316 8.98 21.31 8.02
CA ILE B 316 8.23 20.84 6.85
C ILE B 316 7.32 19.71 7.30
N ASP B 317 6.05 19.82 6.94
CA ASP B 317 5.04 18.81 7.23
C ASP B 317 5.07 17.63 6.26
N LEU B 318 5.00 16.43 6.84
CA LEU B 318 4.93 15.18 6.12
C LEU B 318 3.57 14.54 6.33
N VAL B 319 3.05 13.92 5.29
CA VAL B 319 1.83 13.11 5.40
C VAL B 319 2.05 11.96 6.39
N THR B 320 1.12 11.82 7.33
CA THR B 320 1.26 10.94 8.51
C THR B 320 2.43 11.31 9.43
N ASN B 321 2.98 12.52 9.29
CA ASN B 321 4.17 12.99 10.02
C ASN B 321 5.34 12.02 10.08
N GLY B 322 5.56 11.31 8.99
CA GLY B 322 6.69 10.38 8.90
C GLY B 322 6.38 9.23 7.96
N THR B 323 7.19 8.19 8.09
CA THR B 323 7.18 7.07 7.18
C THR B 323 7.71 5.77 7.83
N ASP B 324 7.14 4.64 7.41
CA ASP B 324 7.65 3.30 7.77
C ASP B 324 8.45 2.67 6.67
N ASN B 325 8.48 3.29 5.49
CA ASN B 325 9.12 2.70 4.34
C ASN B 325 10.10 3.70 3.72
N HIS B 326 10.40 3.48 2.45
CA HIS B 326 11.30 4.26 1.58
C HIS B 326 10.81 5.64 1.11
N LEU B 327 9.57 6.02 1.40
CA LEU B 327 8.96 7.17 0.79
C LEU B 327 8.28 8.14 1.77
N ILE B 328 8.26 9.42 1.39
CA ILE B 328 7.73 10.48 2.20
C ILE B 328 6.87 11.32 1.28
N VAL B 329 5.73 11.78 1.76
CA VAL B 329 4.96 12.81 1.02
C VAL B 329 5.02 14.12 1.80
N VAL B 330 5.54 15.17 1.18
CA VAL B 330 5.65 16.49 1.81
C VAL B 330 4.37 17.20 1.52
N ASP B 331 3.71 17.68 2.57
CA ASP B 331 2.54 18.56 2.45
C ASP B 331 2.99 20.04 2.37
N LEU B 332 2.71 20.68 1.23
CA LEU B 332 3.19 22.04 0.95
C LEU B 332 2.14 23.15 1.13
N ARG B 333 1.03 22.85 1.81
CA ARG B 333 0.00 23.87 2.07
C ARG B 333 0.46 25.02 2.98
N LYS B 334 1.27 24.76 3.99
CA LYS B 334 1.74 25.85 4.88
C LYS B 334 2.58 26.90 4.17
N PHE B 335 3.15 26.54 3.00
CA PHE B 335 3.97 27.44 2.21
C PHE B 335 3.19 28.11 1.05
N SER B 336 1.94 27.70 0.85
CA SER B 336 1.05 28.25 -0.18
C SER B 336 1.54 28.09 -1.64
N ILE B 337 2.41 27.09 -1.86
CA ILE B 337 2.88 26.72 -3.19
C ILE B 337 2.34 25.33 -3.54
N THR B 338 2.50 24.93 -4.80
CA THR B 338 2.04 23.65 -5.32
C THR B 338 3.23 22.75 -5.62
N GLY B 339 2.97 21.45 -5.76
CA GLY B 339 4.00 20.50 -6.16
C GLY B 339 4.43 20.61 -7.61
N SER B 340 3.54 21.06 -8.50
CA SER B 340 3.91 21.35 -9.90
C SER B 340 5.05 22.36 -9.91
N LYS B 341 4.87 23.42 -9.13
CA LYS B 341 5.90 24.46 -8.99
C LYS B 341 7.19 23.95 -8.38
N LEU B 342 7.10 23.12 -7.33
CA LEU B 342 8.32 22.61 -6.65
C LEU B 342 9.03 21.58 -7.50
N GLN B 343 8.27 20.79 -8.26
CA GLN B 343 8.87 19.88 -9.23
C GLN B 343 9.72 20.61 -10.30
N GLU B 344 9.23 21.74 -10.86
CA GLU B 344 10.02 22.50 -11.86
C GLU B 344 11.24 23.14 -11.23
N THR B 345 11.04 23.76 -10.06
CA THR B 345 12.15 24.37 -9.31
C THR B 345 13.23 23.35 -9.05
N CYS B 346 12.81 22.15 -8.63
CA CYS B 346 13.75 21.04 -8.38
C CYS B 346 14.36 20.47 -9.69
N ASN B 347 13.58 20.45 -10.76
CA ASN B 347 14.11 20.10 -12.11
C ASN B 347 15.22 21.08 -12.53
N ALA B 348 15.10 22.36 -12.18
CA ALA B 348 16.15 23.35 -12.53
C ALA B 348 17.45 23.20 -11.72
N ILE B 349 17.39 22.54 -10.56
CA ILE B 349 18.59 22.31 -9.76
C ILE B 349 19.11 20.89 -9.81
N ASN B 350 18.63 20.09 -10.76
CA ASN B 350 18.94 18.65 -10.86
C ASN B 350 18.49 17.83 -9.64
N VAL B 351 17.26 18.11 -9.21
CA VAL B 351 16.63 17.32 -8.18
C VAL B 351 15.38 16.71 -8.81
N SER B 352 15.37 15.39 -8.88
CA SER B 352 14.28 14.66 -9.50
C SER B 352 13.26 14.25 -8.43
N LEU B 353 12.05 14.74 -8.54
CA LEU B 353 10.97 14.31 -7.68
C LEU B 353 9.64 14.41 -8.43
N ASN B 354 8.53 14.01 -7.80
CA ASN B 354 7.24 14.15 -8.43
C ASN B 354 6.18 14.80 -7.55
N LYS B 355 5.29 15.52 -8.23
CA LYS B 355 4.09 16.04 -7.59
C LYS B 355 3.21 14.90 -7.09
N ASN B 356 2.45 15.20 -6.06
CA ASN B 356 1.63 14.22 -5.40
C ASN B 356 0.47 14.87 -4.66
N THR B 357 -0.70 14.25 -4.74
CA THR B 357 -1.85 14.64 -3.95
C THR B 357 -1.63 14.44 -2.45
N ILE B 358 -2.52 15.06 -1.67
CA ILE B 358 -2.64 14.83 -0.24
C ILE B 358 -4.16 14.68 0.10
N PRO B 359 -4.51 14.28 1.34
CA PRO B 359 -5.92 14.15 1.81
C PRO B 359 -6.85 15.36 1.68
N SER B 360 -6.37 16.56 1.95
CA SER B 360 -7.20 17.77 1.81
C SER B 360 -7.49 18.19 0.35
N ASP B 361 -6.63 17.79 -0.59
CA ASP B 361 -6.83 18.14 -2.01
C ASP B 361 -8.07 17.47 -2.61
N VAL B 362 -8.90 18.29 -3.26
CA VAL B 362 -10.09 17.80 -3.96
C VAL B 362 -9.76 17.55 -5.46
N ASP B 363 -8.62 18.06 -5.96
CA ASP B 363 -8.24 17.89 -7.37
C ASP B 363 -6.80 17.35 -7.58
N CYS B 364 -6.66 16.49 -8.59
CA CYS B 364 -5.35 16.02 -9.07
C CYS B 364 -4.62 17.06 -9.94
N VAL B 365 -5.36 18.06 -10.43
CA VAL B 365 -4.78 19.31 -10.93
C VAL B 365 -4.64 20.19 -9.68
N SER B 366 -3.51 20.87 -9.56
CA SER B 366 -3.12 21.55 -8.30
C SER B 366 -2.87 20.58 -7.09
N PRO B 367 -1.98 19.55 -7.25
CA PRO B 367 -1.61 18.71 -6.09
C PRO B 367 -0.77 19.48 -5.07
N SER B 368 -1.06 19.27 -3.78
CA SER B 368 -0.51 20.09 -2.73
C SER B 368 0.78 19.54 -2.10
N GLY B 369 1.42 18.56 -2.76
CA GLY B 369 2.59 17.99 -2.20
C GLY B 369 3.49 17.44 -3.24
N VAL B 370 4.64 16.96 -2.77
CA VAL B 370 5.52 16.19 -3.57
C VAL B 370 5.83 14.91 -2.82
N ARG B 371 6.18 13.86 -3.56
CA ARG B 371 6.66 12.65 -2.96
C ARG B 371 8.14 12.52 -3.26
N ILE B 372 8.89 12.05 -2.28
CA ILE B 372 10.30 11.74 -2.42
C ILE B 372 10.55 10.33 -1.85
N GLY B 373 11.68 9.75 -2.21
CA GLY B 373 12.04 8.44 -1.71
C GLY B 373 13.52 8.18 -1.86
N THR B 374 14.03 7.22 -1.11
CA THR B 374 15.46 6.99 -0.96
C THR B 374 16.11 5.82 -1.72
N PRO B 375 15.34 4.99 -2.46
CA PRO B 375 16.05 3.82 -3.09
C PRO B 375 17.18 4.18 -4.01
N ALA B 376 16.94 5.12 -4.91
CA ALA B 376 17.97 5.49 -5.89
C ALA B 376 19.27 6.00 -5.22
N MET B 377 19.13 7.00 -4.34
CA MET B 377 20.31 7.61 -3.70
C MET B 377 21.05 6.66 -2.76
N THR B 378 20.29 5.74 -2.16
CA THR B 378 20.86 4.68 -1.36
C THR B 378 21.70 3.77 -2.25
N THR B 379 21.20 3.50 -3.46
CA THR B 379 21.99 2.77 -4.47
C THR B 379 23.28 3.52 -4.85
N ARG B 380 23.23 4.84 -4.91
CA ARG B 380 24.43 5.62 -5.16
C ARG B 380 25.41 5.79 -3.99
N GLY B 381 25.09 5.23 -2.82
CA GLY B 381 26.02 5.19 -1.68
C GLY B 381 25.72 6.18 -0.57
N ALA B 382 24.60 6.92 -0.67
CA ALA B 382 24.26 7.95 0.29
C ALA B 382 23.85 7.34 1.65
N LYS B 383 24.33 7.93 2.74
CA LYS B 383 24.10 7.44 4.10
C LYS B 383 23.21 8.40 4.88
N GLU B 384 22.90 8.08 6.14
CA GLU B 384 22.05 8.95 7.00
C GLU B 384 22.52 10.41 7.12
N LYS B 385 23.83 10.58 7.26
CA LYS B 385 24.48 11.90 7.33
C LYS B 385 24.24 12.75 6.07
N ASP B 386 24.05 12.09 4.92
CA ASP B 386 23.79 12.75 3.65
C ASP B 386 22.39 13.28 3.51
N MET B 387 21.47 12.75 4.31
CA MET B 387 20.09 13.16 4.23
C MET B 387 19.90 14.61 4.67
N GLU B 388 20.70 15.11 5.62
CA GLU B 388 20.60 16.52 6.04
C GLU B 388 20.84 17.45 4.85
N PHE B 389 21.85 17.14 4.06
CA PHE B 389 22.11 17.88 2.83
C PHE B 389 20.93 17.88 1.84
N ILE B 390 20.30 16.73 1.63
CA ILE B 390 19.12 16.66 0.73
C ILE B 390 17.92 17.45 1.30
N ALA B 391 17.72 17.32 2.60
CA ALA B 391 16.75 18.13 3.32
C ALA B 391 17.05 19.62 3.22
N ASP B 392 18.33 20.00 3.36
CA ASP B 392 18.81 21.40 3.14
C ASP B 392 18.48 21.91 1.73
N VAL B 393 18.74 21.06 0.72
CA VAL B 393 18.45 21.41 -0.68
C VAL B 393 16.96 21.52 -0.95
N LEU B 394 16.15 20.63 -0.39
CA LEU B 394 14.69 20.73 -0.61
C LEU B 394 14.10 21.94 0.05
N ALA B 395 14.64 22.28 1.23
CA ALA B 395 14.21 23.46 1.98
C ALA B 395 14.49 24.79 1.22
N ARG B 396 15.68 24.90 0.67
CA ARG B 396 16.07 26.05 -0.16
C ARG B 396 15.23 26.13 -1.43
N ALA B 397 14.90 24.97 -2.03
CA ALA B 397 14.03 24.96 -3.19
C ALA B 397 12.65 25.46 -2.88
N ILE B 398 12.17 25.09 -1.71
CA ILE B 398 10.85 25.55 -1.28
C ILE B 398 10.89 27.05 -1.07
N LYS B 399 11.93 27.52 -0.39
CA LYS B 399 12.09 28.97 -0.14
C LYS B 399 12.18 29.76 -1.48
N ILE B 400 13.06 29.29 -2.36
CA ILE B 400 13.16 29.87 -3.70
C ILE B 400 11.82 29.86 -4.45
N THR B 401 11.05 28.79 -4.28
CA THR B 401 9.76 28.67 -4.94
C THR B 401 8.77 29.69 -4.40
N VAL B 402 8.86 29.99 -3.11
CA VAL B 402 7.97 30.99 -2.50
C VAL B 402 8.27 32.37 -3.07
N ASP B 403 9.56 32.65 -3.23
CA ASP B 403 10.05 33.92 -3.78
C ASP B 403 9.66 34.09 -5.24
N LEU B 404 9.88 33.06 -6.07
CA LEU B 404 9.53 33.14 -7.48
C LEU B 404 8.02 33.27 -7.70
N GLN B 405 7.23 32.70 -6.79
CA GLN B 405 5.79 32.89 -6.83
C GLN B 405 5.44 34.34 -6.48
N GLU B 406 6.11 34.85 -5.45
CA GLU B 406 5.94 36.24 -5.00
C GLU B 406 6.20 37.21 -6.16
N GLN B 407 7.36 37.07 -6.79
CA GLN B 407 7.78 37.92 -7.90
C GLN B 407 6.84 37.81 -9.13
N TYR B 408 6.66 36.59 -9.65
CA TYR B 408 5.95 36.37 -10.93
C TYR B 408 4.49 35.92 -10.84
N GLY B 409 4.02 35.53 -9.66
CA GLY B 409 2.61 35.11 -9.46
C GLY B 409 2.32 33.60 -9.43
N LYS B 410 1.06 33.29 -9.18
CA LYS B 410 0.61 31.91 -9.00
C LYS B 410 0.44 31.12 -10.29
N LYS B 411 0.28 31.79 -11.43
CA LYS B 411 0.12 31.06 -12.69
C LYS B 411 1.42 30.32 -13.03
N LEU B 412 1.29 29.06 -13.47
CA LEU B 412 2.45 28.19 -13.67
C LEU B 412 3.27 28.64 -14.87
N VAL B 413 2.58 29.09 -15.92
CA VAL B 413 3.26 29.63 -17.14
C VAL B 413 4.13 30.85 -16.79
N ASP B 414 3.61 31.71 -15.92
CA ASP B 414 4.34 32.87 -15.40
C ASP B 414 5.52 32.44 -14.51
N PHE B 415 5.28 31.46 -13.65
CA PHE B 415 6.29 30.93 -12.73
C PHE B 415 7.58 30.42 -13.41
N LYS B 416 7.44 29.80 -14.59
CA LYS B 416 8.58 29.20 -15.31
C LYS B 416 9.52 30.27 -15.87
N LYS B 417 8.95 31.36 -16.36
CA LYS B 417 9.70 32.57 -16.73
C LYS B 417 10.70 32.99 -15.63
N GLY B 418 10.32 32.82 -14.36
CA GLY B 418 11.24 33.04 -13.25
C GLY B 418 12.46 32.12 -13.16
N LEU B 419 12.36 30.91 -13.69
CA LEU B 419 13.38 29.86 -13.44
C LEU B 419 14.76 30.07 -14.11
N PRO B 420 14.80 30.26 -15.45
CA PRO B 420 16.11 30.31 -16.09
C PRO B 420 16.85 31.60 -15.71
N GLY B 421 18.15 31.50 -15.50
CA GLY B 421 18.97 32.63 -15.04
C GLY B 421 19.04 32.94 -13.55
N ASN B 422 18.08 32.48 -12.73
CA ASN B 422 18.03 32.77 -11.28
C ASN B 422 19.31 32.34 -10.59
N ALA B 423 20.04 33.32 -10.06
CA ALA B 423 21.35 33.13 -9.42
C ALA B 423 21.36 32.10 -8.29
N GLN B 424 20.36 32.15 -7.41
CA GLN B 424 20.24 31.15 -6.33
C GLN B 424 20.08 29.72 -6.87
N LEU B 425 19.18 29.53 -7.84
CA LEU B 425 19.05 28.22 -8.53
C LEU B 425 20.36 27.74 -9.19
N GLN B 426 21.09 28.65 -9.82
CA GLN B 426 22.41 28.36 -10.43
C GLN B 426 23.44 27.93 -9.38
N GLN B 427 23.49 28.65 -8.27
CA GLN B 427 24.35 28.29 -7.14
C GLN B 427 23.89 26.96 -6.52
N LEU B 428 22.58 26.77 -6.43
CA LEU B 428 22.08 25.54 -5.86
C LEU B 428 22.37 24.35 -6.80
N LYS B 429 21.90 24.39 -8.04
CA LYS B 429 22.28 23.40 -9.08
C LYS B 429 23.76 23.01 -9.01
N GLN B 430 24.60 24.03 -9.00
CA GLN B 430 26.03 23.85 -8.91
C GLN B 430 26.38 22.96 -7.72
N GLU B 431 25.79 23.28 -6.57
CA GLU B 431 25.94 22.44 -5.35
C GLU B 431 25.45 21.00 -5.54
N VAL B 432 24.27 20.85 -6.16
CA VAL B 432 23.69 19.52 -6.43
C VAL B 432 24.62 18.69 -7.32
N VAL B 433 25.08 19.30 -8.41
CA VAL B 433 25.95 18.64 -9.38
C VAL B 433 27.24 18.18 -8.70
N THR B 434 27.91 19.13 -8.03
CA THR B 434 29.22 18.86 -7.43
C THR B 434 29.16 17.67 -6.48
N TRP B 435 28.11 17.59 -5.64
CA TRP B 435 27.92 16.44 -4.76
C TRP B 435 27.44 15.18 -5.51
N ALA B 436 26.37 15.31 -6.32
CA ALA B 436 25.79 14.14 -7.05
C ALA B 436 26.78 13.49 -8.00
N GLY B 437 27.44 14.32 -8.81
CA GLY B 437 28.44 13.86 -9.77
C GLY B 437 29.61 13.10 -9.19
N ALA B 438 29.81 13.19 -7.88
CA ALA B 438 30.89 12.49 -7.18
C ALA B 438 30.55 11.08 -6.74
N LEU B 439 29.26 10.77 -6.60
CA LEU B 439 28.85 9.48 -6.02
C LEU B 439 29.07 8.30 -6.96
N PRO B 440 29.28 7.08 -6.40
CA PRO B 440 29.35 5.87 -7.23
C PRO B 440 28.15 5.77 -8.17
N PHE B 441 28.41 5.51 -9.45
CA PHE B 441 27.37 5.40 -10.49
C PHE B 441 27.44 4.00 -11.10
N PRO B 442 26.37 3.18 -10.92
CA PRO B 442 26.36 1.86 -11.55
C PRO B 442 26.27 1.94 -13.08
N MET C 1 -12.76 46.15 62.96
CA MET C 1 -11.33 46.44 62.59
C MET C 1 -10.78 45.42 61.58
N PHE C 2 -11.46 45.34 60.43
CA PHE C 2 -11.12 44.40 59.35
C PHE C 2 -11.20 45.09 57.97
N ASN C 3 -10.81 44.36 56.94
CA ASN C 3 -10.99 44.80 55.56
C ASN C 3 -12.12 44.05 54.89
N ASN C 4 -13.11 44.78 54.39
CA ASN C 4 -14.24 44.16 53.67
C ASN C 4 -14.26 44.51 52.16
N GLU C 5 -13.14 44.96 51.63
CA GLU C 5 -12.92 45.01 50.17
C GLU C 5 -13.18 43.62 49.57
N PRO C 6 -13.96 43.55 48.46
CA PRO C 6 -14.08 42.25 47.77
C PRO C 6 -12.74 41.67 47.33
N LEU C 7 -12.74 40.38 47.07
CA LEU C 7 -11.54 39.62 46.69
C LEU C 7 -10.78 40.27 45.52
N GLU C 8 -11.55 40.74 44.53
CA GLU C 8 -10.99 41.38 43.32
C GLU C 8 -10.18 42.66 43.63
N GLN C 9 -10.73 43.54 44.46
CA GLN C 9 -9.98 44.72 44.94
C GLN C 9 -8.85 44.35 45.88
N ILE C 10 -9.18 43.64 46.97
CA ILE C 10 -8.23 43.32 48.03
C ILE C 10 -7.04 42.50 47.53
N ASP C 11 -7.27 41.61 46.58
CA ASP C 11 -6.19 40.76 46.05
C ASP C 11 -6.45 40.49 44.61
N LYS C 12 -6.16 41.51 43.78
CA LYS C 12 -6.19 41.36 42.33
C LYS C 12 -5.22 40.25 41.83
N GLU C 13 -4.02 40.15 42.39
CA GLU C 13 -3.07 39.10 41.93
C GLU C 13 -3.68 37.68 41.96
N LEU C 14 -4.30 37.31 43.11
CA LEU C 14 -4.90 36.00 43.33
C LEU C 14 -6.18 35.84 42.56
N HIS C 15 -6.97 36.90 42.46
CA HIS C 15 -8.25 36.87 41.75
C HIS C 15 -8.07 36.56 40.26
N ASP C 16 -6.95 37.00 39.69
CA ASP C 16 -6.62 36.74 38.30
C ASP C 16 -6.29 35.29 38.04
N ILE C 17 -5.56 34.69 38.96
CA ILE C 17 -5.17 33.29 38.84
C ILE C 17 -6.44 32.42 38.94
N LEU C 18 -7.31 32.74 39.88
CA LEU C 18 -8.58 31.99 40.06
C LEU C 18 -9.52 32.19 38.89
N ALA C 19 -9.56 33.39 38.30
CA ALA C 19 -10.33 33.60 37.06
C ALA C 19 -9.75 32.75 35.90
N ASP C 20 -8.42 32.59 35.89
CA ASP C 20 -7.74 31.74 34.91
C ASP C 20 -8.05 30.27 35.12
N GLU C 21 -7.93 29.78 36.36
CA GLU C 21 -8.38 28.42 36.75
C GLU C 21 -9.82 28.16 36.32
N GLU C 22 -10.71 29.13 36.55
CA GLU C 22 -12.11 28.99 36.17
C GLU C 22 -12.32 28.80 34.64
N LYS C 23 -11.59 29.59 33.84
CA LYS C 23 -11.63 29.48 32.39
C LYS C 23 -11.01 28.12 31.95
N ARG C 24 -9.85 27.75 32.47
CA ARG C 24 -9.28 26.46 32.16
C ARG C 24 -10.29 25.29 32.45
N GLN C 25 -10.95 25.29 33.61
CA GLN C 25 -11.94 24.24 33.97
C GLN C 25 -13.09 24.14 32.95
N ARG C 26 -13.56 25.32 32.56
CA ARG C 26 -14.63 25.48 31.58
C ARG C 26 -14.27 24.97 30.17
N GLU C 27 -12.99 25.07 29.82
CA GLU C 27 -12.52 24.75 28.48
C GLU C 27 -11.65 23.48 28.46
N THR C 28 -11.85 22.59 29.43
CA THR C 28 -11.08 21.34 29.54
C THR C 28 -12.03 20.13 29.41
N ILE C 29 -11.54 19.09 28.74
CA ILE C 29 -12.15 17.75 28.84
C ILE C 29 -11.49 17.11 30.06
N ASN C 30 -12.23 17.07 31.15
CA ASN C 30 -11.73 16.55 32.41
C ASN C 30 -12.00 15.06 32.50
N LEU C 31 -10.96 14.24 32.37
CA LEU C 31 -11.12 12.79 32.48
C LEU C 31 -10.53 12.22 33.75
N ILE C 32 -10.17 13.04 34.74
CA ILE C 32 -9.63 12.48 36.00
C ILE C 32 -10.79 11.79 36.71
N ALA C 33 -10.56 10.52 37.02
CA ALA C 33 -11.59 9.61 37.52
C ALA C 33 -12.05 10.06 38.91
N SER C 34 -11.08 10.61 39.66
CA SER C 34 -11.32 11.18 41.00
C SER C 34 -11.90 12.60 41.07
N GLU C 35 -12.24 13.24 39.95
CA GLU C 35 -12.72 14.63 40.00
C GLU C 35 -14.15 14.77 39.60
N ASN C 36 -14.77 15.85 40.07
CA ASN C 36 -16.12 16.25 39.67
C ASN C 36 -16.22 17.77 39.75
N LEU C 37 -17.42 18.29 39.56
CA LEU C 37 -17.68 19.71 39.75
C LEU C 37 -18.86 19.91 40.69
N THR C 38 -18.64 20.73 41.72
CA THR C 38 -19.66 21.00 42.72
C THR C 38 -20.63 22.04 42.21
N ASN C 39 -21.88 21.94 42.60
CA ASN C 39 -22.86 23.00 42.29
C ASN C 39 -22.66 24.24 43.17
N GLY C 40 -23.40 25.29 42.85
CA GLY C 40 -23.29 26.58 43.51
C GLY C 40 -23.71 26.50 44.98
N ALA C 41 -24.72 25.67 45.28
CA ALA C 41 -25.14 25.45 46.67
C ALA C 41 -24.04 24.84 47.54
N VAL C 42 -23.31 23.87 47.02
CA VAL C 42 -22.21 23.27 47.79
C VAL C 42 -21.08 24.31 48.03
N ARG C 43 -20.86 25.19 47.07
CA ARG C 43 -19.83 26.24 47.21
C ARG C 43 -20.22 27.40 48.13
N GLU C 44 -21.52 27.63 48.29
CA GLU C 44 -22.09 28.58 49.26
C GLU C 44 -21.86 28.14 50.71
N CYS C 45 -21.98 26.85 51.00
CA CYS C 45 -21.62 26.28 52.33
C CYS C 45 -20.13 26.42 52.67
N LEU C 46 -19.29 26.15 51.67
CA LEU C 46 -17.85 26.17 51.87
C LEU C 46 -17.38 27.55 52.20
N GLY C 47 -18.05 28.57 51.66
CA GLY C 47 -17.76 29.98 51.95
C GLY C 47 -18.50 30.55 53.16
N ASN C 48 -19.17 29.70 53.94
CA ASN C 48 -20.14 30.18 54.95
C ASN C 48 -19.40 30.50 56.24
N ARG C 49 -19.89 31.49 56.98
CA ARG C 49 -19.31 31.82 58.31
C ARG C 49 -19.27 30.67 59.35
N VAL C 50 -19.92 29.55 59.07
CA VAL C 50 -19.90 28.42 60.00
C VAL C 50 -18.48 27.90 60.30
N SER C 51 -17.55 28.06 59.34
CA SER C 51 -16.12 27.74 59.55
C SER C 51 -15.40 28.61 60.62
N ASN C 52 -16.03 29.68 61.10
CA ASN C 52 -15.56 30.40 62.30
C ASN C 52 -15.62 29.60 63.63
N LYS C 53 -16.43 28.55 63.68
CA LYS C 53 -16.74 27.92 64.96
C LYS C 53 -15.82 26.78 65.33
N TYR C 54 -15.23 26.89 66.52
CA TYR C 54 -14.55 25.77 67.16
C TYR C 54 -15.57 24.90 67.90
N SER C 55 -15.64 23.63 67.55
CA SER C 55 -16.58 22.71 68.16
C SER C 55 -16.01 21.34 68.30
N GLU C 56 -14.87 21.28 68.96
CA GLU C 56 -14.23 20.00 69.33
C GLU C 56 -15.10 19.12 70.16
N GLY C 57 -15.07 17.84 69.88
CA GLY C 57 -15.99 16.89 70.47
C GLY C 57 -17.11 16.53 69.52
N TYR C 58 -18.26 16.13 70.08
CA TYR C 58 -19.42 15.66 69.31
C TYR C 58 -20.65 16.45 69.74
N PRO C 59 -21.78 16.35 69.00
CA PRO C 59 -22.92 17.23 69.31
C PRO C 59 -23.48 17.02 70.73
N LYS C 60 -23.70 18.13 71.44
CA LYS C 60 -24.06 18.17 72.89
C LYS C 60 -22.86 17.99 73.86
N LYS C 61 -21.70 17.60 73.35
CA LYS C 61 -20.55 17.26 74.18
C LYS C 61 -19.34 18.06 73.72
N ARG C 62 -19.54 19.38 73.64
CA ARG C 62 -18.58 20.30 73.09
C ARG C 62 -17.70 20.95 74.16
N TYR C 63 -16.47 21.21 73.79
CA TYR C 63 -15.55 21.86 74.69
C TYR C 63 -15.60 23.36 74.51
N TYR C 64 -16.55 23.85 73.72
CA TYR C 64 -16.78 25.27 73.57
C TYR C 64 -18.28 25.55 73.65
N GLY C 65 -18.61 26.79 74.02
CA GLY C 65 -19.97 27.31 73.98
C GLY C 65 -20.32 27.92 72.62
N GLY C 66 -21.61 28.16 72.43
CA GLY C 66 -22.13 28.71 71.18
C GLY C 66 -22.26 27.68 70.08
N ASN C 67 -22.53 26.41 70.44
CA ASN C 67 -22.56 25.29 69.49
C ASN C 67 -23.95 24.70 69.22
N ASP C 68 -25.01 25.45 69.51
CA ASP C 68 -26.39 24.97 69.33
C ASP C 68 -26.74 24.68 67.88
N PHE C 69 -26.46 25.63 66.99
CA PHE C 69 -26.77 25.44 65.56
C PHE C 69 -25.78 24.53 64.81
N ILE C 70 -24.50 24.54 65.20
CA ILE C 70 -23.50 23.58 64.67
C ILE C 70 -23.89 22.13 64.97
N ASP C 71 -24.37 21.88 66.18
CA ASP C 71 -24.84 20.53 66.57
C ASP C 71 -26.00 20.07 65.68
N LYS C 72 -26.84 21.01 65.27
CA LYS C 72 -27.94 20.69 64.35
C LYS C 72 -27.42 20.29 62.96
N ILE C 73 -26.55 21.13 62.39
CA ILE C 73 -25.87 20.82 61.12
C ILE C 73 -25.19 19.49 61.19
N GLU C 74 -24.38 19.26 62.22
CA GLU C 74 -23.69 17.97 62.32
C GLU C 74 -24.64 16.80 62.41
N GLU C 75 -25.77 16.97 63.12
CA GLU C 75 -26.75 15.85 63.29
C GLU C 75 -27.51 15.57 61.98
N LEU C 76 -27.87 16.65 61.28
CA LEU C 76 -28.46 16.54 59.94
C LEU C 76 -27.57 15.84 58.87
N CYS C 77 -26.26 16.04 58.95
CA CYS C 77 -25.31 15.41 58.02
C CYS C 77 -25.24 13.93 58.25
N GLN C 78 -25.19 13.53 59.51
CA GLN C 78 -25.14 12.10 59.87
C GLN C 78 -26.43 11.38 59.41
N LYS C 79 -27.58 12.01 59.66
CA LYS C 79 -28.86 11.44 59.23
C LYS C 79 -28.84 11.17 57.71
N ARG C 80 -28.60 12.25 56.96
CA ARG C 80 -28.59 12.22 55.50
C ARG C 80 -27.56 11.25 54.94
N ALA C 81 -26.47 11.03 55.66
CA ALA C 81 -25.45 10.07 55.24
C ALA C 81 -25.91 8.63 55.37
N LEU C 82 -26.46 8.29 56.52
CA LEU C 82 -27.05 6.95 56.73
C LEU C 82 -28.28 6.75 55.83
N GLU C 83 -29.09 7.80 55.66
CA GLU C 83 -30.16 7.78 54.65
C GLU C 83 -29.63 7.50 53.24
N ALA C 84 -28.61 8.25 52.81
CA ALA C 84 -28.07 8.14 51.44
C ALA C 84 -27.55 6.75 51.09
N PHE C 85 -26.92 6.09 52.05
CA PHE C 85 -26.35 4.75 51.81
C PHE C 85 -27.24 3.59 52.28
N ASN C 86 -28.53 3.89 52.49
CA ASN C 86 -29.57 2.88 52.67
C ASN C 86 -29.28 1.95 53.85
N VAL C 87 -29.05 2.55 55.01
CA VAL C 87 -28.67 1.81 56.19
C VAL C 87 -29.48 2.40 57.32
N SER C 88 -29.72 1.55 58.33
CA SER C 88 -30.56 1.92 59.47
C SER C 88 -29.71 2.56 60.55
N ASP C 89 -30.21 3.67 61.10
CA ASP C 89 -29.50 4.40 62.15
C ASP C 89 -29.36 3.59 63.47
N GLU C 90 -30.11 2.51 63.59
CA GLU C 90 -29.97 1.59 64.73
C GLU C 90 -28.78 0.65 64.51
N GLU C 91 -28.60 0.20 63.27
CA GLU C 91 -27.53 -0.75 62.90
C GLU C 91 -26.15 -0.09 62.56
N TRP C 92 -26.18 1.06 61.89
CA TRP C 92 -24.95 1.69 61.37
C TRP C 92 -24.75 3.03 61.98
N GLY C 93 -23.49 3.37 62.22
CA GLY C 93 -23.11 4.75 62.61
C GLY C 93 -22.17 5.40 61.60
N VAL C 94 -22.12 6.73 61.65
CA VAL C 94 -21.26 7.54 60.79
C VAL C 94 -20.61 8.70 61.54
N ASN C 95 -19.28 8.80 61.39
CA ASN C 95 -18.53 10.02 61.74
C ASN C 95 -18.33 10.88 60.47
N VAL C 96 -18.67 12.16 60.59
CA VAL C 96 -18.70 13.12 59.49
C VAL C 96 -17.61 14.20 59.64
N GLN C 97 -16.67 13.99 60.56
CA GLN C 97 -15.60 14.94 60.85
C GLN C 97 -14.25 14.70 60.16
N PRO C 98 -14.00 13.50 59.58
CA PRO C 98 -12.73 13.36 58.86
C PRO C 98 -12.51 14.39 57.73
N LEU C 99 -11.30 14.91 57.67
CA LEU C 99 -11.02 16.10 56.85
C LEU C 99 -10.89 15.75 55.38
N SER C 100 -10.47 14.53 55.08
CA SER C 100 -10.39 14.01 53.73
C SER C 100 -10.21 12.48 53.78
N GLY C 101 -10.12 11.87 52.61
CA GLY C 101 -10.03 10.41 52.51
C GLY C 101 -8.89 9.74 53.22
N SER C 102 -7.70 10.33 53.17
CA SER C 102 -6.51 9.65 53.72
C SER C 102 -6.57 9.72 55.24
N ALA C 103 -7.02 10.86 55.79
CA ALA C 103 -7.25 10.99 57.22
C ALA C 103 -8.30 9.94 57.73
N ALA C 104 -9.44 9.82 57.05
CA ALA C 104 -10.49 8.82 57.37
C ALA C 104 -9.98 7.41 57.44
N ASN C 105 -9.14 7.01 56.49
CA ASN C 105 -8.65 5.65 56.46
C ASN C 105 -7.61 5.38 57.54
N VAL C 106 -6.76 6.35 57.86
CA VAL C 106 -5.77 6.17 58.92
C VAL C 106 -6.40 6.10 60.31
N GLN C 107 -7.38 6.96 60.52
CA GLN C 107 -8.19 7.01 61.69
C GLN C 107 -8.95 5.69 61.90
N ALA C 108 -9.68 5.25 60.89
CA ALA C 108 -10.47 4.05 61.00
C ALA C 108 -9.56 2.85 61.23
N LEU C 109 -8.44 2.77 60.52
CA LEU C 109 -7.52 1.66 60.70
C LEU C 109 -6.96 1.63 62.13
N TYR C 110 -6.71 2.81 62.67
CA TYR C 110 -6.14 2.89 64.00
C TYR C 110 -7.13 2.33 65.05
N ALA C 111 -8.35 2.88 65.03
CA ALA C 111 -9.49 2.35 65.80
C ALA C 111 -9.52 0.82 65.88
N LEU C 112 -9.36 0.17 64.73
CA LEU C 112 -9.48 -1.28 64.63
C LEU C 112 -8.31 -2.05 65.20
N VAL C 113 -7.10 -1.64 64.86
CA VAL C 113 -5.90 -2.43 65.13
C VAL C 113 -4.81 -1.77 65.94
N GLY C 114 -4.80 -0.44 66.01
CA GLY C 114 -3.78 0.27 66.77
C GLY C 114 -2.36 0.16 66.21
N VAL C 115 -1.44 0.86 66.87
CA VAL C 115 -0.04 0.89 66.47
C VAL C 115 0.54 -0.52 66.53
N LYS C 116 1.39 -0.84 65.55
CA LYS C 116 1.88 -2.20 65.27
C LYS C 116 0.78 -3.18 64.80
N GLY C 117 -0.45 -2.72 64.58
CA GLY C 117 -1.52 -3.61 64.11
C GLY C 117 -1.25 -4.17 62.71
N LYS C 118 -1.89 -5.30 62.40
CA LYS C 118 -1.68 -5.97 61.11
C LYS C 118 -2.84 -5.68 60.15
N ILE C 119 -2.50 -5.28 58.92
CA ILE C 119 -3.46 -4.94 57.89
C ILE C 119 -3.06 -5.48 56.51
N MET C 120 -4.06 -5.70 55.67
CA MET C 120 -3.83 -6.16 54.30
C MET C 120 -4.60 -5.26 53.37
N GLY C 121 -3.96 -4.90 52.26
CA GLY C 121 -4.56 -4.03 51.25
C GLY C 121 -4.05 -4.45 49.89
N MET C 122 -4.75 -4.00 48.85
CA MET C 122 -4.28 -4.17 47.47
C MET C 122 -3.06 -3.29 47.24
N HIS C 123 -2.13 -3.81 46.44
CA HIS C 123 -0.91 -3.11 46.07
C HIS C 123 -1.29 -1.89 45.23
N LEU C 124 -0.49 -0.83 45.32
CA LEU C 124 -0.74 0.38 44.52
C LEU C 124 -0.76 0.08 43.02
N CYS C 125 0.33 -0.52 42.50
CA CYS C 125 0.44 -1.09 41.12
C CYS C 125 -0.77 -1.86 40.61
N SER C 126 -1.47 -2.53 41.50
CA SER C 126 -2.65 -3.30 41.12
C SER C 126 -3.98 -2.55 41.21
N GLY C 127 -3.96 -1.31 41.72
CA GLY C 127 -5.17 -0.50 41.92
C GLY C 127 -5.42 0.03 43.34
N GLY C 128 -4.60 -0.39 44.30
CA GLY C 128 -4.84 -0.05 45.71
C GLY C 128 -4.38 1.35 46.04
N HIS C 129 -4.98 1.95 47.08
CA HIS C 129 -4.59 3.28 47.53
C HIS C 129 -3.34 3.25 48.36
N LEU C 130 -2.71 4.41 48.47
CA LEU C 130 -1.58 4.63 49.38
C LEU C 130 -1.93 4.27 50.83
N THR C 131 -3.13 4.66 51.28
CA THR C 131 -3.56 4.43 52.67
C THR C 131 -3.97 2.99 52.99
N HIS C 132 -3.80 2.08 52.01
CA HIS C 132 -4.04 0.67 52.22
C HIS C 132 -2.72 -0.03 52.48
N GLY C 133 -1.83 0.63 53.22
CA GLY C 133 -0.57 0.01 53.63
C GLY C 133 0.54 -0.05 52.60
N PHE C 134 0.53 0.85 51.61
CA PHE C 134 1.52 0.83 50.56
C PHE C 134 2.93 1.15 51.04
N PHE C 135 3.87 0.32 50.62
CA PHE C 135 5.29 0.58 50.81
C PHE C 135 6.12 0.10 49.64
N ASP C 136 7.41 0.39 49.71
CA ASP C 136 8.41 -0.06 48.75
C ASP C 136 9.53 -0.80 49.49
N GLU C 137 10.41 -1.45 48.74
CA GLU C 137 11.63 -2.05 49.30
C GLU C 137 12.53 -0.98 49.94
N LYS C 138 12.61 0.16 49.26
CA LYS C 138 13.38 1.34 49.73
C LYS C 138 12.78 2.08 50.93
N LYS C 139 11.45 2.22 51.00
CA LYS C 139 10.83 2.96 52.11
C LYS C 139 9.36 2.67 52.36
N LYS C 140 8.94 2.96 53.58
CA LYS C 140 7.53 2.97 53.98
C LYS C 140 6.87 4.27 53.51
N VAL C 141 6.38 4.21 52.29
CA VAL C 141 5.86 5.35 51.54
C VAL C 141 4.62 5.93 52.24
N SER C 142 3.69 5.06 52.60
CA SER C 142 2.52 5.46 53.37
C SER C 142 2.77 5.25 54.84
N ILE C 143 2.20 6.14 55.67
CA ILE C 143 2.16 5.95 57.13
C ILE C 143 1.50 4.65 57.54
N THR C 144 0.54 4.20 56.73
CA THR C 144 -0.17 2.96 56.99
C THR C 144 0.75 1.73 56.85
N SER C 145 1.86 1.85 56.12
CA SER C 145 2.84 0.77 56.10
C SER C 145 3.84 0.84 57.24
N ASP C 146 3.84 1.92 58.03
CA ASP C 146 4.86 2.13 59.07
C ASP C 146 4.26 2.06 60.48
N MET C 147 3.19 2.81 60.71
CA MET C 147 2.52 2.79 61.98
C MET C 147 1.76 1.48 62.18
N PHE C 148 1.44 0.80 61.08
CA PHE C 148 0.87 -0.55 61.05
C PHE C 148 1.88 -1.45 60.39
N GLU C 149 1.74 -2.77 60.60
CA GLU C 149 2.44 -3.77 59.79
C GLU C 149 1.49 -4.10 58.65
N SER C 150 1.96 -4.00 57.41
CA SER C 150 1.09 -4.23 56.25
C SER C 150 1.65 -5.26 55.31
N LYS C 151 0.75 -5.92 54.60
CA LYS C 151 1.10 -6.87 53.56
C LYS C 151 0.20 -6.52 52.39
N LEU C 152 0.68 -6.70 51.17
CA LEU C 152 -0.07 -6.21 50.00
C LEU C 152 -0.36 -7.30 49.02
N TYR C 153 -1.60 -7.39 48.56
CA TYR C 153 -1.97 -8.42 47.60
C TYR C 153 -2.04 -7.90 46.19
N LYS C 154 -1.18 -8.46 45.32
CA LYS C 154 -1.18 -8.14 43.91
C LYS C 154 -2.35 -8.85 43.24
N CYS C 155 -2.74 -8.33 42.08
CA CYS C 155 -3.78 -8.95 41.25
C CYS C 155 -3.08 -9.90 40.28
N ASN C 156 -3.85 -10.68 39.52
CA ASN C 156 -3.27 -11.51 38.44
C ASN C 156 -2.79 -10.65 37.26
N SER C 157 -2.04 -11.26 36.34
CA SER C 157 -1.53 -10.51 35.16
C SER C 157 -2.61 -9.93 34.23
N GLN C 158 -3.87 -10.40 34.35
CA GLN C 158 -5.03 -9.86 33.61
C GLN C 158 -5.71 -8.64 34.26
N GLY C 159 -5.16 -8.12 35.37
CA GLY C 159 -5.71 -6.94 36.05
C GLY C 159 -6.87 -7.16 37.03
N TYR C 160 -7.10 -8.41 37.44
CA TYR C 160 -8.20 -8.80 38.33
C TYR C 160 -7.66 -9.22 39.71
N VAL C 161 -8.44 -8.97 40.77
CA VAL C 161 -8.11 -9.41 42.14
C VAL C 161 -8.02 -10.96 42.19
N ASP C 162 -6.97 -11.48 42.81
CA ASP C 162 -6.79 -12.94 42.97
C ASP C 162 -7.16 -13.39 44.39
N LEU C 163 -8.41 -13.81 44.59
CA LEU C 163 -8.91 -14.19 45.92
C LEU C 163 -8.15 -15.35 46.56
N ASP C 164 -7.68 -16.28 45.71
CA ASP C 164 -6.81 -17.38 46.16
C ASP C 164 -5.57 -16.83 46.87
N ALA C 165 -4.97 -15.80 46.31
CA ALA C 165 -3.78 -15.17 46.88
C ALA C 165 -4.14 -14.43 48.17
N VAL C 166 -5.30 -13.77 48.18
CA VAL C 166 -5.79 -13.09 49.39
C VAL C 166 -5.86 -14.10 50.56
N ARG C 167 -6.48 -15.26 50.30
CA ARG C 167 -6.56 -16.34 51.30
C ARG C 167 -5.19 -16.94 51.63
N GLU C 168 -4.38 -17.23 50.60
CA GLU C 168 -2.98 -17.63 50.82
C GLU C 168 -2.32 -16.67 51.82
N MET C 169 -2.55 -15.36 51.64
CA MET C 169 -1.92 -14.33 52.49
C MET C 169 -2.59 -14.19 53.85
N ALA C 170 -3.90 -14.10 53.86
CA ALA C 170 -4.63 -13.96 55.12
C ALA C 170 -4.31 -15.09 56.16
N LEU C 171 -4.18 -16.34 55.70
CA LEU C 171 -3.85 -17.47 56.57
C LEU C 171 -2.41 -17.47 57.10
N SER C 172 -1.45 -16.99 56.32
CA SER C 172 -0.05 -16.95 56.77
C SER C 172 0.23 -15.73 57.65
N PHE C 173 -0.23 -14.57 57.19
CA PHE C 173 0.05 -13.28 57.83
C PHE C 173 -0.85 -12.99 59.05
N LYS C 174 -2.14 -13.35 58.96
CA LYS C 174 -3.10 -13.26 60.08
C LYS C 174 -3.37 -11.82 60.50
N PRO C 175 -3.81 -10.97 59.56
CA PRO C 175 -3.99 -9.57 59.91
C PRO C 175 -5.27 -9.35 60.70
N LYS C 176 -5.37 -8.21 61.39
CA LYS C 176 -6.66 -7.81 61.96
C LYS C 176 -7.62 -7.14 60.97
N VAL C 177 -7.15 -6.61 59.84
CA VAL C 177 -8.03 -5.94 58.84
C VAL C 177 -7.66 -6.30 57.41
N ILE C 178 -8.65 -6.39 56.53
CA ILE C 178 -8.44 -6.64 55.11
C ILE C 178 -9.17 -5.57 54.35
N ILE C 179 -8.40 -4.80 53.59
CA ILE C 179 -8.94 -3.64 52.92
C ILE C 179 -9.31 -4.04 51.50
N CYS C 180 -10.51 -3.64 51.09
CA CYS C 180 -10.91 -3.70 49.71
C CYS C 180 -11.67 -2.43 49.34
N GLY C 181 -11.92 -2.27 48.04
CA GLY C 181 -12.35 -0.98 47.45
C GLY C 181 -11.06 -0.26 47.10
N TYR C 182 -11.00 0.36 45.91
CA TYR C 182 -9.68 0.72 45.33
C TYR C 182 -9.65 2.07 44.60
N THR C 183 -8.47 2.48 44.16
CA THR C 183 -8.32 3.83 43.55
C THR C 183 -8.45 3.77 42.03
N SER C 184 -7.88 2.75 41.40
CA SER C 184 -7.98 2.58 39.95
C SER C 184 -8.15 1.11 39.60
N TYR C 185 -9.26 0.56 40.07
CA TYR C 185 -9.67 -0.80 39.76
C TYR C 185 -10.97 -0.67 38.96
N PRO C 186 -10.98 -1.16 37.69
CA PRO C 186 -12.14 -0.96 36.83
C PRO C 186 -13.30 -1.94 37.00
N ARG C 187 -13.20 -2.90 37.92
CA ARG C 187 -14.28 -3.87 38.15
C ARG C 187 -14.97 -3.80 39.52
N ASP C 188 -16.13 -4.43 39.61
CA ASP C 188 -16.86 -4.55 40.87
C ASP C 188 -16.10 -5.54 41.76
N ILE C 189 -16.40 -5.46 43.06
CA ILE C 189 -15.73 -6.24 44.09
C ILE C 189 -16.68 -7.35 44.58
N ASP C 190 -16.13 -8.53 44.84
CA ASP C 190 -16.86 -9.60 45.52
C ASP C 190 -16.64 -9.47 47.06
N TYR C 191 -17.45 -8.62 47.69
CA TYR C 191 -17.30 -8.35 49.12
C TYR C 191 -17.64 -9.60 49.91
N GLN C 192 -18.73 -10.27 49.51
CA GLN C 192 -19.13 -11.54 50.11
C GLN C 192 -17.98 -12.51 50.29
N GLN C 193 -17.17 -12.65 49.25
CA GLN C 193 -16.02 -13.55 49.32
C GLN C 193 -14.98 -12.97 50.25
N PHE C 194 -14.85 -11.63 50.27
CA PHE C 194 -13.96 -10.97 51.24
C PHE C 194 -14.39 -11.25 52.69
N ARG C 195 -15.70 -11.10 52.95
CA ARG C 195 -16.30 -11.42 54.26
C ARG C 195 -16.01 -12.87 54.70
N GLN C 196 -16.21 -13.79 53.77
CA GLN C 196 -15.89 -15.21 53.99
C GLN C 196 -14.42 -15.42 54.43
N ILE C 197 -13.49 -14.67 53.83
CA ILE C 197 -12.06 -14.74 54.20
C ILE C 197 -11.75 -14.01 55.50
N CYS C 198 -12.41 -12.89 55.75
CA CYS C 198 -12.24 -12.15 57.00
C CYS C 198 -12.69 -12.99 58.21
N ASP C 199 -13.89 -13.59 58.11
CA ASP C 199 -14.42 -14.51 59.14
C ASP C 199 -13.51 -15.73 59.46
N GLU C 200 -12.81 -16.22 58.45
CA GLU C 200 -11.93 -17.39 58.55
C GLU C 200 -10.65 -17.13 59.37
N VAL C 201 -10.23 -15.87 59.44
CA VAL C 201 -9.02 -15.46 60.19
C VAL C 201 -9.35 -14.46 61.32
N ASN C 202 -10.64 -14.22 61.55
CA ASN C 202 -11.13 -13.30 62.59
C ASN C 202 -10.65 -11.84 62.42
N ALA C 203 -10.49 -11.43 61.15
CA ALA C 203 -10.08 -10.08 60.78
C ALA C 203 -11.30 -9.24 60.43
N TYR C 204 -11.20 -7.93 60.64
CA TYR C 204 -12.24 -6.99 60.20
C TYR C 204 -12.27 -6.81 58.66
N LEU C 205 -13.47 -6.59 58.10
CA LEU C 205 -13.65 -6.23 56.67
C LEU C 205 -13.80 -4.72 56.47
N PHE C 206 -12.80 -4.15 55.80
CA PHE C 206 -12.68 -2.71 55.55
C PHE C 206 -12.93 -2.51 54.05
N ALA C 207 -14.00 -1.78 53.73
CA ALA C 207 -14.37 -1.43 52.37
C ALA C 207 -14.23 0.08 52.16
N ASP C 208 -13.36 0.50 51.25
CA ASP C 208 -13.17 1.93 50.93
C ASP C 208 -13.75 2.14 49.57
N ILE C 209 -14.87 2.86 49.52
CA ILE C 209 -15.71 2.98 48.32
C ILE C 209 -15.70 4.42 47.74
N SER C 210 -14.62 5.15 48.01
CA SER C 210 -14.48 6.55 47.57
C SER C 210 -14.79 6.74 46.08
N HIS C 211 -14.20 5.89 45.26
CA HIS C 211 -14.42 5.93 43.80
C HIS C 211 -15.79 5.46 43.29
N ILE C 212 -16.43 4.55 44.01
CA ILE C 212 -17.63 3.90 43.53
C ILE C 212 -18.84 4.22 44.44
N SER C 213 -18.69 5.25 45.27
CA SER C 213 -19.70 5.56 46.32
C SER C 213 -21.13 5.72 45.77
N SER C 214 -21.27 6.51 44.72
CA SER C 214 -22.57 6.81 44.11
C SER C 214 -23.26 5.58 43.62
N PHE C 215 -22.49 4.66 43.06
CA PHE C 215 -23.00 3.40 42.55
C PHE C 215 -23.55 2.57 43.70
N VAL C 216 -22.81 2.54 44.81
CA VAL C 216 -23.17 1.77 45.99
C VAL C 216 -24.45 2.37 46.55
N ALA C 217 -24.47 3.69 46.69
CA ALA C 217 -25.63 4.40 47.22
C ALA C 217 -26.92 4.21 46.41
N CYS C 218 -26.79 4.16 45.08
CA CYS C 218 -27.95 4.02 44.21
C CYS C 218 -28.23 2.57 43.76
N ASN C 219 -27.53 1.61 44.37
CA ASN C 219 -27.70 0.15 44.12
C ASN C 219 -27.49 -0.32 42.67
N ILE C 220 -26.56 0.36 41.98
CA ILE C 220 -26.13 -0.01 40.65
C ILE C 220 -25.02 -1.05 40.77
N LEU C 221 -24.13 -0.89 41.74
CA LEU C 221 -23.09 -1.90 41.98
C LEU C 221 -23.36 -2.64 43.28
N ASN C 222 -22.54 -3.64 43.57
CA ASN C 222 -22.63 -4.39 44.80
C ASN C 222 -22.64 -3.47 46.02
N ASN C 223 -23.21 -3.97 47.11
CA ASN C 223 -23.33 -3.24 48.34
C ASN C 223 -22.42 -3.85 49.40
N PRO C 224 -21.34 -3.15 49.79
CA PRO C 224 -20.51 -3.69 50.85
C PRO C 224 -21.12 -3.55 52.25
N PHE C 225 -22.17 -2.74 52.40
CA PHE C 225 -22.83 -2.57 53.71
C PHE C 225 -23.47 -3.87 54.23
N LEU C 226 -23.70 -4.83 53.34
CA LEU C 226 -24.21 -6.13 53.71
C LEU C 226 -23.13 -6.97 54.42
N HIS C 227 -21.86 -6.74 54.08
CA HIS C 227 -20.77 -7.57 54.65
C HIS C 227 -19.72 -6.84 55.50
N ALA C 228 -19.45 -5.57 55.23
CA ALA C 228 -18.31 -4.90 55.84
C ALA C 228 -18.57 -4.48 57.29
N ASP C 229 -17.47 -4.42 58.05
CA ASP C 229 -17.49 -3.85 59.39
C ASP C 229 -17.37 -2.34 59.36
N VAL C 230 -16.46 -1.83 58.52
CA VAL C 230 -16.29 -0.37 58.31
C VAL C 230 -16.31 -0.03 56.81
N VAL C 231 -16.94 1.09 56.48
CA VAL C 231 -16.89 1.63 55.12
C VAL C 231 -16.39 3.06 55.16
N THR C 232 -15.31 3.34 54.44
CA THR C 232 -14.85 4.74 54.27
C THR C 232 -15.20 5.27 52.90
N THR C 233 -15.46 6.55 52.83
CA THR C 233 -15.65 7.21 51.55
C THR C 233 -15.42 8.73 51.59
N THR C 234 -14.78 9.21 50.54
CA THR C 234 -14.59 10.60 50.32
C THR C 234 -15.88 11.09 49.75
N THR C 235 -16.16 12.37 49.86
CA THR C 235 -17.40 12.95 49.38
C THR C 235 -17.25 13.80 48.09
N HIS C 236 -16.01 13.92 47.59
CA HIS C 236 -15.62 14.88 46.50
C HIS C 236 -15.46 14.28 45.10
N LYS C 237 -15.64 12.96 44.97
CA LYS C 237 -15.50 12.33 43.66
C LYS C 237 -16.88 12.17 43.01
N ILE C 238 -17.25 10.92 42.73
CA ILE C 238 -18.49 10.60 42.03
C ILE C 238 -19.70 11.13 42.80
N LEU C 239 -19.64 11.12 44.14
CA LEU C 239 -20.68 11.65 45.03
C LEU C 239 -20.89 13.13 44.89
N ARG C 240 -19.85 13.82 44.42
CA ARG C 240 -19.98 15.19 43.95
C ARG C 240 -20.20 16.19 45.09
N GLY C 241 -19.63 15.91 46.24
CA GLY C 241 -19.69 16.84 47.35
C GLY C 241 -18.39 17.58 47.51
N PRO C 242 -18.16 18.16 48.69
CA PRO C 242 -16.92 18.86 48.97
C PRO C 242 -15.79 17.89 49.25
N ARG C 243 -14.61 18.43 49.52
CA ARG C 243 -13.49 17.60 49.88
C ARG C 243 -13.61 17.26 51.37
N SER C 244 -14.08 16.05 51.63
CA SER C 244 -14.31 15.56 52.99
C SER C 244 -14.38 14.04 52.95
N ALA C 245 -14.51 13.43 54.14
CA ALA C 245 -14.69 11.99 54.21
C ALA C 245 -15.66 11.50 55.32
N LEU C 246 -16.13 10.28 55.15
CA LEU C 246 -17.14 9.64 56.03
C LEU C 246 -16.63 8.28 56.48
N ILE C 247 -16.70 8.01 57.78
CA ILE C 247 -16.44 6.66 58.29
C ILE C 247 -17.76 6.05 58.77
N PHE C 248 -18.19 5.00 58.06
CA PHE C 248 -19.37 4.22 58.42
C PHE C 248 -18.94 2.97 59.16
N PHE C 249 -19.58 2.69 60.32
CA PHE C 249 -19.25 1.52 61.14
C PHE C 249 -20.50 0.70 61.52
N ASN C 250 -20.34 -0.62 61.55
CA ASN C 250 -21.46 -1.56 61.80
C ASN C 250 -21.59 -1.87 63.29
N LYS C 251 -22.54 -1.23 63.96
CA LYS C 251 -22.76 -1.38 65.40
C LYS C 251 -23.24 -2.78 65.79
N LYS C 252 -24.17 -3.34 65.01
CA LYS C 252 -24.75 -4.68 65.25
C LYS C 252 -23.70 -5.81 65.24
N ARG C 253 -22.78 -5.76 64.29
CA ARG C 253 -21.74 -6.79 64.16
C ARG C 253 -20.59 -6.58 65.17
N ASN C 254 -20.35 -5.34 65.60
CA ASN C 254 -19.27 -5.02 66.55
C ASN C 254 -19.72 -3.95 67.57
N PRO C 255 -20.21 -4.38 68.76
CA PRO C 255 -20.59 -3.39 69.76
C PRO C 255 -19.41 -2.54 70.26
N GLY C 256 -19.67 -1.28 70.52
CA GLY C 256 -18.61 -0.38 70.98
C GLY C 256 -17.52 -0.06 69.95
N ILE C 257 -17.79 -0.31 68.67
CA ILE C 257 -16.96 0.20 67.59
C ILE C 257 -17.19 1.72 67.50
N GLU C 258 -18.42 2.16 67.76
CA GLU C 258 -18.78 3.57 67.71
C GLU C 258 -17.86 4.47 68.52
N GLN C 259 -17.60 4.06 69.78
CA GLN C 259 -16.73 4.81 70.68
C GLN C 259 -15.29 4.80 70.13
N LYS C 260 -14.81 3.63 69.71
CA LYS C 260 -13.49 3.45 69.10
C LYS C 260 -13.20 4.37 67.92
N ILE C 261 -14.15 4.43 66.99
CA ILE C 261 -14.02 5.23 65.81
C ILE C 261 -14.19 6.72 66.12
N ASN C 262 -15.13 7.06 67.01
CA ASN C 262 -15.31 8.46 67.39
C ASN C 262 -14.14 9.00 68.20
N SER C 263 -13.47 8.13 68.97
CA SER C 263 -12.33 8.53 69.77
C SER C 263 -11.04 8.57 68.90
N ALA C 264 -10.95 7.68 67.91
CA ALA C 264 -9.90 7.68 66.89
C ALA C 264 -9.93 8.97 66.07
N VAL C 265 -11.11 9.44 65.70
CA VAL C 265 -11.22 10.70 64.96
C VAL C 265 -10.85 11.82 65.91
N PHE C 266 -11.55 11.94 67.03
CA PHE C 266 -11.17 12.90 68.06
C PHE C 266 -11.25 12.24 69.43
N PRO C 267 -10.24 12.38 70.28
CA PRO C 267 -9.12 13.29 70.13
C PRO C 267 -7.83 12.62 69.69
N SER C 268 -7.90 11.39 69.22
CA SER C 268 -6.70 10.70 68.80
C SER C 268 -5.92 11.47 67.70
N PHE C 269 -6.60 11.93 66.63
CA PHE C 269 -5.96 12.48 65.43
C PHE C 269 -6.34 13.93 65.12
N GLN C 270 -7.62 14.24 65.02
CA GLN C 270 -8.04 15.58 64.67
C GLN C 270 -8.32 16.43 65.89
N GLY C 271 -8.46 17.73 65.66
CA GLY C 271 -8.96 18.69 66.62
C GLY C 271 -10.36 19.17 66.16
N GLY C 272 -10.50 20.46 65.92
CA GLY C 272 -11.80 21.03 65.59
C GLY C 272 -12.30 20.59 64.22
N PRO C 273 -13.60 20.15 64.13
CA PRO C 273 -14.09 19.78 62.81
C PRO C 273 -14.17 21.01 61.97
N HIS C 274 -14.26 20.83 60.66
CA HIS C 274 -14.42 21.92 59.74
C HIS C 274 -15.87 22.01 59.33
N ASN C 275 -16.57 22.95 59.94
CA ASN C 275 -18.02 22.94 59.89
C ASN C 275 -18.58 23.28 58.56
N ASN C 276 -17.88 24.16 57.83
CA ASN C 276 -18.23 24.47 56.44
C ASN C 276 -18.23 23.22 55.55
N LYS C 277 -17.31 22.31 55.81
CA LYS C 277 -17.33 20.99 55.15
C LYS C 277 -18.55 20.19 55.48
N ILE C 278 -18.90 20.16 56.75
CA ILE C 278 -19.98 19.33 57.23
C ILE C 278 -21.27 19.87 56.62
N ALA C 279 -21.50 21.17 56.74
CA ALA C 279 -22.58 21.82 56.00
C ALA C 279 -22.57 21.40 54.54
N ALA C 280 -21.43 21.50 53.88
CA ALA C 280 -21.37 21.17 52.46
C ALA C 280 -21.77 19.74 52.19
N VAL C 281 -21.26 18.83 53.00
CA VAL C 281 -21.57 17.42 52.84
C VAL C 281 -23.06 17.23 53.05
N ALA C 282 -23.61 17.91 54.05
CA ALA C 282 -25.02 17.82 54.35
C ALA C 282 -25.80 18.14 53.11
N CYS C 283 -25.50 19.28 52.50
CA CYS C 283 -26.19 19.74 51.31
C CYS C 283 -26.12 18.78 50.14
N GLN C 284 -24.99 18.13 49.94
CA GLN C 284 -24.86 17.24 48.79
C GLN C 284 -25.52 15.88 49.05
N LEU C 285 -25.46 15.42 50.30
CA LEU C 285 -26.15 14.20 50.68
C LEU C 285 -27.67 14.25 50.48
N LYS C 286 -28.30 15.42 50.55
CA LYS C 286 -29.71 15.53 50.21
C LYS C 286 -29.93 15.27 48.73
N GLU C 287 -29.04 15.79 47.90
CA GLU C 287 -29.07 15.52 46.48
C GLU C 287 -28.82 14.04 46.15
N VAL C 288 -27.98 13.35 46.90
CA VAL C 288 -27.64 11.96 46.59
C VAL C 288 -28.89 11.07 46.65
N HIS C 289 -29.84 11.39 47.53
CA HIS C 289 -31.03 10.55 47.74
C HIS C 289 -32.16 10.72 46.72
N SER C 290 -32.22 11.88 46.07
CA SER C 290 -33.18 12.14 44.99
C SER C 290 -33.06 11.12 43.87
N PRO C 291 -34.15 10.94 43.09
CA PRO C 291 -34.07 10.10 41.89
C PRO C 291 -33.29 10.76 40.74
N ALA C 292 -33.20 12.10 40.73
CA ALA C 292 -32.34 12.85 39.79
C ALA C 292 -30.87 12.40 39.82
N PHE C 293 -30.29 12.29 41.00
CA PHE C 293 -28.89 11.91 41.14
C PHE C 293 -28.66 10.49 40.66
N LYS C 294 -29.60 9.60 40.95
CA LYS C 294 -29.59 8.24 40.40
C LYS C 294 -29.46 8.25 38.86
N GLU C 295 -30.18 9.18 38.19
CA GLU C 295 -30.09 9.30 36.71
C GLU C 295 -28.67 9.75 36.27
N TYR C 296 -28.09 10.71 36.99
CA TYR C 296 -26.71 11.15 36.77
C TYR C 296 -25.74 9.98 36.88
N THR C 297 -25.86 9.23 37.98
CA THR C 297 -24.99 8.10 38.29
C THR C 297 -25.10 7.01 37.24
N GLN C 298 -26.32 6.75 36.78
CA GLN C 298 -26.59 5.79 35.70
C GLN C 298 -25.86 6.23 34.44
N GLN C 299 -25.97 7.53 34.14
CA GLN C 299 -25.29 8.11 32.98
C GLN C 299 -23.76 7.96 33.07
N VAL C 300 -23.20 7.99 34.28
CA VAL C 300 -21.75 7.84 34.45
C VAL C 300 -21.29 6.48 33.91
N LEU C 301 -22.02 5.43 34.29
CA LEU C 301 -21.72 4.07 33.82
C LEU C 301 -22.04 3.92 32.32
N LEU C 302 -23.12 4.54 31.84
CA LEU C 302 -23.45 4.50 30.41
C LEU C 302 -22.27 5.09 29.61
N ASN C 303 -21.76 6.25 30.03
CA ASN C 303 -20.67 6.94 29.33
C ASN C 303 -19.41 6.12 29.39
N SER C 304 -19.15 5.53 30.55
CA SER C 304 -17.96 4.72 30.76
C SER C 304 -17.89 3.47 29.87
N LYS C 305 -19.01 2.78 29.76
CA LYS C 305 -19.15 1.61 28.87
C LYS C 305 -18.93 2.03 27.43
N ALA C 306 -19.62 3.09 27.01
CA ALA C 306 -19.48 3.65 25.66
C ALA C 306 -18.06 4.10 25.37
N LEU C 307 -17.40 4.70 26.37
CA LEU C 307 -16.02 5.18 26.21
C LEU C 307 -15.04 4.01 26.04
N ALA C 308 -15.19 2.99 26.88
CA ALA C 308 -14.40 1.76 26.76
C ALA C 308 -14.60 1.13 25.40
N LYS C 309 -15.86 1.11 24.98
CA LYS C 309 -16.26 0.48 23.73
C LYS C 309 -15.65 1.22 22.54
N ALA C 310 -15.72 2.56 22.53
CA ALA C 310 -15.10 3.33 21.44
C ALA C 310 -13.56 3.22 21.41
N LEU C 311 -12.92 3.15 22.56
CA LEU C 311 -11.46 2.99 22.57
C LEU C 311 -10.98 1.63 22.06
N ILE C 312 -11.76 0.58 22.34
CA ILE C 312 -11.46 -0.78 21.84
C ILE C 312 -11.64 -0.86 20.32
N SER C 313 -12.66 -0.21 19.79
CA SER C 313 -12.89 -0.18 18.34
C SER C 313 -11.84 0.68 17.57
N LYS C 314 -11.08 1.52 18.30
CA LYS C 314 -9.83 2.18 17.78
C LYS C 314 -8.56 1.44 18.20
N GLN C 315 -8.69 0.16 18.57
CA GLN C 315 -7.55 -0.74 18.81
C GLN C 315 -6.63 -0.26 19.95
N ILE C 316 -7.25 0.33 20.97
CA ILE C 316 -6.60 0.70 22.21
C ILE C 316 -6.97 -0.36 23.25
N ASP C 317 -5.95 -0.91 23.90
CA ASP C 317 -6.11 -1.92 24.94
C ASP C 317 -6.43 -1.29 26.31
N LEU C 318 -7.41 -1.91 26.99
CA LEU C 318 -7.84 -1.54 28.31
C LEU C 318 -7.56 -2.68 29.29
N VAL C 319 -7.24 -2.29 30.51
CA VAL C 319 -7.02 -3.22 31.61
C VAL C 319 -8.35 -3.92 31.92
N THR C 320 -8.29 -5.25 32.00
CA THR C 320 -9.46 -6.13 32.04
C THR C 320 -10.38 -6.02 30.81
N ASN C 321 -9.87 -5.44 29.72
CA ASN C 321 -10.63 -5.21 28.49
C ASN C 321 -11.99 -4.55 28.65
N GLY C 322 -12.09 -3.64 29.60
CA GLY C 322 -13.36 -2.91 29.83
C GLY C 322 -13.49 -2.50 31.29
N THR C 323 -14.74 -2.26 31.68
CA THR C 323 -15.07 -1.68 32.96
C THR C 323 -16.53 -1.95 33.40
N ASP C 324 -16.71 -2.11 34.71
CA ASP C 324 -18.04 -2.16 35.35
C ASP C 324 -18.44 -0.85 35.99
N ASN C 325 -17.48 0.06 36.16
CA ASN C 325 -17.71 1.31 36.89
C ASN C 325 -17.40 2.50 35.97
N HIS C 326 -17.25 3.66 36.59
CA HIS C 326 -16.90 4.95 35.99
C HIS C 326 -15.48 5.11 35.38
N LEU C 327 -14.59 4.13 35.59
CA LEU C 327 -13.21 4.31 35.22
C LEU C 327 -12.60 3.24 34.32
N ILE C 328 -11.64 3.68 33.50
CA ILE C 328 -10.93 2.83 32.57
C ILE C 328 -9.46 3.07 32.76
N VAL C 329 -8.66 2.02 32.71
CA VAL C 329 -7.20 2.17 32.64
C VAL C 329 -6.69 1.77 31.23
N VAL C 330 -6.08 2.70 30.50
CA VAL C 330 -5.57 2.42 29.16
C VAL C 330 -4.17 1.90 29.32
N ASP C 331 -3.91 0.74 28.72
CA ASP C 331 -2.57 0.15 28.70
C ASP C 331 -1.86 0.61 27.39
N LEU C 332 -0.77 1.37 27.56
CA LEU C 332 -0.07 2.00 26.43
C LEU C 332 1.18 1.23 25.92
N ARG C 333 1.41 0.02 26.43
CA ARG C 333 2.54 -0.82 25.95
C ARG C 333 2.62 -0.98 24.44
N LYS C 334 1.50 -1.19 23.75
CA LYS C 334 1.53 -1.47 22.30
C LYS C 334 2.01 -0.27 21.46
N PHE C 335 1.97 0.92 22.05
CA PHE C 335 2.44 2.14 21.42
C PHE C 335 3.86 2.54 21.85
N SER C 336 4.42 1.83 22.82
CA SER C 336 5.77 2.06 23.33
C SER C 336 5.99 3.49 23.85
N ILE C 337 4.93 4.09 24.40
CA ILE C 337 4.99 5.38 25.08
C ILE C 337 4.59 5.19 26.54
N THR C 338 4.87 6.19 27.38
CA THR C 338 4.51 6.17 28.80
C THR C 338 3.31 7.06 29.05
N GLY C 339 2.64 6.84 30.18
CA GLY C 339 1.55 7.70 30.61
C GLY C 339 1.99 9.10 31.02
N SER C 340 3.21 9.25 31.52
CA SER C 340 3.74 10.57 31.88
C SER C 340 3.79 11.46 30.63
N LYS C 341 4.21 10.87 29.51
CA LYS C 341 4.19 11.54 28.21
C LYS C 341 2.79 11.85 27.69
N LEU C 342 1.83 10.92 27.82
CA LEU C 342 0.48 11.15 27.28
C LEU C 342 -0.25 12.16 28.13
N GLN C 343 0.03 12.15 29.42
CA GLN C 343 -0.50 13.18 30.33
C GLN C 343 -0.05 14.61 29.96
N GLU C 344 1.20 14.81 29.52
CA GLU C 344 1.68 16.15 29.13
C GLU C 344 1.03 16.56 27.81
N THR C 345 1.03 15.62 26.85
CA THR C 345 0.37 15.82 25.53
C THR C 345 -1.09 16.22 25.69
N CYS C 346 -1.77 15.51 26.57
CA CYS C 346 -3.17 15.78 26.88
C CYS C 346 -3.37 17.11 27.65
N ASN C 347 -2.42 17.44 28.52
CA ASN C 347 -2.41 18.76 29.18
C ASN C 347 -2.24 19.88 28.13
N ALA C 348 -1.43 19.67 27.09
CA ALA C 348 -1.25 20.70 26.05
C ALA C 348 -2.52 20.95 25.19
N ILE C 349 -3.42 19.96 25.15
CA ILE C 349 -4.68 20.11 24.41
C ILE C 349 -5.92 20.34 25.30
N ASN C 350 -5.71 20.64 26.59
CA ASN C 350 -6.79 20.75 27.59
C ASN C 350 -7.58 19.43 27.84
N VAL C 351 -6.83 18.35 27.99
CA VAL C 351 -7.40 17.08 28.41
C VAL C 351 -6.74 16.67 29.72
N SER C 352 -7.56 16.61 30.76
CA SER C 352 -7.08 16.28 32.06
C SER C 352 -7.21 14.78 32.32
N LEU C 353 -6.08 14.11 32.52
CA LEU C 353 -6.10 12.73 32.93
C LEU C 353 -4.86 12.47 33.80
N ASN C 354 -4.66 11.23 34.25
CA ASN C 354 -3.48 10.90 35.03
C ASN C 354 -2.81 9.63 34.59
N LYS C 355 -1.50 9.63 34.75
CA LYS C 355 -0.69 8.46 34.56
C LYS C 355 -1.05 7.40 35.59
N ASN C 356 -0.89 6.14 35.19
CA ASN C 356 -1.31 5.01 36.01
C ASN C 356 -0.51 3.76 35.69
N THR C 357 -0.19 3.01 36.72
CA THR C 357 0.42 1.70 36.54
C THR C 357 -0.58 0.71 35.91
N ILE C 358 -0.01 -0.41 35.49
CA ILE C 358 -0.76 -1.57 35.04
C ILE C 358 -0.04 -2.81 35.61
N PRO C 359 -0.67 -4.00 35.58
CA PRO C 359 -0.09 -5.26 36.13
C PRO C 359 1.34 -5.64 35.74
N SER C 360 1.71 -5.42 34.49
CA SER C 360 3.05 -5.79 34.00
C SER C 360 4.20 -4.90 34.54
N ASP C 361 3.90 -3.64 34.87
CA ASP C 361 4.92 -2.69 35.36
C ASP C 361 5.62 -3.17 36.64
N VAL C 362 6.95 -3.12 36.65
CA VAL C 362 7.75 -3.45 37.83
C VAL C 362 8.15 -2.17 38.61
N ASP C 363 7.98 -0.98 38.03
CA ASP C 363 8.33 0.28 38.71
C ASP C 363 7.25 1.37 38.49
N CYS C 364 7.09 2.24 39.50
CA CYS C 364 6.14 3.36 39.45
C CYS C 364 6.66 4.59 38.69
N VAL C 365 7.98 4.64 38.43
CA VAL C 365 8.54 5.50 37.38
C VAL C 365 8.39 4.74 36.06
N SER C 366 8.03 5.47 35.00
CA SER C 366 7.68 4.87 33.71
C SER C 366 6.40 3.96 33.80
N PRO C 367 5.27 4.49 34.34
CA PRO C 367 4.00 3.74 34.33
C PRO C 367 3.42 3.59 32.91
N SER C 368 2.91 2.41 32.60
CA SER C 368 2.56 2.07 31.22
C SER C 368 1.13 2.48 30.81
N GLY C 369 0.43 3.29 31.60
CA GLY C 369 -0.93 3.63 31.25
C GLY C 369 -1.38 4.96 31.76
N VAL C 370 -2.61 5.28 31.41
CA VAL C 370 -3.30 6.37 32.03
C VAL C 370 -4.65 5.86 32.47
N ARG C 371 -5.24 6.56 33.44
CA ARG C 371 -6.56 6.29 33.90
C ARG C 371 -7.44 7.44 33.47
N ILE C 372 -8.64 7.10 33.03
CA ILE C 372 -9.67 8.08 32.68
C ILE C 372 -11.00 7.67 33.34
N GLY C 373 -11.91 8.63 33.43
CA GLY C 373 -13.23 8.35 33.98
C GLY C 373 -14.23 9.42 33.59
N THR C 374 -15.51 9.09 33.72
CA THR C 374 -16.62 9.88 33.21
C THR C 374 -17.41 10.79 34.14
N PRO C 375 -17.18 10.73 35.47
CA PRO C 375 -18.04 11.55 36.34
C PRO C 375 -18.09 13.04 36.02
N ALA C 376 -16.93 13.68 35.90
CA ALA C 376 -16.91 15.11 35.60
C ALA C 376 -17.68 15.46 34.30
N MET C 377 -17.36 14.78 33.19
CA MET C 377 -18.01 15.07 31.90
C MET C 377 -19.49 14.72 31.90
N THR C 378 -19.84 13.64 32.62
CA THR C 378 -21.23 13.31 32.84
C THR C 378 -21.91 14.46 33.58
N THR C 379 -21.23 15.05 34.56
CA THR C 379 -21.78 16.25 35.22
C THR C 379 -22.00 17.43 34.26
N ARG C 380 -21.17 17.57 33.23
CA ARG C 380 -21.34 18.63 32.25
C ARG C 380 -22.35 18.36 31.12
N GLY C 381 -22.99 17.19 31.14
CA GLY C 381 -24.06 16.88 30.20
C GLY C 381 -23.65 16.00 29.02
N ALA C 382 -22.40 15.54 28.99
CA ALA C 382 -21.95 14.67 27.91
C ALA C 382 -22.70 13.33 27.99
N LYS C 383 -23.11 12.82 26.82
CA LYS C 383 -23.85 11.58 26.70
C LYS C 383 -22.99 10.53 25.98
N GLU C 384 -23.55 9.34 25.76
CA GLU C 384 -22.84 8.23 25.05
C GLU C 384 -22.28 8.59 23.70
N LYS C 385 -23.05 9.37 22.95
CA LYS C 385 -22.69 9.81 21.59
C LYS C 385 -21.47 10.73 21.59
N ASP C 386 -21.26 11.44 22.71
CA ASP C 386 -20.11 12.32 22.90
C ASP C 386 -18.84 11.56 23.19
N MET C 387 -18.96 10.31 23.64
CA MET C 387 -17.79 9.53 24.01
C MET C 387 -16.90 9.16 22.83
N GLU C 388 -17.47 8.98 21.65
CA GLU C 388 -16.69 8.68 20.43
C GLU C 388 -15.73 9.82 20.16
N PHE C 389 -16.23 11.04 20.26
CA PHE C 389 -15.39 12.23 20.17
C PHE C 389 -14.23 12.27 21.20
N ILE C 390 -14.48 11.91 22.45
CA ILE C 390 -13.43 11.84 23.48
C ILE C 390 -12.40 10.75 23.16
N ALA C 391 -12.91 9.60 22.74
CA ALA C 391 -12.07 8.52 22.25
C ALA C 391 -11.25 8.94 21.02
N ASP C 392 -11.85 9.74 20.11
CA ASP C 392 -11.15 10.32 18.92
C ASP C 392 -9.97 11.20 19.37
N VAL C 393 -10.25 12.12 20.30
CA VAL C 393 -9.24 13.04 20.87
C VAL C 393 -8.12 12.28 21.54
N LEU C 394 -8.45 11.26 22.32
CA LEU C 394 -7.39 10.46 22.99
C LEU C 394 -6.57 9.67 22.01
N ALA C 395 -7.24 9.13 20.98
CA ALA C 395 -6.54 8.39 19.92
C ALA C 395 -5.51 9.30 19.19
N ARG C 396 -5.93 10.52 18.89
CA ARG C 396 -5.06 11.52 18.24
C ARG C 396 -3.94 11.95 19.17
N ALA C 397 -4.23 12.07 20.47
CA ALA C 397 -3.16 12.36 21.43
C ALA C 397 -2.13 11.28 21.44
N ILE C 398 -2.60 10.04 21.37
CA ILE C 398 -1.69 8.91 21.42
C ILE C 398 -0.82 8.93 20.18
N LYS C 399 -1.45 9.10 19.02
CA LYS C 399 -0.73 9.19 17.76
C LYS C 399 0.33 10.32 17.78
N ILE C 400 -0.08 11.50 18.22
CA ILE C 400 0.81 12.66 18.29
C ILE C 400 1.98 12.41 19.24
N THR C 401 1.74 11.68 20.33
CA THR C 401 2.75 11.40 21.33
C THR C 401 3.81 10.49 20.75
N VAL C 402 3.38 9.58 19.89
CA VAL C 402 4.28 8.65 19.20
C VAL C 402 5.20 9.42 18.24
N ASP C 403 4.62 10.41 17.55
CA ASP C 403 5.35 11.26 16.60
C ASP C 403 6.38 12.14 17.32
N LEU C 404 5.97 12.80 18.39
CA LEU C 404 6.87 13.66 19.15
C LEU C 404 7.99 12.83 19.78
N GLN C 405 7.68 11.62 20.19
CA GLN C 405 8.69 10.70 20.71
C GLN C 405 9.69 10.32 19.63
N GLU C 406 9.15 9.96 18.46
CA GLU C 406 9.95 9.63 17.29
C GLU C 406 10.90 10.79 16.94
N GLN C 407 10.34 11.98 16.81
CA GLN C 407 11.10 13.19 16.50
C GLN C 407 12.15 13.55 17.57
N TYR C 408 11.73 13.73 18.82
CA TYR C 408 12.62 14.24 19.88
C TYR C 408 13.26 13.24 20.84
N GLY C 409 12.81 11.97 20.82
CA GLY C 409 13.40 10.89 21.65
C GLY C 409 12.63 10.45 22.89
N LYS C 410 13.13 9.38 23.52
CA LYS C 410 12.52 8.74 24.70
C LYS C 410 12.53 9.59 25.96
N LYS C 411 13.57 10.40 26.13
CA LYS C 411 13.70 11.21 27.35
C LYS C 411 12.57 12.22 27.48
N LEU C 412 12.04 12.34 28.70
CA LEU C 412 10.85 13.14 28.96
C LEU C 412 11.13 14.64 28.84
N VAL C 413 12.31 15.07 29.32
CA VAL C 413 12.81 16.45 29.08
C VAL C 413 12.91 16.79 27.60
N ASP C 414 13.44 15.85 26.81
CA ASP C 414 13.56 16.01 25.35
C ASP C 414 12.18 16.05 24.68
N PHE C 415 11.27 15.18 25.15
CA PHE C 415 9.90 15.08 24.64
C PHE C 415 9.10 16.38 24.77
N LYS C 416 9.25 17.04 25.93
CA LYS C 416 8.50 18.26 26.25
C LYS C 416 8.86 19.45 25.37
N LYS C 417 10.13 19.54 24.94
CA LYS C 417 10.56 20.51 23.93
C LYS C 417 9.67 20.45 22.68
N GLY C 418 9.22 19.25 22.31
CA GLY C 418 8.29 19.07 21.20
C GLY C 418 6.87 19.66 21.36
N LEU C 419 6.41 19.82 22.60
CA LEU C 419 5.01 20.18 22.85
C LEU C 419 4.60 21.60 22.43
N PRO C 420 5.42 22.63 22.73
CA PRO C 420 4.96 23.97 22.38
C PRO C 420 5.07 24.26 20.88
N GLY C 421 4.07 24.95 20.35
CA GLY C 421 4.00 25.30 18.93
C GLY C 421 3.37 24.30 17.96
N ASN C 422 3.39 23.00 18.30
CA ASN C 422 2.94 21.91 17.42
C ASN C 422 1.55 22.18 16.82
N ALA C 423 1.50 22.24 15.49
CA ALA C 423 0.30 22.62 14.75
C ALA C 423 -0.90 21.69 15.00
N GLN C 424 -0.62 20.40 15.13
CA GLN C 424 -1.67 19.40 15.39
C GLN C 424 -2.20 19.57 16.84
N LEU C 425 -1.30 19.68 17.82
CA LEU C 425 -1.69 19.99 19.21
C LEU C 425 -2.51 21.30 19.34
N GLN C 426 -2.13 22.34 18.59
CA GLN C 426 -2.87 23.62 18.58
C GLN C 426 -4.24 23.42 17.95
N GLN C 427 -4.27 22.69 16.84
CA GLN C 427 -5.52 22.34 16.16
C GLN C 427 -6.39 21.44 17.03
N LEU C 428 -5.77 20.52 17.75
CA LEU C 428 -6.53 19.64 18.61
C LEU C 428 -7.08 20.45 19.80
N LYS C 429 -6.20 21.11 20.55
CA LYS C 429 -6.64 22.03 21.63
C LYS C 429 -7.86 22.87 21.27
N GLN C 430 -7.81 23.50 20.10
CA GLN C 430 -8.89 24.38 19.73
C GLN C 430 -10.20 23.61 19.49
N GLU C 431 -10.10 22.38 18.98
CA GLU C 431 -11.25 21.45 18.93
C GLU C 431 -11.77 21.14 20.35
N VAL C 432 -10.87 20.82 21.28
CA VAL C 432 -11.21 20.53 22.67
C VAL C 432 -11.91 21.72 23.35
N VAL C 433 -11.31 22.91 23.21
CA VAL C 433 -11.83 24.15 23.79
C VAL C 433 -13.23 24.45 23.25
N THR C 434 -13.39 24.35 21.93
CA THR C 434 -14.67 24.73 21.29
C THR C 434 -15.82 23.85 21.76
N TRP C 435 -15.57 22.55 21.92
CA TRP C 435 -16.60 21.64 22.43
C TRP C 435 -16.78 21.80 23.95
N ALA C 436 -15.68 21.79 24.71
CA ALA C 436 -15.74 21.86 26.20
C ALA C 436 -16.36 23.15 26.72
N GLY C 437 -15.93 24.28 26.16
CA GLY C 437 -16.44 25.60 26.53
C GLY C 437 -17.93 25.79 26.33
N ALA C 438 -18.53 25.03 25.44
CA ALA C 438 -19.97 25.15 25.18
C ALA C 438 -20.85 24.39 26.16
N LEU C 439 -20.30 23.39 26.86
CA LEU C 439 -21.10 22.53 27.78
C LEU C 439 -21.59 23.28 29.05
N PRO C 440 -22.74 22.85 29.63
CA PRO C 440 -23.18 23.36 30.92
C PRO C 440 -22.07 23.32 31.99
N PHE C 441 -21.94 24.42 32.72
CA PHE C 441 -20.90 24.55 33.73
C PHE C 441 -21.52 24.97 35.06
N PRO C 442 -21.48 24.07 36.08
CA PRO C 442 -22.05 24.39 37.38
C PRO C 442 -21.30 25.52 38.09
N1 PLG D . -0.42 -8.68 -34.66
C2 PLG D . -0.08 -9.59 -35.57
C2A PLG D . -0.66 -9.54 -36.97
C3 PLG D . 0.86 -10.67 -35.16
O3 PLG D . 1.21 -11.61 -36.04
C4 PLG D . 1.40 -10.69 -33.77
C4A PLG D . 2.39 -11.77 -33.33
C5 PLG D . 0.93 -9.59 -32.88
C6 PLG D . 0.03 -8.65 -33.40
C5A PLG D . 1.33 -9.46 -31.41
OP4 PLG D . 2.71 -9.26 -31.18
P PLG D . 3.31 -9.39 -29.71
OP1 PLG D . 2.19 -9.25 -28.71
OP2 PLG D . 3.87 -10.79 -29.89
OP3 PLG D . 4.39 -8.37 -29.70
C PLG D . 3.64 -14.72 -34.80
O PLG D . 4.63 -15.44 -34.73
OXT PLG D . 3.16 -14.37 -35.91
CA PLG D . 2.97 -14.24 -33.53
N PLG D . 2.10 -13.12 -33.80
C4 8UR E . -4.94 -21.24 -28.12
C7 8UR E . -5.95 -20.95 -27.01
C6 8UR E . -3.10 -20.30 -29.50
C8 8UR E . -5.87 -21.81 -25.76
C2 8UR E . -4.79 -22.14 -30.42
C3 8UR E . -5.73 -21.67 -29.34
C5 8UR E . -4.16 -19.99 -28.45
N1 8UR E . -3.66 -21.20 -30.55
F35 8UR E . -0.88 -24.19 -34.99
C31 8UR E . -1.72 -24.13 -33.96
F33 8UR E . -2.87 -24.60 -34.32
F34 8UR E . -1.32 -24.92 -32.98
C28 8UR E . -1.91 -22.74 -33.43
C27 8UR E . -1.31 -21.63 -34.02
C36 8UR E . -2.68 -22.56 -32.29
C29 8UR E . -2.90 -21.30 -31.73
O10 8UR E . -6.94 -21.96 -25.11
O9 8UR E . -4.77 -22.31 -25.41
C30 8UR E . -2.30 -20.19 -32.36
C26 8UR E . -1.49 -20.32 -33.50
C14 8UR E . -0.86 -19.11 -34.21
C24 8UR E . 0.57 -19.33 -34.77
C32 8UR E . 1.14 -18.15 -35.61
C25 8UR E . 1.62 -19.79 -33.72
C13 8UR E . -1.77 -18.86 -35.41
C18 8UR E . -2.05 -19.84 -36.17
N19 8UR E . -2.31 -20.71 -36.87
C12 8UR E . -2.26 -17.64 -35.71
N17 8UR E . -3.03 -17.40 -36.76
C15 8UR E . -0.83 -17.92 -33.31
C20 8UR E . -0.32 -17.63 -31.94
C23 8UR E . 0.37 -18.56 -30.98
N21 8UR E . -0.61 -16.34 -31.71
N22 8UR E . -1.28 -15.68 -32.75
C16 8UR E . -1.39 -16.62 -33.68
O11 8UR E . -1.96 -16.47 -34.90
CL CL F . 13.12 -4.31 -23.00
N1 PLG G . 1.45 -0.67 -8.98
C2 PLG G . 1.89 0.26 -8.12
C2A PLG G . 1.59 0.16 -6.64
C3 PLG G . 2.67 1.40 -8.69
O3 PLG G . 3.14 2.35 -7.86
C4 PLG G . 2.95 1.44 -10.16
C4A PLG G . 3.74 2.53 -10.86
C5 PLG G . 2.40 0.32 -10.97
C6 PLG G . 1.66 -0.66 -10.31
C5A PLG G . 2.56 0.27 -12.48
OP4 PLG G . 3.90 0.06 -12.91
P PLG G . 4.34 0.27 -14.44
OP1 PLG G . 4.80 1.72 -14.33
OP2 PLG G . 3.08 0.05 -15.26
OP3 PLG G . 5.52 -0.62 -14.62
C PLG G . 5.18 5.60 -9.35
O PLG G . 5.01 5.25 -8.17
OXT PLG G . 6.07 6.39 -9.69
CA PLG G . 4.26 4.95 -10.37
N PLG G . 4.25 3.54 -9.99
C4 8UR H . -4.59 11.67 -14.57
C7 8UR H . -5.63 11.43 -15.68
C6 8UR H . -2.53 10.78 -13.53
C8 8UR H . -5.31 12.20 -16.94
C2 8UR H . -4.33 12.26 -12.20
C3 8UR H . -5.30 11.81 -13.26
C5 8UR H . -3.66 10.50 -14.51
N1 8UR H . -3.05 11.54 -12.37
F35 8UR H . 0.25 14.73 -8.43
C31 8UR H . -0.74 14.62 -9.32
F33 8UR H . -1.80 15.01 -8.71
F34 8UR H . -0.62 15.43 -10.36
C28 8UR H . -0.94 13.21 -9.84
C27 8UR H . -0.21 12.14 -9.35
C36 8UR H . -1.89 12.99 -10.83
C29 8UR H . -2.11 11.72 -11.33
O10 8UR H . -4.11 12.49 -17.24
O9 8UR H . -6.30 12.52 -17.64
C30 8UR H . -1.38 10.64 -10.82
C26 8UR H . -0.40 10.83 -9.84
C14 8UR H . 0.38 9.66 -9.26
C24 8UR H . 1.88 9.94 -8.95
C32 8UR H . 2.65 8.75 -8.34
C25 8UR H . 2.69 10.53 -10.13
C13 8UR H . -0.31 9.38 -7.92
C18 8UR H . -0.53 10.36 -7.14
N19 8UR H . -0.73 11.25 -6.42
C12 8UR H . -0.69 8.12 -7.57
N17 8UR H . -1.28 7.85 -6.42
C15 8UR H . 0.32 8.47 -10.15
C20 8UR H . 0.59 8.21 -11.59
C23 8UR H . 1.06 9.20 -12.65
N21 8UR H . 0.32 6.90 -11.79
N22 8UR H . -0.12 6.21 -10.65
C16 8UR H . -0.10 7.14 -9.72
O11 8UR H . -0.45 6.98 -8.42
N1 PLG I . -9.35 6.18 49.18
C2 PLG I . -9.35 5.90 47.87
C2A PLG I . -9.88 4.60 47.33
C3 PLG I . -8.80 6.92 46.93
O3 PLG I . -8.78 6.67 45.61
C4 PLG I . -8.31 8.20 47.51
C4A PLG I . -7.74 9.31 46.66
C5 PLG I . -8.37 8.36 48.98
C6 PLG I . -8.90 7.31 49.74
C5A PLG I . -7.84 9.61 49.66
OP4 PLG I . -8.56 10.79 49.35
P PLG I . -7.98 12.21 49.79
OP1 PLG I . -6.95 11.97 50.88
OP2 PLG I . -7.44 12.62 48.44
OP3 PLG I . -9.17 13.02 50.16
C PLG I . -7.31 9.38 42.95
O PLG I . -7.16 10.31 42.13
OXT PLG I . -7.95 8.33 42.69
CA PLG I . -6.75 9.46 44.35
N PLG I . -7.85 9.09 45.24
C4 8UR J . 4.91 7.68 45.29
C7 8UR J . 5.78 7.62 46.55
C6 8UR J . 2.66 8.16 44.40
C8 8UR J . 7.03 8.45 46.42
C2 8UR J . 4.22 6.29 43.37
C3 8UR J . 4.94 6.28 44.70
C5 8UR J . 3.50 8.04 45.66
N1 8UR J . 2.96 7.04 43.47
F35 8UR J . 1.25 6.53 37.70
C31 8UR J . 2.17 6.56 38.65
F33 8UR J . 2.80 5.44 38.53
F34 8UR J . 3.11 7.48 38.52
C28 8UR J . 1.60 6.65 40.06
C27 8UR J . 0.23 6.62 40.31
C36 8UR J . 2.47 6.77 41.13
C29 8UR J . 2.01 6.86 42.45
O10 8UR J . 6.90 9.69 46.26
O9 8UR J . 8.13 7.86 46.47
C30 8UR J . 0.63 6.82 42.68
C26 8UR J . -0.29 6.72 41.63
C14 8UR J . -1.79 6.64 41.85
C24 8UR J . -2.65 7.41 40.81
C32 8UR J . -4.18 7.26 40.99
C25 8UR J . -2.33 8.91 40.61
C13 8UR J . -2.13 5.15 41.76
C18 8UR J . -1.68 4.52 40.75
N19 8UR J . -1.26 3.95 39.84
C12 8UR J . -2.91 4.50 42.67
N17 8UR J . -3.25 3.22 42.58
C15 8UR J . -2.19 7.14 43.21
C20 8UR J . -1.92 8.40 43.99
C23 8UR J . -1.10 9.61 43.58
N21 8UR J . -2.56 8.24 45.18
N22 8UR J . -3.23 7.01 45.32
C16 8UR J . -3.01 6.40 44.16
O11 8UR J . -3.48 5.15 43.81
CL CL K . -12.61 23.81 53.33
#